data_8K3C
#
_entry.id   8K3C
#
loop_
_entity.id
_entity.type
_entity.pdbx_description
1 polymer 'Light chain of 41-6 Fab fragment'
2 polymer 'Heavy chain of 41-6 Fab fragments'
3 polymer 'Glycoprotein G'
#
loop_
_entity_poly.entity_id
_entity_poly.type
_entity_poly.pdbx_seq_one_letter_code
_entity_poly.pdbx_strand_id
1 'polypeptide(L)'
;QSVVTQPPSVSAAPGQKVTISCSGSSSNIGTNHLSWYQQVPGTAPKLLIYDNNKRPSGIPDRFSGSKSGTSASLAISGLQ
SEDEADYYCATWDDSLHAWVFGGGTKLTVLGQPKAAPSVTLFPPSSEELQANKATLVCLISDFYPGAVTVAWKADSSPVK
AGVETTTPSKQSNNKYAASSYLSLTPEQWKSHRSYSCQVTHEGSTVEKTVAPTECS
;
D
2 'polypeptide(L)'
;EVQLVQSGGGLVQPGGSLRLSCAASGFTVSSNYMSWVRQAPGKGLEWVSAISGSGGSTYYADSVKGRFTISRDNSKNTLY
LQMNSLRAEDTAVYYCARDREDIVVVPAPRGYYYYYYMDVWGQGTTVTVSSASTKGPSVFPLAPSSKSTSGGTAALGCLV
KDYFPEPVTVSWNSGALTSGVHTFPAVLQSSGLYSLSSVVTVPSSSLGTQTYICNVNHKPSNTKVDKKVEPKSCDKTS
;
C
3 'polypeptide(L)'
;ISQSTASINENVNEKCKFTLPPLKIHECNISCPNPLPFREYRPQTEGVSNLVGLPNNICLQKTSNQILKPKLISYTLPVV
GQSGTCITDPLLAMDEGYFAYSHLERIGSCSRGVSKQRIIGVGEVLDRGDEVPSLFMTNVWTPPNPNTVYHCSAVYNNEF
YYVLCAVSTVGDPILNSTYWSGSLMMTRLAVKPKSNGGGYNQHQLALRSIEKGRYDKVMPYGPSGIKQGDTLYFPAVGFL
VRTEFKYNDSNCPITKCQYSKPENCRLSMGIRPNSHYILRSGLLKYNLSDGENPKVVFIEISDQRLSIGSPSKIYDSLGQ
PVFYQASFSWDTMIKFGDVLTVNPLVVNWRNNTVISRPGQSQCPRFNTCPEICWEGVYNDAFLIDRINWISAGVFLDSNQ
TAENPVFTVFKDNEILYRAQLASEDTNAQKTITNCFLLKNKIWCISLVEIYDTGDNVIRPKLFAVKIPEQC
;
A,B
#
# COMPACT_ATOMS: atom_id res chain seq x y z
N GLN A 1 0.92 21.18 22.51
CA GLN A 1 0.72 19.75 22.47
C GLN A 1 0.03 19.30 23.75
N SER A 2 -0.16 17.99 23.90
CA SER A 2 -0.70 17.45 25.15
C SER A 2 0.44 17.14 26.10
N VAL A 3 0.72 18.07 27.00
CA VAL A 3 1.88 17.97 27.89
C VAL A 3 1.48 17.08 29.04
N VAL A 4 1.93 15.82 28.99
CA VAL A 4 1.59 14.84 30.00
C VAL A 4 2.34 15.17 31.28
N THR A 5 1.61 15.29 32.38
CA THR A 5 2.16 15.79 33.63
C THR A 5 2.64 14.68 34.53
N GLN A 6 3.63 15.01 35.35
CA GLN A 6 4.17 14.18 36.40
C GLN A 6 4.38 15.03 37.64
N PRO A 7 4.57 14.42 38.80
CA PRO A 7 5.22 15.11 39.89
C PRO A 7 6.62 15.53 39.48
N PRO A 8 6.96 16.81 39.61
CA PRO A 8 8.29 17.25 39.20
C PRO A 8 9.40 16.69 40.09
N SER A 9 9.15 16.56 41.38
CA SER A 9 10.19 16.11 42.30
C SER A 9 9.52 15.46 43.50
N VAL A 10 9.80 14.18 43.71
CA VAL A 10 9.43 13.47 44.92
C VAL A 10 10.69 12.86 45.51
N SER A 11 10.66 12.62 46.82
CA SER A 11 11.87 12.19 47.51
C SER A 11 11.51 11.23 48.64
N ALA A 12 12.38 10.25 48.87
CA ALA A 12 12.17 9.29 49.93
C ALA A 12 13.52 8.76 50.40
N ALA A 13 13.50 8.13 51.59
CA ALA A 13 14.68 7.54 52.19
C ALA A 13 15.10 6.28 51.43
N PRO A 14 16.35 5.84 51.57
CA PRO A 14 16.75 4.56 50.95
C PRO A 14 16.04 3.37 51.56
N GLY A 15 15.72 2.40 50.72
CA GLY A 15 14.92 1.26 51.13
C GLY A 15 13.42 1.47 51.02
N GLN A 16 12.96 2.71 50.99
CA GLN A 16 11.54 3.02 50.98
C GLN A 16 10.92 2.76 49.60
N LYS A 17 9.63 3.03 49.52
CA LYS A 17 8.85 2.88 48.30
C LYS A 17 8.36 4.25 47.83
N VAL A 18 8.53 4.51 46.54
CA VAL A 18 7.96 5.70 45.93
C VAL A 18 7.26 5.28 44.64
N THR A 19 6.13 5.91 44.36
CA THR A 19 5.35 5.64 43.16
C THR A 19 5.25 6.92 42.36
N ILE A 20 5.70 6.89 41.10
CA ILE A 20 5.76 8.07 40.26
C ILE A 20 4.59 8.03 39.29
N SER A 21 3.62 8.90 39.50
CA SER A 21 2.43 8.94 38.67
C SER A 21 2.69 9.71 37.40
N CYS A 22 1.85 9.45 36.39
CA CYS A 22 2.03 10.03 35.07
C CYS A 22 0.65 10.24 34.47
N SER A 23 0.17 11.48 34.46
CA SER A 23 -1.20 11.79 34.07
C SER A 23 -1.22 12.63 32.81
N GLY A 24 -2.08 12.22 31.88
CA GLY A 24 -2.28 12.95 30.65
C GLY A 24 -3.66 12.69 30.11
N SER A 25 -3.81 12.93 28.81
CA SER A 25 -5.13 12.85 28.20
C SER A 25 -5.51 11.41 27.91
N SER A 26 -6.67 11.23 27.26
CA SER A 26 -7.13 9.92 26.86
C SER A 26 -6.65 9.53 25.48
N SER A 27 -6.27 10.50 24.65
CA SER A 27 -5.83 10.21 23.31
C SER A 27 -4.44 9.58 23.29
N ASN A 28 -3.63 9.84 24.31
CA ASN A 28 -2.26 9.37 24.33
C ASN A 28 -2.02 8.25 25.33
N ILE A 29 -2.54 8.38 26.54
CA ILE A 29 -2.33 7.35 27.54
C ILE A 29 -3.49 6.37 27.59
N GLY A 30 -4.71 6.87 27.38
CA GLY A 30 -5.87 6.00 27.42
C GLY A 30 -5.94 5.07 26.22
N THR A 31 -5.49 5.55 25.06
CA THR A 31 -5.50 4.71 23.88
C THR A 31 -4.22 3.91 23.74
N ASN A 32 -3.08 4.54 23.97
CA ASN A 32 -1.79 3.93 23.68
C ASN A 32 -1.06 3.68 24.98
N HIS A 33 -0.32 2.58 25.02
CA HIS A 33 0.42 2.22 26.22
C HIS A 33 1.59 3.17 26.41
N LEU A 34 2.22 3.05 27.57
CA LEU A 34 3.16 4.05 28.03
C LEU A 34 4.47 3.38 28.40
N SER A 35 5.54 4.18 28.39
CA SER A 35 6.88 3.67 28.59
C SER A 35 7.65 4.61 29.51
N TRP A 36 8.60 4.05 30.27
CA TRP A 36 9.27 4.77 31.33
C TRP A 36 10.78 4.85 31.10
N TYR A 37 11.34 6.02 31.40
CA TYR A 37 12.74 6.31 31.12
C TYR A 37 13.39 6.99 32.31
N GLN A 38 14.38 6.34 32.91
CA GLN A 38 15.20 7.03 33.87
C GLN A 38 16.40 7.62 33.16
N GLN A 39 16.86 8.74 33.68
CA GLN A 39 17.78 9.59 32.97
C GLN A 39 18.66 10.23 34.04
N VAL A 40 19.80 9.61 34.31
CA VAL A 40 20.82 10.24 35.15
C VAL A 40 21.38 11.44 34.39
N PRO A 41 21.55 12.60 35.03
CA PRO A 41 22.02 13.78 34.30
C PRO A 41 23.46 13.62 33.82
N GLY A 42 23.70 14.04 32.57
CA GLY A 42 24.94 13.80 31.90
C GLY A 42 25.07 12.45 31.26
N THR A 43 23.97 11.72 31.15
CA THR A 43 23.98 10.34 30.70
C THR A 43 22.80 10.17 29.77
N ALA A 44 22.92 9.24 28.83
CA ALA A 44 21.84 8.90 27.91
C ALA A 44 20.62 8.42 28.69
N PRO A 45 19.41 8.70 28.19
CA PRO A 45 18.22 8.15 28.82
C PRO A 45 18.16 6.65 28.66
N LYS A 46 17.56 6.01 29.65
CA LYS A 46 17.60 4.57 29.81
C LYS A 46 16.18 4.06 29.86
N LEU A 47 15.89 3.00 29.12
CA LEU A 47 14.56 2.39 29.12
C LEU A 47 14.31 1.57 30.38
N LEU A 48 13.20 1.86 31.07
CA LEU A 48 12.87 1.14 32.29
C LEU A 48 11.65 0.24 32.12
N ILE A 49 10.50 0.81 31.78
CA ILE A 49 9.27 0.07 31.68
C ILE A 49 8.71 0.34 30.30
N TYR A 50 8.14 -0.68 29.68
CA TYR A 50 7.29 -0.49 28.52
C TYR A 50 6.12 -1.45 28.63
N ASP A 51 5.06 -1.15 27.86
CA ASP A 51 3.75 -1.81 27.94
C ASP A 51 3.14 -1.67 29.32
N ASN A 52 3.49 -0.58 30.01
CA ASN A 52 3.06 -0.16 31.34
C ASN A 52 3.51 -1.08 32.47
N ASN A 53 4.03 -2.27 32.18
CA ASN A 53 4.47 -3.12 33.28
C ASN A 53 5.62 -4.06 32.96
N LYS A 54 6.16 -4.07 31.74
CA LYS A 54 7.18 -5.04 31.42
C LYS A 54 8.54 -4.36 31.47
N ARG A 55 9.59 -5.16 31.43
CA ARG A 55 10.93 -4.61 31.55
C ARG A 55 11.83 -5.15 30.46
N PRO A 56 12.77 -4.35 29.97
CA PRO A 56 13.80 -4.86 29.09
C PRO A 56 14.82 -5.67 29.87
N SER A 57 15.66 -6.39 29.12
CA SER A 57 16.55 -7.38 29.73
C SER A 57 17.67 -6.68 30.48
N GLY A 58 17.59 -6.71 31.81
CA GLY A 58 18.66 -6.19 32.61
C GLY A 58 18.24 -5.09 33.57
N ILE A 59 16.99 -5.13 34.02
CA ILE A 59 16.47 -4.18 35.00
C ILE A 59 16.07 -4.98 36.23
N PRO A 60 16.45 -4.55 37.43
CA PRO A 60 15.97 -5.22 38.64
C PRO A 60 14.46 -5.03 38.81
N ASP A 61 13.89 -5.91 39.63
CA ASP A 61 12.44 -5.99 39.75
C ASP A 61 11.82 -4.82 40.51
N ARG A 62 12.61 -3.94 41.11
CA ARG A 62 12.06 -2.91 41.98
C ARG A 62 11.54 -1.70 41.21
N PHE A 63 11.50 -1.78 39.88
CA PHE A 63 10.82 -0.76 39.09
C PHE A 63 9.51 -1.37 38.59
N SER A 64 8.40 -0.87 39.13
CA SER A 64 7.08 -1.38 38.83
C SER A 64 6.29 -0.28 38.14
N GLY A 65 5.60 -0.65 37.08
CA GLY A 65 4.76 0.28 36.38
C GLY A 65 3.28 -0.01 36.57
N SER A 66 2.45 0.96 36.19
CA SER A 66 1.01 0.79 36.18
C SER A 66 0.41 1.78 35.21
N LYS A 67 -0.83 1.53 34.82
CA LYS A 67 -1.61 2.51 34.07
C LYS A 67 -3.06 2.37 34.50
N SER A 68 -3.67 3.49 34.86
CA SER A 68 -5.08 3.51 35.28
C SER A 68 -5.79 4.61 34.54
N GLY A 69 -6.64 4.24 33.58
CA GLY A 69 -7.46 5.19 32.86
C GLY A 69 -6.66 6.10 31.94
N THR A 70 -6.62 7.39 32.27
CA THR A 70 -5.77 8.34 31.58
C THR A 70 -4.54 8.68 32.40
N SER A 71 -4.22 7.87 33.40
CA SER A 71 -3.07 8.10 34.24
C SER A 71 -2.25 6.83 34.35
N ALA A 72 -0.96 7.00 34.60
CA ALA A 72 -0.05 5.88 34.72
C ALA A 72 0.75 6.03 35.99
N SER A 73 1.55 5.01 36.31
CA SER A 73 2.34 5.04 37.52
C SER A 73 3.67 4.31 37.34
N LEU A 74 4.69 4.77 38.06
CA LEU A 74 5.98 4.09 38.18
C LEU A 74 6.30 3.92 39.65
N ALA A 75 6.15 2.70 40.14
CA ALA A 75 6.47 2.40 41.53
C ALA A 75 7.93 1.99 41.64
N ILE A 76 8.66 2.65 42.54
CA ILE A 76 10.05 2.34 42.79
C ILE A 76 10.18 2.06 44.27
N SER A 77 10.45 0.81 44.62
CA SER A 77 10.62 0.37 46.00
C SER A 77 12.08 0.09 46.27
N GLY A 78 12.51 0.34 47.50
CA GLY A 78 13.87 0.01 47.87
C GLY A 78 14.89 0.88 47.19
N LEU A 79 14.92 2.16 47.54
CA LEU A 79 15.72 3.13 46.80
C LEU A 79 17.21 2.90 47.04
N GLN A 80 17.98 3.02 45.97
CA GLN A 80 19.43 2.98 46.03
C GLN A 80 19.98 4.32 45.55
N SER A 81 21.30 4.47 45.64
CA SER A 81 21.91 5.74 45.29
C SER A 81 21.87 6.00 43.79
N GLU A 82 21.98 4.96 42.97
CA GLU A 82 21.97 5.15 41.53
C GLU A 82 20.57 5.21 40.94
N ASP A 83 19.54 5.00 41.77
CA ASP A 83 18.17 5.20 41.33
C ASP A 83 17.74 6.66 41.45
N GLU A 84 18.62 7.51 41.93
CA GLU A 84 18.35 8.94 41.99
C GLU A 84 18.65 9.54 40.62
N ALA A 85 17.60 9.91 39.90
CA ALA A 85 17.72 10.48 38.56
C ALA A 85 16.43 11.24 38.25
N ASP A 86 16.23 11.55 36.98
CA ASP A 86 14.95 12.02 36.48
C ASP A 86 14.25 10.87 35.79
N TYR A 87 12.94 10.75 36.02
CA TYR A 87 12.17 9.63 35.52
C TYR A 87 11.13 10.12 34.54
N TYR A 88 11.20 9.62 33.30
CA TYR A 88 10.40 10.15 32.20
C TYR A 88 9.45 9.08 31.71
N CYS A 89 8.16 9.35 31.83
CA CYS A 89 7.15 8.53 31.19
C CYS A 89 6.91 9.02 29.78
N ALA A 90 6.93 8.10 28.84
CA ALA A 90 6.82 8.45 27.43
C ALA A 90 5.80 7.56 26.76
N THR A 91 4.99 8.15 25.89
CA THR A 91 4.03 7.39 25.11
C THR A 91 3.75 8.13 23.82
N TRP A 92 3.10 7.44 22.90
CA TRP A 92 2.75 8.00 21.61
C TRP A 92 1.33 8.52 21.65
N ASP A 93 1.14 9.74 21.15
CA ASP A 93 -0.20 10.28 20.98
C ASP A 93 -0.70 9.91 19.59
N ASP A 94 -1.83 9.20 19.54
CA ASP A 94 -2.46 8.93 18.26
C ASP A 94 -3.13 10.15 17.68
N SER A 95 -3.32 11.20 18.46
CA SER A 95 -3.87 12.43 17.90
C SER A 95 -2.78 13.30 17.29
N LEU A 96 -1.75 13.61 18.07
CA LEU A 96 -0.72 14.52 17.59
C LEU A 96 0.26 13.86 16.65
N HIS A 97 0.22 12.52 16.55
CA HIS A 97 1.22 11.71 15.85
C HIS A 97 2.63 12.06 16.31
N ALA A 98 2.87 11.80 17.59
CA ALA A 98 4.06 12.29 18.23
C ALA A 98 4.34 11.44 19.45
N TRP A 99 5.62 11.30 19.77
CA TRP A 99 6.01 10.87 21.09
C TRP A 99 5.66 11.95 22.10
N VAL A 100 5.15 11.53 23.25
CA VAL A 100 4.84 12.45 24.33
C VAL A 100 5.58 11.97 25.56
N PHE A 101 6.64 12.69 25.93
CA PHE A 101 7.39 12.46 27.15
C PHE A 101 6.75 13.20 28.32
N GLY A 102 6.94 12.65 29.51
CA GLY A 102 6.47 13.30 30.70
C GLY A 102 7.33 14.49 31.08
N GLY A 103 6.81 15.29 32.00
CA GLY A 103 7.49 16.50 32.44
C GLY A 103 8.76 16.24 33.23
N GLY A 104 8.92 15.04 33.78
CA GLY A 104 10.13 14.73 34.48
C GLY A 104 9.98 14.68 35.97
N THR A 105 10.37 13.58 36.58
CA THR A 105 10.29 13.41 38.03
C THR A 105 11.70 13.26 38.57
N LYS A 106 12.19 14.31 39.22
CA LYS A 106 13.51 14.27 39.84
C LYS A 106 13.38 13.52 41.16
N LEU A 107 13.51 12.21 41.10
CA LEU A 107 13.44 11.40 42.31
C LEU A 107 14.71 11.59 43.10
N THR A 108 14.54 12.08 44.34
CA THR A 108 15.71 12.36 45.21
C THR A 108 15.85 11.30 46.29
N VAL A 109 16.54 10.20 45.99
CA VAL A 109 16.82 9.17 47.01
C VAL A 109 17.91 9.74 47.90
N LEU A 110 18.18 9.11 49.04
CA LEU A 110 19.34 9.59 49.83
C LEU A 110 20.55 8.73 49.43
N GLY A 111 21.08 7.88 50.32
CA GLY A 111 22.18 6.97 49.94
C GLY A 111 23.55 7.44 50.40
N GLN A 112 23.69 8.71 50.78
CA GLN A 112 24.96 9.23 51.36
C GLN A 112 24.51 9.95 52.63
N PRO A 113 25.32 10.08 53.70
CA PRO A 113 24.84 10.67 54.94
C PRO A 113 24.13 11.98 54.56
N LYS A 114 22.91 12.17 55.07
CA LYS A 114 22.12 13.35 54.63
C LYS A 114 22.97 14.57 54.90
N ALA A 115 23.01 15.51 53.96
CA ALA A 115 23.90 16.67 54.13
C ALA A 115 23.06 17.88 54.49
N ALA A 116 23.34 18.50 55.64
CA ALA A 116 22.60 19.74 55.97
C ALA A 116 22.93 20.78 54.89
N PRO A 117 21.96 21.57 54.40
CA PRO A 117 22.28 22.64 53.45
C PRO A 117 23.11 23.77 54.06
N SER A 118 24.17 24.18 53.37
CA SER A 118 25.02 25.31 53.83
C SER A 118 24.93 26.43 52.80
N VAL A 119 24.62 27.66 53.22
CA VAL A 119 24.43 28.77 52.25
C VAL A 119 25.39 29.92 52.56
N THR A 120 26.08 30.45 51.55
CA THR A 120 27.10 31.51 51.78
C THR A 120 26.87 32.66 50.81
N LEU A 121 27.16 33.90 51.24
CA LEU A 121 26.91 35.09 50.37
C LEU A 121 28.12 36.03 50.32
N PHE A 122 28.62 36.33 49.12
CA PHE A 122 29.72 37.32 48.98
C PHE A 122 29.37 38.27 47.83
N PRO A 123 29.36 39.61 48.03
CA PRO A 123 28.91 40.55 46.99
C PRO A 123 29.94 40.96 45.93
N PRO A 124 29.54 41.62 44.80
CA PRO A 124 30.50 42.19 43.83
C PRO A 124 31.16 43.43 44.45
N SER A 125 32.34 43.80 43.96
CA SER A 125 33.08 44.97 44.49
C SER A 125 32.81 46.25 43.69
N SER A 126 33.65 47.25 43.91
CA SER A 126 33.56 48.51 43.12
C SER A 126 33.83 48.22 41.65
N GLU A 127 34.75 47.30 41.35
CA GLU A 127 35.19 47.04 39.95
C GLU A 127 34.06 46.63 39.00
N GLU A 128 33.14 45.76 39.43
CA GLU A 128 32.08 45.26 38.51
C GLU A 128 31.17 46.42 38.05
N LEU A 129 30.80 47.34 38.96
CA LEU A 129 29.91 48.47 38.60
C LEU A 129 30.62 49.35 37.57
N GLN A 130 31.91 49.59 37.76
CA GLN A 130 32.70 50.47 36.85
C GLN A 130 32.66 49.86 35.46
N ALA A 131 32.66 48.53 35.36
CA ALA A 131 32.58 47.83 34.06
C ALA A 131 31.16 47.97 33.49
N ASN A 132 30.22 48.56 34.23
CA ASN A 132 28.81 48.80 33.78
C ASN A 132 27.89 47.62 34.16
N LYS A 133 28.38 46.67 34.97
CA LYS A 133 27.56 45.48 35.31
C LYS A 133 27.58 45.20 36.82
N ALA A 134 26.48 44.71 37.38
CA ALA A 134 26.48 44.29 38.80
C ALA A 134 25.94 42.86 38.85
N THR A 135 26.71 41.94 39.41
CA THR A 135 26.28 40.53 39.43
C THR A 135 26.36 40.02 40.87
N LEU A 136 25.23 39.54 41.39
CA LEU A 136 25.20 38.97 42.77
C LEU A 136 25.90 37.62 42.75
N VAL A 137 26.59 37.27 43.84
CA VAL A 137 27.21 35.92 43.92
C VAL A 137 26.74 35.22 45.20
N CYS A 138 26.09 34.06 45.05
CA CYS A 138 25.63 33.26 46.22
C CYS A 138 26.24 31.87 46.06
N LEU A 139 26.88 31.32 47.09
CA LEU A 139 27.57 30.02 46.93
C LEU A 139 27.01 28.98 47.90
N ILE A 140 26.41 27.91 47.38
CA ILE A 140 25.71 26.92 48.26
C ILE A 140 26.36 25.54 48.07
N SER A 141 26.75 24.88 49.16
CA SER A 141 27.47 23.58 49.07
C SER A 141 27.33 22.81 50.37
N ASP A 142 28.00 21.64 50.46
CA ASP A 142 27.98 20.83 51.70
C ASP A 142 26.54 20.35 52.00
N PHE A 143 25.75 20.08 50.96
CA PHE A 143 24.33 19.74 51.20
C PHE A 143 23.99 18.40 50.57
N TYR A 144 23.33 17.52 51.32
CA TYR A 144 22.89 16.22 50.76
C TYR A 144 21.42 15.96 51.12
N PRO A 145 20.59 15.50 50.16
CA PRO A 145 21.05 15.31 48.80
C PRO A 145 21.01 16.60 47.96
N GLY A 146 20.50 16.52 46.74
CA GLY A 146 20.38 17.65 45.84
C GLY A 146 18.99 18.26 45.82
N ALA A 147 18.54 18.65 44.62
CA ALA A 147 17.24 19.28 44.35
C ALA A 147 17.01 20.52 45.22
N VAL A 148 17.94 21.46 45.10
CA VAL A 148 17.93 22.67 45.92
C VAL A 148 17.27 23.79 45.12
N THR A 149 16.56 24.67 45.83
CA THR A 149 15.89 25.81 45.22
C THR A 149 16.36 27.09 45.89
N VAL A 150 16.85 28.02 45.08
CA VAL A 150 17.36 29.30 45.56
C VAL A 150 16.43 30.39 45.07
N ALA A 151 15.70 31.01 45.99
CA ALA A 151 14.80 32.12 45.68
C ALA A 151 15.48 33.44 46.03
N TRP A 152 14.93 34.52 45.50
CA TRP A 152 15.57 35.83 45.59
C TRP A 152 14.54 36.90 45.90
N LYS A 153 14.77 37.64 46.98
CA LYS A 153 13.87 38.70 47.41
C LYS A 153 14.66 40.00 47.55
N ALA A 154 14.35 40.96 46.71
CA ALA A 154 14.82 42.34 46.87
C ALA A 154 13.65 43.10 47.48
N ASP A 155 13.74 43.37 48.78
CA ASP A 155 12.67 43.95 49.60
C ASP A 155 11.40 43.13 49.52
N SER A 156 11.56 41.82 49.75
CA SER A 156 10.53 40.77 49.78
C SER A 156 9.79 40.59 48.46
N SER A 157 10.21 41.22 47.38
CA SER A 157 9.57 40.92 46.11
C SER A 157 10.33 39.79 45.42
N PRO A 158 9.63 38.74 44.99
CA PRO A 158 10.31 37.60 44.40
C PRO A 158 10.88 37.93 43.02
N VAL A 159 12.21 37.92 42.93
CA VAL A 159 12.94 38.32 41.73
C VAL A 159 13.50 37.06 41.09
N LYS A 160 13.03 36.74 39.89
CA LYS A 160 13.56 35.60 39.16
C LYS A 160 13.99 36.00 37.75
N ALA A 161 14.03 37.29 37.46
CA ALA A 161 14.52 37.81 36.19
C ALA A 161 16.00 38.10 36.34
N GLY A 162 16.82 37.42 35.54
CA GLY A 162 18.26 37.52 35.68
C GLY A 162 18.87 36.52 36.64
N VAL A 163 18.05 35.72 37.31
CA VAL A 163 18.54 34.68 38.20
C VAL A 163 18.92 33.46 37.37
N GLU A 164 20.14 32.98 37.55
CA GLU A 164 20.60 31.74 36.92
C GLU A 164 21.14 30.81 38.01
N THR A 165 20.29 29.89 38.46
CA THR A 165 20.64 28.94 39.51
C THR A 165 21.16 27.67 38.85
N THR A 166 22.37 27.26 39.24
CA THR A 166 23.01 26.08 38.69
C THR A 166 22.45 24.81 39.34
N THR A 167 22.95 23.67 38.87
CA THR A 167 22.57 22.37 39.40
C THR A 167 23.37 22.04 40.66
N PRO A 168 22.82 21.21 41.54
CA PRO A 168 23.65 20.64 42.61
C PRO A 168 24.73 19.74 42.03
N SER A 169 25.98 20.04 42.39
CA SER A 169 27.13 19.45 41.74
C SER A 169 27.97 18.65 42.72
N LYS A 170 28.47 17.51 42.24
CA LYS A 170 29.31 16.62 43.06
C LYS A 170 30.71 17.21 43.21
N GLN A 171 31.11 17.40 44.45
CA GLN A 171 32.39 18.02 44.77
C GLN A 171 33.39 16.93 45.15
N SER A 172 34.54 17.36 45.67
CA SER A 172 35.52 16.40 46.19
C SER A 172 35.02 15.69 47.43
N ASN A 173 34.11 16.29 48.18
CA ASN A 173 33.44 15.62 49.29
C ASN A 173 32.18 14.89 48.85
N ASN A 174 31.93 14.83 47.53
CA ASN A 174 30.82 14.11 46.91
C ASN A 174 29.46 14.59 47.39
N LYS A 175 29.38 15.84 47.82
CA LYS A 175 28.15 16.43 48.29
C LYS A 175 27.50 17.18 47.13
N TYR A 176 26.35 17.80 47.40
CA TYR A 176 25.67 18.58 46.37
C TYR A 176 25.94 20.06 46.59
N ALA A 177 26.04 20.78 45.48
CA ALA A 177 26.56 22.14 45.52
C ALA A 177 26.08 22.91 44.30
N ALA A 178 25.47 24.07 44.53
CA ALA A 178 24.92 24.87 43.44
C ALA A 178 25.22 26.35 43.66
N SER A 179 25.40 27.08 42.56
CA SER A 179 25.67 28.51 42.60
C SER A 179 24.56 29.25 41.86
N SER A 180 24.34 30.51 42.23
CA SER A 180 23.33 31.33 41.61
C SER A 180 23.93 32.68 41.26
N TYR A 181 23.37 33.32 40.23
CA TYR A 181 23.87 34.61 39.76
C TYR A 181 22.70 35.47 39.32
N LEU A 182 22.66 36.71 39.80
CA LEU A 182 21.62 37.68 39.43
C LEU A 182 22.28 38.82 38.67
N SER A 183 22.24 38.75 37.35
CA SER A 183 22.84 39.78 36.51
C SER A 183 21.97 41.01 36.53
N LEU A 184 22.50 42.11 37.06
CA LEU A 184 21.81 43.38 37.13
C LEU A 184 22.74 44.48 36.67
N THR A 185 22.26 45.69 36.74
CA THR A 185 23.01 46.91 36.52
C THR A 185 23.40 47.50 37.87
N PRO A 186 24.41 48.38 37.92
CA PRO A 186 24.66 49.12 39.16
C PRO A 186 23.51 50.03 39.57
N GLU A 187 22.72 50.51 38.61
CA GLU A 187 21.54 51.31 38.91
C GLU A 187 20.47 50.48 39.60
N GLN A 188 20.17 49.29 39.05
CA GLN A 188 19.25 48.39 39.72
C GLN A 188 19.84 47.78 40.98
N TRP A 189 21.16 47.83 41.14
CA TRP A 189 21.76 47.46 42.41
C TRP A 189 21.47 48.49 43.49
N LYS A 190 21.68 49.77 43.19
CA LYS A 190 21.48 50.81 44.18
C LYS A 190 20.05 51.32 44.23
N SER A 191 19.13 50.73 43.48
CA SER A 191 17.73 51.12 43.50
C SER A 191 16.91 50.37 44.52
N HIS A 192 17.52 49.48 45.31
CA HIS A 192 16.80 48.67 46.28
C HIS A 192 17.42 48.86 47.66
N ARG A 193 16.78 48.26 48.66
CA ARG A 193 17.25 48.38 50.04
C ARG A 193 18.04 47.16 50.50
N SER A 194 17.73 45.99 49.96
CA SER A 194 18.34 44.75 50.41
C SER A 194 18.24 43.71 49.30
N TYR A 195 19.08 42.69 49.40
CA TYR A 195 19.08 41.57 48.46
C TYR A 195 19.27 40.28 49.23
N SER A 196 18.34 39.34 49.05
CA SER A 196 18.26 38.14 49.86
C SER A 196 18.40 36.90 48.99
N CYS A 197 19.25 35.98 49.42
CA CYS A 197 19.47 34.72 48.73
C CYS A 197 18.72 33.65 49.53
N GLN A 198 17.42 33.55 49.30
CA GLN A 198 16.60 32.57 49.98
C GLN A 198 16.82 31.18 49.39
N VAL A 199 17.47 30.30 50.12
CA VAL A 199 17.87 29.00 49.60
C VAL A 199 17.07 27.93 50.32
N THR A 200 16.13 27.31 49.60
CA THR A 200 15.28 26.26 50.15
C THR A 200 15.73 24.92 49.57
N HIS A 201 16.22 24.04 50.46
CA HIS A 201 16.60 22.68 50.11
C HIS A 201 15.63 21.72 50.78
N GLU A 202 14.59 21.34 50.03
CA GLU A 202 13.61 20.30 50.42
C GLU A 202 12.91 20.69 51.72
N GLY A 203 12.57 21.97 51.84
CA GLY A 203 12.03 22.53 53.05
C GLY A 203 13.03 23.24 53.93
N SER A 204 14.33 22.96 53.80
CA SER A 204 15.35 23.65 54.60
C SER A 204 15.65 24.98 53.94
N THR A 205 15.04 26.05 54.47
CA THR A 205 15.08 27.37 53.85
C THR A 205 16.09 28.25 54.58
N VAL A 206 17.09 28.75 53.84
CA VAL A 206 18.10 29.65 54.37
C VAL A 206 18.06 30.93 53.55
N GLU A 207 17.88 32.06 54.22
CA GLU A 207 17.81 33.37 53.57
C GLU A 207 18.92 34.26 54.10
N LYS A 208 19.93 34.51 53.27
CA LYS A 208 21.03 35.39 53.62
C LYS A 208 20.85 36.71 52.90
N THR A 209 20.83 37.80 53.67
CA THR A 209 20.58 39.13 53.14
C THR A 209 21.81 40.00 53.38
N VAL A 210 22.33 40.59 52.31
CA VAL A 210 23.35 41.61 52.41
C VAL A 210 22.71 42.95 52.10
N ALA A 211 23.48 44.00 52.32
CA ALA A 211 23.09 45.36 52.00
C ALA A 211 23.82 45.83 50.76
N PRO A 212 23.24 46.79 50.01
CA PRO A 212 24.00 47.49 48.96
C PRO A 212 24.89 48.60 49.50
N THR A 213 25.64 48.30 50.56
CA THR A 213 26.63 49.18 51.16
C THR A 213 27.98 48.48 51.29
N GLU A 214 28.15 47.34 50.64
CA GLU A 214 29.37 46.53 50.77
C GLU A 214 29.88 46.18 49.38
N CYS A 215 31.17 46.40 49.16
CA CYS A 215 31.81 45.96 47.93
C CYS A 215 32.98 45.07 48.30
N SER A 216 33.13 43.99 47.55
CA SER A 216 34.15 43.01 47.88
C SER A 216 35.55 43.43 47.43
N GLU B 1 27.96 -3.71 21.02
CA GLU B 1 26.96 -4.59 20.44
C GLU B 1 25.94 -3.79 19.64
N VAL B 2 24.81 -3.50 20.28
CA VAL B 2 23.74 -2.72 19.68
C VAL B 2 23.79 -1.33 20.31
N GLN B 3 24.08 -0.32 19.49
CA GLN B 3 24.42 1.00 20.00
C GLN B 3 24.33 2.01 18.87
N LEU B 4 23.89 3.21 19.19
CA LEU B 4 23.91 4.32 18.24
C LEU B 4 24.99 5.30 18.66
N VAL B 5 25.70 5.84 17.67
CA VAL B 5 26.78 6.80 17.91
C VAL B 5 26.47 8.05 17.11
N GLN B 6 26.46 9.19 17.78
CA GLN B 6 26.26 10.46 17.10
C GLN B 6 27.57 11.02 16.58
N SER B 7 27.44 11.99 15.68
CA SER B 7 28.56 12.79 15.21
C SER B 7 27.98 14.10 14.68
N GLY B 8 28.88 15.04 14.41
CA GLY B 8 28.46 16.25 13.75
C GLY B 8 27.80 17.28 14.61
N GLY B 9 27.74 17.08 15.91
CA GLY B 9 27.29 18.14 16.78
C GLY B 9 28.37 19.15 17.01
N GLY B 10 27.99 20.28 17.58
CA GLY B 10 28.94 21.30 17.93
C GLY B 10 28.32 22.68 17.85
N LEU B 11 29.19 23.68 17.90
CA LEU B 11 28.77 25.07 17.94
C LEU B 11 28.32 25.55 16.57
N VAL B 12 27.18 26.23 16.53
CA VAL B 12 26.61 26.71 15.29
C VAL B 12 26.00 28.08 15.55
N GLN B 13 26.02 28.93 14.54
CA GLN B 13 25.45 30.25 14.66
C GLN B 13 23.95 30.21 14.41
N PRO B 14 23.18 31.08 15.08
CA PRO B 14 21.71 30.96 15.02
C PRO B 14 21.14 31.26 13.66
N GLY B 15 20.05 30.58 13.34
CA GLY B 15 19.47 30.63 12.03
C GLY B 15 20.16 29.77 10.99
N GLY B 16 21.33 29.25 11.30
CA GLY B 16 22.12 28.47 10.37
C GLY B 16 21.61 27.05 10.25
N SER B 17 22.51 26.14 9.94
CA SER B 17 22.13 24.76 9.76
C SER B 17 23.23 23.86 10.25
N LEU B 18 22.85 22.72 10.80
CA LEU B 18 23.80 21.70 11.18
C LEU B 18 23.14 20.35 10.97
N ARG B 19 23.88 19.44 10.34
CA ARG B 19 23.37 18.13 10.02
C ARG B 19 23.97 17.14 11.01
N LEU B 20 23.11 16.51 11.79
CA LEU B 20 23.56 15.52 12.75
C LEU B 20 23.47 14.14 12.14
N SER B 21 24.39 13.27 12.55
CA SER B 21 24.40 11.91 12.06
C SER B 21 24.22 10.95 13.23
N CYS B 22 23.87 9.71 12.90
CA CYS B 22 23.62 8.69 13.92
C CYS B 22 24.18 7.37 13.42
N ALA B 23 25.42 7.06 13.81
CA ALA B 23 26.06 5.82 13.39
C ALA B 23 25.42 4.64 14.10
N ALA B 24 24.80 3.75 13.34
CA ALA B 24 24.03 2.66 13.89
C ALA B 24 24.84 1.37 13.91
N SER B 25 24.84 0.71 15.05
CA SER B 25 25.60 -0.52 15.23
C SER B 25 24.71 -1.58 15.84
N GLY B 26 24.89 -2.82 15.38
CA GLY B 26 24.20 -3.96 15.94
C GLY B 26 22.93 -4.36 15.21
N PHE B 27 22.45 -3.54 14.28
CA PHE B 27 21.18 -3.79 13.60
C PHE B 27 21.16 -3.00 12.30
N THR B 28 19.99 -2.95 11.68
CA THR B 28 19.74 -2.11 10.52
C THR B 28 18.62 -1.13 10.85
N VAL B 29 18.83 0.14 10.51
CA VAL B 29 17.79 1.14 10.74
C VAL B 29 16.70 1.12 9.71
N SER B 30 16.80 0.28 8.68
CA SER B 30 15.72 0.16 7.72
C SER B 30 14.51 -0.54 8.31
N SER B 31 14.73 -1.43 9.28
CA SER B 31 13.65 -2.24 9.82
C SER B 31 12.88 -1.54 10.91
N ASN B 32 13.46 -0.54 11.56
CA ASN B 32 12.84 0.09 12.71
C ASN B 32 12.69 1.57 12.45
N TYR B 33 11.72 2.17 13.13
CA TYR B 33 11.68 3.60 13.27
C TYR B 33 12.90 4.11 14.01
N MET B 34 13.22 5.38 13.79
CA MET B 34 14.29 6.06 14.48
C MET B 34 13.74 7.42 14.90
N SER B 35 14.24 7.97 15.99
CA SER B 35 13.70 9.25 16.43
C SER B 35 14.78 10.10 17.06
N TRP B 36 14.54 11.40 17.06
CA TRP B 36 15.43 12.39 17.67
C TRP B 36 14.74 12.97 18.88
N VAL B 37 15.43 12.96 20.01
CA VAL B 37 14.94 13.57 21.24
C VAL B 37 15.99 14.56 21.69
N ARG B 38 15.57 15.76 21.98
CA ARG B 38 16.51 16.76 22.48
C ARG B 38 16.22 17.02 23.94
N GLN B 39 17.17 17.67 24.61
CA GLN B 39 16.94 18.13 25.97
C GLN B 39 17.77 19.37 26.22
N ALA B 40 17.09 20.49 26.36
CA ALA B 40 17.75 21.71 26.77
C ALA B 40 18.21 21.59 28.22
N PRO B 41 19.34 22.19 28.57
CA PRO B 41 19.78 22.13 29.98
C PRO B 41 18.86 22.91 30.90
N GLY B 42 18.12 22.18 31.71
CA GLY B 42 17.10 22.74 32.57
C GLY B 42 15.70 22.27 32.26
N LYS B 43 15.52 21.48 31.22
CA LYS B 43 14.21 20.98 30.84
C LYS B 43 14.25 19.46 30.77
N GLY B 44 13.08 18.86 30.57
CA GLY B 44 12.98 17.43 30.39
C GLY B 44 13.18 17.06 28.94
N LEU B 45 12.91 15.81 28.63
CA LEU B 45 13.08 15.34 27.26
C LEU B 45 11.95 15.85 26.37
N GLU B 46 12.32 16.27 25.17
CA GLU B 46 11.39 16.74 24.17
C GLU B 46 11.66 15.98 22.89
N TRP B 47 10.62 15.34 22.36
CA TRP B 47 10.74 14.63 21.10
C TRP B 47 10.79 15.63 19.96
N VAL B 48 11.53 15.27 18.91
CA VAL B 48 11.78 16.20 17.82
C VAL B 48 11.19 15.68 16.52
N SER B 49 11.67 14.53 16.06
CA SER B 49 11.24 14.03 14.76
C SER B 49 11.37 12.52 14.77
N ALA B 50 10.89 11.91 13.68
CA ALA B 50 10.97 10.46 13.54
C ALA B 50 10.94 10.09 12.07
N ILE B 51 11.81 9.18 11.68
CA ILE B 51 11.79 8.59 10.35
C ILE B 51 11.19 7.21 10.50
N SER B 52 10.51 6.77 9.46
CA SER B 52 9.88 5.48 9.48
C SER B 52 10.86 4.37 9.16
N GLY B 53 10.76 3.27 9.90
CA GLY B 53 11.17 1.99 9.35
C GLY B 53 10.40 1.69 8.08
N SER B 54 11.02 0.86 7.23
CA SER B 54 11.02 0.99 5.77
C SER B 54 9.74 1.56 5.16
N GLY B 55 9.91 2.64 4.40
CA GLY B 55 8.87 3.59 4.10
C GLY B 55 9.40 4.99 4.28
N GLY B 56 8.60 5.96 3.85
CA GLY B 56 9.13 7.30 3.78
C GLY B 56 8.43 8.31 4.65
N SER B 57 7.99 7.88 5.83
CA SER B 57 7.21 8.75 6.69
C SER B 57 8.11 9.54 7.61
N THR B 58 7.96 10.86 7.59
CA THR B 58 8.74 11.76 8.43
C THR B 58 7.79 12.50 9.35
N TYR B 59 7.87 12.21 10.63
CA TYR B 59 7.07 12.90 11.63
C TYR B 59 7.91 14.03 12.20
N TYR B 60 7.25 15.09 12.64
CA TYR B 60 7.96 16.20 13.26
C TYR B 60 7.16 16.70 14.44
N ALA B 61 7.87 17.21 15.43
CA ALA B 61 7.18 17.90 16.50
C ALA B 61 6.65 19.23 15.97
N ASP B 62 5.61 19.73 16.64
CA ASP B 62 4.91 20.90 16.15
C ASP B 62 5.74 22.18 16.25
N SER B 63 6.79 22.18 17.08
CA SER B 63 7.66 23.35 17.16
C SER B 63 8.81 23.29 16.15
N VAL B 64 9.08 22.12 15.59
CA VAL B 64 10.19 21.96 14.67
C VAL B 64 9.72 21.60 13.27
N LYS B 65 8.42 21.65 13.03
CA LYS B 65 7.88 21.31 11.72
C LYS B 65 8.25 22.39 10.71
N GLY B 66 8.82 21.97 9.60
CA GLY B 66 9.24 22.90 8.57
C GLY B 66 10.62 23.47 8.76
N ARG B 67 11.30 23.16 9.85
CA ARG B 67 12.67 23.59 10.07
C ARG B 67 13.65 22.44 10.08
N PHE B 68 13.26 21.30 10.61
CA PHE B 68 14.14 20.15 10.67
C PHE B 68 13.69 19.16 9.61
N THR B 69 14.64 18.38 9.11
CA THR B 69 14.36 17.43 8.05
C THR B 69 15.09 16.15 8.36
N ILE B 70 14.33 15.08 8.57
CA ILE B 70 14.92 13.81 8.94
C ILE B 70 15.01 12.95 7.70
N SER B 71 16.11 12.23 7.57
CA SER B 71 16.34 11.33 6.46
C SER B 71 17.34 10.29 6.94
N ARG B 72 17.62 9.32 6.08
CA ARG B 72 18.58 8.31 6.47
C ARG B 72 19.24 7.74 5.23
N ASP B 73 20.40 7.12 5.46
CA ASP B 73 21.12 6.41 4.40
C ASP B 73 21.22 4.95 4.84
N ASN B 74 20.51 4.08 4.14
CA ASN B 74 20.50 2.67 4.50
C ASN B 74 21.83 2.00 4.16
N SER B 75 22.53 2.50 3.14
CA SER B 75 23.83 1.95 2.79
C SER B 75 24.87 2.30 3.83
N LYS B 76 24.85 3.53 4.33
CA LYS B 76 25.77 3.92 5.39
C LYS B 76 25.33 3.45 6.76
N ASN B 77 24.11 2.95 6.89
CA ASN B 77 23.48 2.56 8.17
C ASN B 77 23.53 3.73 9.14
N THR B 78 23.04 4.88 8.70
CA THR B 78 23.18 6.10 9.48
C THR B 78 21.95 6.98 9.31
N LEU B 79 21.26 7.19 10.41
CA LEU B 79 20.22 8.20 10.51
C LEU B 79 20.82 9.59 10.46
N TYR B 80 20.20 10.47 9.69
CA TYR B 80 20.60 11.87 9.65
C TYR B 80 19.53 12.74 10.26
N LEU B 81 19.82 14.03 10.35
CA LEU B 81 18.84 15.03 10.73
C LEU B 81 19.32 16.36 10.16
N GLN B 82 18.70 16.80 9.08
CA GLN B 82 19.04 18.11 8.55
C GLN B 82 18.26 19.15 9.34
N MET B 83 18.95 19.82 10.24
CA MET B 83 18.38 20.91 11.02
C MET B 83 18.63 22.20 10.27
N ASN B 84 17.58 22.96 10.03
CA ASN B 84 17.69 24.21 9.31
C ASN B 84 16.92 25.29 10.07
N SER B 85 17.34 26.53 9.87
CA SER B 85 16.78 27.73 10.50
C SER B 85 16.80 27.62 12.01
N LEU B 86 18.01 27.51 12.55
CA LEU B 86 18.16 27.11 13.94
C LEU B 86 17.83 28.27 14.87
N ARG B 87 16.80 28.08 15.67
CA ARG B 87 16.50 29.02 16.73
C ARG B 87 17.38 28.71 17.93
N ALA B 88 17.46 29.67 18.86
CA ALA B 88 18.29 29.46 20.04
C ALA B 88 17.69 28.45 21.01
N GLU B 89 16.39 28.15 20.89
CA GLU B 89 15.77 27.12 21.72
C GLU B 89 16.10 25.71 21.25
N ASP B 90 16.82 25.56 20.16
CA ASP B 90 17.35 24.27 19.75
C ASP B 90 18.69 23.97 20.39
N THR B 91 19.10 24.76 21.36
CA THR B 91 20.34 24.53 22.08
C THR B 91 20.13 23.36 23.03
N ALA B 92 20.55 22.17 22.63
CA ALA B 92 20.19 20.96 23.36
C ALA B 92 21.15 19.84 23.03
N VAL B 93 20.87 18.67 23.61
CA VAL B 93 21.61 17.46 23.30
C VAL B 93 20.66 16.53 22.55
N TYR B 94 20.96 16.26 21.30
CA TYR B 94 20.05 15.54 20.43
C TYR B 94 20.38 14.06 20.45
N TYR B 95 19.41 13.25 20.85
CA TYR B 95 19.59 11.83 21.00
C TYR B 95 18.84 11.13 19.88
N CYS B 96 19.57 10.49 18.99
CA CYS B 96 18.95 9.55 18.08
C CYS B 96 18.68 8.26 18.85
N ALA B 97 17.48 7.73 18.69
CA ALA B 97 17.12 6.46 19.30
C ALA B 97 16.10 5.78 18.41
N ARG B 98 16.15 4.46 18.36
CA ARG B 98 15.16 3.78 17.55
C ARG B 98 13.86 3.69 18.31
N ASP B 99 12.74 3.57 17.59
CA ASP B 99 11.44 3.35 18.20
C ASP B 99 11.01 1.95 17.83
N ARG B 100 11.40 0.97 18.63
CA ARG B 100 11.03 -0.40 18.37
C ARG B 100 9.60 -0.59 18.82
N GLU B 101 8.71 -0.89 17.87
CA GLU B 101 7.30 -1.06 18.12
C GLU B 101 6.96 -2.54 18.09
N ASP B 102 6.22 -3.00 19.09
CA ASP B 102 5.83 -4.39 19.18
C ASP B 102 4.33 -4.46 19.00
N ILE B 103 3.89 -5.15 17.95
CA ILE B 103 2.48 -5.26 17.60
C ILE B 103 2.11 -6.72 17.51
N VAL B 104 1.12 -7.15 18.28
CA VAL B 104 0.51 -8.45 18.11
C VAL B 104 -0.93 -8.24 17.68
N VAL B 105 -1.47 -9.23 16.99
CA VAL B 105 -2.85 -9.18 16.52
C VAL B 105 -3.72 -9.91 17.52
N VAL B 106 -4.72 -9.23 18.04
CA VAL B 106 -5.49 -9.70 19.17
C VAL B 106 -6.96 -9.87 18.74
N PRO B 107 -7.64 -10.94 19.14
CA PRO B 107 -9.04 -11.11 18.71
C PRO B 107 -9.94 -10.11 19.42
N ALA B 108 -9.98 -8.90 18.90
CA ALA B 108 -10.71 -7.84 19.55
C ALA B 108 -11.13 -6.87 18.48
N PRO B 109 -12.11 -6.03 18.74
CA PRO B 109 -12.45 -4.98 17.77
C PRO B 109 -11.38 -3.93 17.60
N ARG B 110 -10.48 -3.79 18.57
CA ARG B 110 -9.34 -2.92 18.36
C ARG B 110 -8.29 -3.58 17.48
N GLY B 111 -8.34 -4.89 17.35
CA GLY B 111 -7.56 -5.60 16.35
C GLY B 111 -6.15 -5.92 16.73
N TYR B 112 -5.39 -4.92 17.12
CA TYR B 112 -3.98 -5.10 17.41
C TYR B 112 -3.60 -4.22 18.58
N TYR B 113 -2.53 -4.64 19.26
CA TYR B 113 -2.25 -4.18 20.61
C TYR B 113 -1.32 -2.97 20.67
N TYR B 114 -0.14 -3.09 20.07
CA TYR B 114 0.84 -2.01 19.82
C TYR B 114 1.25 -1.25 21.09
N TYR B 115 1.98 -1.94 21.95
CA TYR B 115 2.78 -1.16 22.89
C TYR B 115 4.06 -0.77 22.19
N TYR B 116 4.65 0.32 22.63
CA TYR B 116 5.51 1.05 21.72
C TYR B 116 6.48 1.98 22.47
N TYR B 117 7.78 1.77 22.22
CA TYR B 117 8.84 2.23 23.12
C TYR B 117 10.11 2.54 22.32
N MET B 118 11.03 3.26 22.96
CA MET B 118 12.37 3.53 22.44
C MET B 118 13.37 2.79 23.31
N ASP B 119 14.22 1.98 22.70
CA ASP B 119 15.14 1.21 23.53
C ASP B 119 16.60 1.59 23.35
N VAL B 120 17.10 1.72 22.14
CA VAL B 120 18.53 1.84 21.89
C VAL B 120 18.82 3.29 21.59
N TRP B 121 19.43 3.96 22.54
CA TRP B 121 19.64 5.39 22.47
C TRP B 121 21.08 5.71 22.12
N GLY B 122 21.26 6.75 21.35
CA GLY B 122 22.60 7.20 21.04
C GLY B 122 23.19 8.01 22.15
N GLN B 123 24.48 8.26 22.03
CA GLN B 123 25.21 8.97 23.08
C GLN B 123 24.71 10.40 23.22
N GLY B 124 24.39 11.02 22.10
CA GLY B 124 23.76 12.32 22.09
C GLY B 124 24.81 13.41 22.07
N THR B 125 24.86 14.15 20.98
CA THR B 125 25.83 15.22 20.85
C THR B 125 25.11 16.55 21.03
N THR B 126 25.90 17.58 21.25
CA THR B 126 25.37 18.87 21.68
C THR B 126 25.24 19.78 20.48
N VAL B 127 24.05 20.36 20.32
CA VAL B 127 23.82 21.47 19.42
C VAL B 127 23.80 22.73 20.26
N THR B 128 24.74 23.62 20.01
CA THR B 128 24.87 24.86 20.74
C THR B 128 24.62 26.01 19.78
N VAL B 129 23.48 26.66 19.93
CA VAL B 129 23.06 27.71 19.03
C VAL B 129 23.33 29.03 19.75
N SER B 130 24.43 29.67 19.40
CA SER B 130 24.86 30.87 20.10
C SER B 130 25.83 31.65 19.23
N SER B 131 26.41 32.69 19.80
CA SER B 131 27.54 33.40 19.20
C SER B 131 28.84 32.77 19.71
N ALA B 132 29.97 33.27 19.20
CA ALA B 132 31.26 32.63 19.46
C ALA B 132 32.34 33.67 19.69
N SER B 133 33.35 33.28 20.47
CA SER B 133 34.52 34.11 20.75
C SER B 133 35.64 33.21 21.27
N THR B 134 36.75 33.82 21.66
CA THR B 134 37.81 33.24 22.48
C THR B 134 38.10 34.14 23.66
N LYS B 135 37.02 34.57 24.34
CA LYS B 135 37.09 35.69 25.26
C LYS B 135 37.73 35.27 26.58
N GLY B 136 38.72 36.04 27.01
CA GLY B 136 39.31 35.86 28.31
C GLY B 136 38.36 36.39 29.37
N PRO B 137 38.47 35.87 30.58
CA PRO B 137 37.49 36.19 31.62
C PRO B 137 37.67 37.57 32.21
N SER B 138 36.62 38.00 32.91
CA SER B 138 36.63 39.22 33.69
C SER B 138 36.81 38.83 35.15
N VAL B 139 38.01 39.02 35.64
CA VAL B 139 38.41 38.51 36.95
C VAL B 139 38.05 39.52 38.00
N PHE B 140 37.37 39.07 39.06
CA PHE B 140 37.04 39.93 40.17
C PHE B 140 37.26 39.14 41.46
N PRO B 141 37.86 39.75 42.48
CA PRO B 141 38.00 39.04 43.75
C PRO B 141 36.66 38.91 44.44
N LEU B 142 36.51 37.84 45.23
CA LEU B 142 35.30 37.64 46.03
C LEU B 142 35.70 37.54 47.50
N ALA B 143 35.55 38.65 48.23
CA ALA B 143 35.81 38.94 49.63
C ALA B 143 34.58 38.63 50.48
N PRO B 144 34.76 38.24 51.74
CA PRO B 144 33.61 37.82 52.55
C PRO B 144 32.73 38.99 52.98
N SER B 145 31.47 38.66 53.26
CA SER B 145 30.48 39.62 53.71
C SER B 145 30.54 39.77 55.23
N SER B 146 29.61 40.54 55.80
CA SER B 146 29.58 40.76 57.24
C SER B 146 29.16 39.51 58.01
N LYS B 147 28.36 38.64 57.38
CA LYS B 147 28.06 37.33 57.94
C LYS B 147 29.03 36.27 57.43
N SER B 148 30.16 36.68 56.85
CA SER B 148 31.15 35.76 56.34
C SER B 148 32.58 36.15 56.70
N THR B 149 32.80 37.32 57.29
CA THR B 149 34.14 37.75 57.70
C THR B 149 34.43 37.45 59.16
N SER B 150 33.53 37.81 60.06
CA SER B 150 33.71 37.58 61.49
C SER B 150 33.17 36.22 61.94
N GLY B 151 33.03 35.27 61.03
CA GLY B 151 32.56 33.94 61.37
C GLY B 151 33.69 33.03 61.82
N GLY B 152 33.46 31.73 61.66
CA GLY B 152 34.44 30.72 62.03
C GLY B 152 35.38 30.35 60.90
N THR B 153 34.82 30.08 59.72
CA THR B 153 35.59 29.86 58.52
C THR B 153 35.35 31.02 57.55
N ALA B 154 36.38 31.36 56.79
CA ALA B 154 36.31 32.46 55.83
C ALA B 154 36.24 31.85 54.44
N ALA B 155 35.17 32.16 53.72
CA ALA B 155 35.00 31.68 52.35
C ALA B 155 35.61 32.73 51.43
N LEU B 156 36.91 32.63 51.18
CA LEU B 156 37.62 33.54 50.29
C LEU B 156 37.51 33.05 48.86
N GLY B 157 37.19 33.97 47.95
CA GLY B 157 36.99 33.59 46.57
C GLY B 157 37.48 34.56 45.52
N CYS B 158 37.06 34.30 44.28
CA CYS B 158 37.41 35.11 43.12
C CYS B 158 36.42 34.82 42.00
N LEU B 159 35.88 35.87 41.39
CA LEU B 159 34.85 35.75 40.37
C LEU B 159 35.47 35.57 38.99
N VAL B 160 34.99 34.58 38.25
CA VAL B 160 35.42 34.34 36.88
C VAL B 160 34.18 34.49 35.99
N LYS B 161 33.98 35.69 35.47
CA LYS B 161 32.84 35.99 34.64
C LYS B 161 33.33 36.39 33.25
N ASP B 162 32.46 36.22 32.25
CA ASP B 162 32.59 36.78 30.91
C ASP B 162 33.81 36.19 30.18
N TYR B 163 33.74 34.89 29.98
CA TYR B 163 34.73 34.15 29.22
C TYR B 163 34.02 33.19 28.29
N PHE B 164 34.74 32.79 27.24
CA PHE B 164 34.29 31.77 26.33
C PHE B 164 35.54 31.37 25.59
N PRO B 165 35.75 30.09 25.27
CA PRO B 165 34.97 28.91 25.66
C PRO B 165 35.52 28.22 26.90
N GLU B 166 35.08 26.99 27.14
CA GLU B 166 35.53 26.16 28.26
C GLU B 166 36.77 25.38 27.85
N PRO B 167 37.69 25.12 28.81
CA PRO B 167 37.70 25.37 30.25
C PRO B 167 38.31 26.71 30.67
N VAL B 168 38.71 26.77 31.93
CA VAL B 168 39.48 27.86 32.49
C VAL B 168 40.32 27.29 33.64
N THR B 169 41.53 27.82 33.79
CA THR B 169 42.45 27.36 34.83
C THR B 169 42.47 28.38 35.96
N VAL B 170 41.99 27.97 37.14
CA VAL B 170 42.00 28.82 38.32
C VAL B 170 42.70 28.03 39.42
N SER B 171 43.84 28.55 39.88
CA SER B 171 44.57 27.94 40.98
C SER B 171 44.72 28.95 42.10
N TRP B 172 45.23 28.48 43.22
CA TRP B 172 45.48 29.31 44.39
C TRP B 172 46.94 29.23 44.78
N ASN B 173 47.61 30.40 44.81
CA ASN B 173 49.03 30.56 45.14
C ASN B 173 49.92 29.71 44.24
N SER B 174 49.63 29.79 42.93
CA SER B 174 50.23 28.96 41.87
C SER B 174 50.05 27.46 42.16
N GLY B 175 48.93 27.10 42.78
CA GLY B 175 48.66 25.71 43.12
C GLY B 175 49.22 25.23 44.43
N ALA B 176 49.70 26.14 45.29
CA ALA B 176 50.31 25.72 46.56
C ALA B 176 49.30 25.13 47.54
N LEU B 177 48.03 25.51 47.44
CA LEU B 177 46.96 24.87 48.19
C LEU B 177 45.74 24.79 47.26
N THR B 178 45.36 23.57 46.91
CA THR B 178 44.19 23.36 46.08
C THR B 178 43.03 22.79 46.88
N SER B 179 43.13 22.76 48.20
CA SER B 179 42.19 22.05 49.05
C SER B 179 40.95 22.88 49.30
N GLY B 180 39.78 22.23 49.28
CA GLY B 180 38.52 22.85 49.60
C GLY B 180 38.01 23.87 48.62
N VAL B 181 38.61 23.95 47.43
CA VAL B 181 38.33 25.02 46.48
C VAL B 181 37.06 24.66 45.71
N HIS B 182 35.98 25.38 45.99
CA HIS B 182 34.70 25.14 45.32
C HIS B 182 34.79 25.71 43.92
N THR B 183 35.12 24.86 42.96
CA THR B 183 35.14 25.23 41.55
C THR B 183 33.72 25.04 41.03
N PHE B 184 32.98 26.14 40.92
CA PHE B 184 31.58 26.07 40.57
C PHE B 184 31.42 25.78 39.07
N PRO B 185 30.33 25.12 38.68
CA PRO B 185 30.12 24.87 37.26
C PRO B 185 29.81 26.15 36.51
N ALA B 186 30.21 26.17 35.24
CA ALA B 186 30.00 27.33 34.40
C ALA B 186 28.53 27.45 34.04
N VAL B 187 27.95 28.62 34.27
CA VAL B 187 26.54 28.84 34.00
C VAL B 187 26.42 29.67 32.71
N LEU B 188 25.38 29.37 31.94
CA LEU B 188 25.16 30.03 30.66
C LEU B 188 24.43 31.34 30.90
N GLN B 189 25.14 32.46 30.70
CA GLN B 189 24.58 33.78 30.92
C GLN B 189 23.58 34.15 29.83
N SER B 190 23.01 35.34 29.96
CA SER B 190 22.29 35.96 28.84
C SER B 190 23.22 36.87 28.05
N SER B 191 24.41 36.35 27.76
CA SER B 191 25.38 37.02 26.91
C SER B 191 26.11 36.04 26.02
N GLY B 192 25.72 34.76 26.01
CA GLY B 192 26.47 33.76 25.30
C GLY B 192 27.81 33.45 25.94
N LEU B 193 27.93 33.70 27.25
CA LEU B 193 29.18 33.54 27.97
C LEU B 193 28.99 32.63 29.16
N TYR B 194 30.06 31.94 29.52
CA TYR B 194 30.05 31.19 30.76
C TYR B 194 30.60 32.09 31.88
N SER B 195 30.23 31.75 33.10
CA SER B 195 30.59 32.55 34.27
C SER B 195 30.61 31.66 35.49
N LEU B 196 31.66 31.75 36.30
CA LEU B 196 31.73 30.96 37.52
C LEU B 196 32.41 31.76 38.62
N SER B 197 32.54 31.12 39.76
CA SER B 197 33.31 31.62 40.89
C SER B 197 34.17 30.48 41.42
N SER B 198 35.12 30.81 42.27
CA SER B 198 36.01 29.81 42.84
C SER B 198 36.34 30.26 44.25
N VAL B 199 35.67 29.67 45.23
CA VAL B 199 35.80 30.10 46.62
C VAL B 199 36.52 28.99 47.39
N VAL B 200 37.27 29.40 48.42
CA VAL B 200 37.98 28.46 49.28
C VAL B 200 37.63 28.77 50.73
N THR B 201 37.47 27.72 51.53
CA THR B 201 37.05 27.84 52.93
C THR B 201 38.30 27.82 53.80
N VAL B 202 38.87 28.99 54.03
CA VAL B 202 40.05 29.12 54.88
C VAL B 202 39.54 29.53 56.26
N PRO B 203 40.31 29.36 57.33
CA PRO B 203 39.85 29.87 58.63
C PRO B 203 39.85 31.39 58.67
N SER B 204 39.00 31.93 59.54
CA SER B 204 38.93 33.38 59.71
C SER B 204 40.17 33.92 60.41
N SER B 205 40.83 33.09 61.22
CA SER B 205 42.11 33.48 61.82
C SER B 205 43.22 33.52 60.78
N SER B 206 43.07 32.79 59.67
CA SER B 206 44.04 32.83 58.60
C SER B 206 43.92 34.08 57.73
N LEU B 207 42.91 34.91 57.98
CA LEU B 207 42.75 36.17 57.25
C LEU B 207 43.82 37.17 57.69
N GLY B 208 44.44 37.81 56.71
CA GLY B 208 45.51 38.75 56.98
C GLY B 208 46.82 38.15 57.43
N THR B 209 46.92 36.83 57.44
CA THR B 209 48.09 36.08 57.87
C THR B 209 48.66 35.21 56.77
N GLN B 210 47.82 34.49 56.04
CA GLN B 210 48.24 33.68 54.91
C GLN B 210 47.84 34.34 53.61
N THR B 211 48.78 34.46 52.69
CA THR B 211 48.52 35.06 51.38
C THR B 211 47.90 34.01 50.46
N TYR B 212 46.65 34.25 50.06
CA TYR B 212 45.95 33.41 49.11
C TYR B 212 45.81 34.17 47.80
N ILE B 213 46.31 33.61 46.71
CA ILE B 213 46.37 34.31 45.44
C ILE B 213 45.60 33.48 44.41
N CYS B 214 44.41 33.95 44.04
CA CYS B 214 43.63 33.31 42.98
C CYS B 214 44.32 33.57 41.65
N ASN B 215 45.10 32.59 41.20
CA ASN B 215 45.84 32.69 39.95
C ASN B 215 44.94 32.18 38.83
N VAL B 216 44.36 33.11 38.09
CA VAL B 216 43.48 32.81 36.98
C VAL B 216 44.35 32.61 35.75
N ASN B 217 44.03 31.59 34.96
CA ASN B 217 44.69 31.40 33.68
C ASN B 217 43.67 30.95 32.64
N HIS B 218 43.79 31.49 31.43
CA HIS B 218 43.04 30.99 30.28
C HIS B 218 44.07 30.60 29.22
N LYS B 219 44.31 29.30 29.11
CA LYS B 219 45.31 28.72 28.21
C LYS B 219 45.08 28.92 26.71
N PRO B 220 43.86 28.86 26.15
CA PRO B 220 43.75 29.11 24.70
C PRO B 220 44.01 30.56 24.28
N SER B 221 43.54 31.56 25.03
CA SER B 221 43.68 32.94 24.61
C SER B 221 44.87 33.65 25.24
N ASN B 222 45.73 32.91 25.97
CA ASN B 222 46.92 33.42 26.65
C ASN B 222 46.55 34.53 27.63
N THR B 223 45.55 34.26 28.45
CA THR B 223 45.02 35.23 29.38
C THR B 223 45.27 34.75 30.80
N LYS B 224 46.06 35.50 31.54
CA LYS B 224 46.20 35.29 32.98
C LYS B 224 46.06 36.63 33.69
N VAL B 225 45.19 36.68 34.69
CA VAL B 225 44.95 37.87 35.49
C VAL B 225 45.07 37.45 36.94
N ASP B 226 46.13 37.88 37.60
CA ASP B 226 46.40 37.51 38.98
C ASP B 226 45.85 38.60 39.90
N LYS B 227 44.90 38.21 40.75
CA LYS B 227 44.20 39.13 41.64
C LYS B 227 44.55 38.82 43.08
N LYS B 228 44.93 39.86 43.82
CA LYS B 228 45.16 39.72 45.25
C LYS B 228 43.83 39.62 45.96
N VAL B 229 43.57 38.47 46.57
CA VAL B 229 42.32 38.21 47.27
C VAL B 229 42.53 38.67 48.71
N GLU B 230 41.83 39.71 49.11
CA GLU B 230 41.98 40.27 50.43
C GLU B 230 40.64 40.35 51.14
N PRO B 231 40.63 40.37 52.48
CA PRO B 231 39.36 40.56 53.20
C PRO B 231 38.84 41.98 53.11
N LYS B 232 37.70 42.18 52.45
CA LYS B 232 36.99 43.45 52.52
C LYS B 232 35.91 43.42 53.58
N SER B 233 35.86 44.48 54.38
CA SER B 233 34.71 44.82 55.20
C SER B 233 33.82 45.78 54.40
N CYS B 234 32.87 46.44 55.06
CA CYS B 234 31.93 47.34 54.41
C CYS B 234 32.60 48.56 53.79
N ASP B 235 32.48 48.73 52.47
CA ASP B 235 32.84 50.01 51.85
C ASP B 235 31.85 51.07 52.29
N LYS B 236 32.28 51.92 53.20
CA LYS B 236 31.44 53.02 53.69
C LYS B 236 31.94 54.32 53.08
N THR B 237 31.15 54.88 52.16
CA THR B 237 31.26 56.28 51.80
C THR B 237 30.48 57.19 52.74
N SER B 238 29.95 56.61 53.83
CA SER B 238 29.23 57.18 54.97
C SER B 238 27.81 57.61 54.63
N SER C 2 -62.41 0.84 -56.76
CA SER C 2 -62.40 0.44 -58.16
C SER C 2 -60.98 0.30 -58.66
N GLN C 3 -60.56 1.18 -59.58
CA GLN C 3 -59.19 1.13 -60.08
C GLN C 3 -58.19 1.57 -59.03
N SER C 4 -58.55 2.62 -58.28
CA SER C 4 -57.72 3.09 -57.19
C SER C 4 -57.61 2.05 -56.08
N THR C 5 -58.64 1.20 -55.94
CA THR C 5 -58.61 0.13 -54.95
C THR C 5 -57.42 -0.80 -55.17
N ALA C 6 -57.33 -1.35 -56.39
CA ALA C 6 -56.24 -2.26 -56.71
C ALA C 6 -54.91 -1.52 -56.81
N SER C 7 -54.94 -0.25 -57.18
CA SER C 7 -53.69 0.52 -57.22
C SER C 7 -53.10 0.70 -55.83
N ILE C 8 -53.94 1.07 -54.86
CA ILE C 8 -53.52 1.18 -53.47
C ILE C 8 -53.10 -0.18 -52.93
N ASN C 9 -53.83 -1.23 -53.32
CA ASN C 9 -53.49 -2.58 -52.85
C ASN C 9 -52.12 -3.04 -53.32
N GLU C 10 -51.84 -2.84 -54.62
CA GLU C 10 -50.54 -3.20 -55.16
C GLU C 10 -49.43 -2.37 -54.54
N ASN C 11 -49.65 -1.07 -54.39
CA ASN C 11 -48.59 -0.22 -53.88
C ASN C 11 -48.31 -0.48 -52.40
N VAL C 12 -49.36 -0.74 -51.62
CA VAL C 12 -49.18 -1.07 -50.21
C VAL C 12 -48.49 -2.42 -50.05
N ASN C 13 -48.93 -3.43 -50.81
CA ASN C 13 -48.30 -4.75 -50.70
C ASN C 13 -46.88 -4.76 -51.22
N GLU C 14 -46.52 -3.82 -52.11
CA GLU C 14 -45.12 -3.66 -52.46
C GLU C 14 -44.36 -2.95 -51.35
N LYS C 15 -44.96 -1.96 -50.72
CA LYS C 15 -44.19 -1.05 -49.87
C LYS C 15 -44.42 -1.26 -48.37
N CYS C 16 -45.63 -1.58 -47.93
CA CYS C 16 -45.87 -1.73 -46.50
C CYS C 16 -45.24 -3.02 -45.99
N LYS C 17 -45.00 -3.96 -46.88
CA LYS C 17 -44.27 -5.18 -46.57
C LYS C 17 -42.79 -4.95 -46.88
N PHE C 18 -42.00 -6.03 -46.90
CA PHE C 18 -40.65 -6.08 -47.48
C PHE C 18 -39.68 -5.13 -46.78
N THR C 19 -39.31 -5.52 -45.56
CA THR C 19 -38.11 -4.97 -44.94
C THR C 19 -36.87 -5.37 -45.74
N LEU C 20 -35.78 -4.63 -45.54
CA LEU C 20 -34.62 -4.69 -46.43
C LEU C 20 -33.81 -5.97 -46.23
N PRO C 21 -33.60 -6.75 -47.28
CA PRO C 21 -32.69 -7.91 -47.19
C PRO C 21 -31.22 -7.56 -46.99
N PRO C 22 -30.56 -6.78 -47.89
CA PRO C 22 -29.13 -7.05 -48.14
C PRO C 22 -28.19 -6.62 -47.03
N LEU C 23 -27.02 -7.23 -47.01
CA LEU C 23 -26.01 -7.02 -45.98
C LEU C 23 -24.77 -6.43 -46.62
N LYS C 24 -24.55 -5.13 -46.42
CA LYS C 24 -23.25 -4.56 -46.73
C LYS C 24 -22.32 -4.89 -45.57
N ILE C 25 -21.22 -5.58 -45.86
CA ILE C 25 -20.33 -6.06 -44.82
C ILE C 25 -19.27 -5.00 -44.62
N HIS C 26 -18.47 -4.80 -45.64
CA HIS C 26 -17.29 -3.97 -45.59
C HIS C 26 -17.59 -2.48 -45.65
N GLU C 27 -18.86 -2.10 -45.71
CA GLU C 27 -19.19 -0.70 -45.88
C GLU C 27 -19.75 -0.05 -44.63
N CYS C 28 -20.37 -0.80 -43.73
CA CYS C 28 -21.05 -0.23 -42.59
C CYS C 28 -20.11 -0.25 -41.40
N ASN C 29 -19.69 0.92 -40.96
CA ASN C 29 -18.86 1.04 -39.77
C ASN C 29 -19.63 0.55 -38.56
N ILE C 30 -19.04 -0.36 -37.79
CA ILE C 30 -19.69 -0.92 -36.61
C ILE C 30 -19.19 -0.17 -35.39
N SER C 31 -20.10 0.43 -34.65
CA SER C 31 -19.74 1.17 -33.44
C SER C 31 -20.08 0.36 -32.21
N CYS C 32 -19.06 0.03 -31.44
CA CYS C 32 -19.14 -0.68 -30.19
C CYS C 32 -18.69 0.22 -29.04
N PRO C 33 -19.08 -0.05 -27.80
CA PRO C 33 -18.62 0.80 -26.70
C PRO C 33 -17.14 0.59 -26.43
N ASN C 34 -16.57 1.56 -25.74
CA ASN C 34 -15.14 1.61 -25.44
C ASN C 34 -14.79 0.42 -24.57
N PRO C 35 -13.97 -0.51 -25.03
CA PRO C 35 -13.78 -1.78 -24.29
C PRO C 35 -12.97 -1.62 -23.05
N LEU C 36 -12.19 -0.56 -22.96
CA LEU C 36 -11.43 -0.25 -21.76
C LEU C 36 -11.41 1.25 -21.64
N PRO C 37 -12.46 1.83 -21.05
CA PRO C 37 -12.51 3.27 -20.90
C PRO C 37 -11.47 3.70 -19.90
N PHE C 38 -11.43 2.96 -18.79
CA PHE C 38 -10.50 3.25 -17.72
C PHE C 38 -9.55 2.07 -17.53
N ARG C 39 -8.29 2.43 -17.33
CA ARG C 39 -7.24 1.50 -16.97
C ARG C 39 -7.56 0.84 -15.63
N GLU C 40 -7.18 -0.43 -15.52
CA GLU C 40 -7.29 -1.13 -14.24
C GLU C 40 -6.42 -0.46 -13.20
N TYR C 41 -6.96 -0.27 -12.00
CA TYR C 41 -6.24 0.45 -10.96
C TYR C 41 -5.08 -0.36 -10.45
N ARG C 42 -3.88 0.13 -10.66
CA ARG C 42 -2.71 -0.59 -10.18
C ARG C 42 -1.95 0.27 -9.19
N PRO C 43 -1.37 -0.32 -8.16
CA PRO C 43 -0.79 0.49 -7.09
C PRO C 43 0.64 0.94 -7.36
N GLN C 44 0.91 1.44 -8.57
CA GLN C 44 2.23 1.93 -8.99
C GLN C 44 3.30 0.85 -8.85
N THR C 45 2.95 -0.36 -9.24
CA THR C 45 3.93 -1.45 -9.25
C THR C 45 4.92 -1.25 -10.38
N GLU C 46 6.05 -1.96 -10.28
CA GLU C 46 7.15 -1.70 -11.19
C GLU C 46 6.92 -2.39 -12.53
N GLY C 47 7.51 -1.81 -13.57
CA GLY C 47 7.45 -2.38 -14.90
C GLY C 47 8.43 -3.51 -15.06
N VAL C 48 8.60 -3.94 -16.30
CA VAL C 48 9.60 -4.94 -16.63
C VAL C 48 10.56 -4.32 -17.64
N SER C 49 11.67 -5.00 -17.84
CA SER C 49 12.69 -4.56 -18.77
C SER C 49 12.87 -5.61 -19.85
N ASN C 50 13.43 -5.18 -20.97
CA ASN C 50 13.59 -6.06 -22.11
C ASN C 50 14.70 -7.04 -21.84
N LEU C 51 14.64 -8.20 -22.49
CA LEU C 51 15.60 -9.26 -22.22
C LEU C 51 16.95 -8.91 -22.81
N VAL C 52 17.77 -8.21 -22.03
CA VAL C 52 19.01 -7.66 -22.54
C VAL C 52 20.04 -7.66 -21.43
N GLY C 53 21.26 -7.97 -21.78
CA GLY C 53 22.39 -7.72 -20.89
C GLY C 53 22.68 -8.91 -19.98
N LEU C 54 22.32 -8.78 -18.71
CA LEU C 54 22.90 -9.58 -17.65
C LEU C 54 22.39 -11.02 -17.72
N PRO C 55 23.27 -12.00 -17.85
CA PRO C 55 22.84 -13.37 -18.13
C PRO C 55 22.22 -14.02 -16.91
N ASN C 56 20.99 -13.68 -16.59
CA ASN C 56 20.35 -14.25 -15.41
C ASN C 56 20.03 -15.71 -15.66
N ASN C 57 20.52 -16.55 -14.76
CA ASN C 57 20.79 -17.94 -15.13
C ASN C 57 19.47 -18.69 -15.26
N ILE C 58 19.42 -19.58 -16.25
CA ILE C 58 18.28 -20.43 -16.47
C ILE C 58 18.73 -21.86 -16.30
N CYS C 59 17.79 -22.78 -16.34
CA CYS C 59 18.18 -24.16 -16.53
C CYS C 59 18.57 -24.34 -17.98
N LEU C 60 19.79 -24.78 -18.21
CA LEU C 60 20.24 -25.12 -19.55
C LEU C 60 20.52 -26.60 -19.67
N GLN C 61 20.25 -27.37 -18.64
CA GLN C 61 20.29 -28.81 -18.81
C GLN C 61 18.97 -29.28 -19.42
N LYS C 62 19.03 -30.42 -20.09
CA LYS C 62 17.84 -31.07 -20.62
C LYS C 62 17.23 -31.88 -19.50
N THR C 63 16.26 -31.29 -18.82
CA THR C 63 15.62 -31.92 -17.68
C THR C 63 14.24 -32.45 -18.06
N SER C 64 13.97 -33.69 -17.69
CA SER C 64 12.67 -34.27 -17.94
C SER C 64 11.65 -33.88 -16.88
N ASN C 65 12.09 -33.27 -15.79
CA ASN C 65 11.20 -32.94 -14.70
C ASN C 65 10.33 -31.74 -15.06
N GLN C 66 9.15 -31.70 -14.48
CA GLN C 66 8.24 -30.59 -14.72
C GLN C 66 8.79 -29.40 -13.95
N ILE C 67 9.68 -28.66 -14.60
CA ILE C 67 10.32 -27.53 -13.96
C ILE C 67 9.77 -26.20 -14.47
N LEU C 68 9.07 -26.20 -15.60
CA LEU C 68 8.34 -25.01 -16.03
C LEU C 68 7.02 -24.92 -15.30
N LYS C 69 6.69 -23.72 -14.84
CA LYS C 69 5.40 -23.47 -14.18
C LYS C 69 4.66 -22.36 -14.91
N PRO C 70 3.93 -22.68 -15.95
CA PRO C 70 3.19 -21.65 -16.67
C PRO C 70 1.95 -21.19 -15.96
N LYS C 71 1.99 -20.01 -15.35
CA LYS C 71 0.81 -19.43 -14.74
C LYS C 71 -0.14 -19.00 -15.83
N LEU C 72 -1.31 -19.61 -15.89
CA LEU C 72 -2.39 -19.06 -16.70
C LEU C 72 -2.77 -17.72 -16.11
N ILE C 73 -2.47 -16.65 -16.79
CA ILE C 73 -2.60 -15.36 -16.15
C ILE C 73 -3.75 -14.56 -16.74
N SER C 74 -3.95 -13.38 -16.18
CA SER C 74 -5.07 -12.53 -16.54
C SER C 74 -4.98 -12.13 -18.00
N TYR C 75 -6.09 -12.27 -18.70
CA TYR C 75 -6.17 -11.96 -20.12
C TYR C 75 -5.96 -10.47 -20.34
N THR C 76 -5.55 -10.15 -21.56
CA THR C 76 -5.11 -8.81 -21.90
C THR C 76 -6.23 -7.79 -21.75
N LEU C 77 -7.39 -8.10 -22.30
CA LEU C 77 -8.58 -7.25 -22.22
C LEU C 77 -9.65 -8.05 -21.51
N PRO C 78 -9.73 -7.98 -20.19
CA PRO C 78 -10.72 -8.76 -19.44
C PRO C 78 -12.11 -8.13 -19.45
N VAL C 79 -12.91 -8.50 -20.45
CA VAL C 79 -14.32 -8.20 -20.46
C VAL C 79 -15.07 -9.53 -20.43
N VAL C 80 -16.36 -9.43 -20.17
CA VAL C 80 -17.24 -10.59 -20.06
C VAL C 80 -17.65 -11.00 -21.47
N GLY C 81 -17.32 -12.22 -21.86
CA GLY C 81 -17.60 -12.64 -23.21
C GLY C 81 -19.06 -12.98 -23.44
N GLN C 82 -19.61 -12.40 -24.49
CA GLN C 82 -20.96 -12.74 -24.91
C GLN C 82 -20.94 -14.14 -25.48
N SER C 83 -22.09 -14.82 -25.42
CA SER C 83 -22.13 -16.22 -25.81
C SER C 83 -22.04 -16.35 -27.32
N GLY C 84 -21.19 -17.26 -27.78
CA GLY C 84 -21.02 -17.49 -29.20
C GLY C 84 -20.04 -16.57 -29.88
N THR C 85 -19.71 -15.45 -29.26
CA THR C 85 -18.70 -14.51 -29.75
C THR C 85 -17.33 -15.15 -29.73
N CYS C 86 -16.62 -15.03 -30.84
CA CYS C 86 -15.26 -15.55 -30.94
C CYS C 86 -14.27 -14.40 -31.04
N ILE C 87 -13.06 -14.64 -30.56
CA ILE C 87 -11.96 -13.69 -30.62
C ILE C 87 -10.82 -14.33 -31.42
N THR C 88 -10.47 -13.68 -32.52
CA THR C 88 -9.49 -14.19 -33.48
C THR C 88 -8.53 -13.09 -33.88
N ASP C 89 -7.53 -13.50 -34.67
CA ASP C 89 -6.40 -12.72 -35.14
C ASP C 89 -5.67 -12.03 -34.01
N PRO C 90 -4.88 -12.74 -33.23
CA PRO C 90 -4.22 -12.12 -32.10
C PRO C 90 -2.85 -11.58 -32.47
N LEU C 91 -2.48 -10.52 -31.77
CA LEU C 91 -1.22 -9.84 -31.93
C LEU C 91 -0.70 -9.61 -30.53
N LEU C 92 0.57 -9.92 -30.30
CA LEU C 92 1.11 -9.71 -28.96
C LEU C 92 2.55 -9.28 -29.12
N ALA C 93 2.79 -7.99 -29.09
CA ALA C 93 4.11 -7.46 -29.35
C ALA C 93 4.63 -6.84 -28.08
N MET C 94 5.71 -7.37 -27.51
CA MET C 94 6.28 -6.81 -26.30
C MET C 94 7.69 -6.31 -26.56
N ASP C 95 7.93 -5.04 -26.26
CA ASP C 95 9.27 -4.48 -26.21
C ASP C 95 9.33 -3.39 -25.15
N GLU C 96 10.34 -3.50 -24.29
CA GLU C 96 10.72 -2.48 -23.31
C GLU C 96 9.63 -2.23 -22.28
N GLY C 97 9.01 -3.30 -21.79
CA GLY C 97 8.05 -3.15 -20.73
C GLY C 97 6.69 -2.66 -21.16
N TYR C 98 6.33 -2.85 -22.41
CA TYR C 98 5.01 -2.50 -22.90
C TYR C 98 4.59 -3.59 -23.86
N PHE C 99 3.31 -3.82 -23.97
CA PHE C 99 2.80 -4.75 -24.96
C PHE C 99 1.94 -3.98 -25.95
N ALA C 100 1.69 -4.59 -27.09
CA ALA C 100 0.56 -4.21 -27.92
C ALA C 100 -0.30 -5.43 -28.11
N TYR C 101 -1.57 -5.19 -28.36
CA TYR C 101 -2.51 -6.29 -28.46
C TYR C 101 -3.57 -5.92 -29.47
N SER C 102 -3.93 -6.86 -30.33
CA SER C 102 -5.03 -6.64 -31.22
C SER C 102 -5.75 -7.94 -31.46
N HIS C 103 -7.08 -7.91 -31.39
CA HIS C 103 -7.86 -9.09 -31.76
C HIS C 103 -9.14 -8.67 -32.44
N LEU C 104 -9.66 -9.59 -33.22
CA LEU C 104 -10.92 -9.39 -33.92
C LEU C 104 -12.02 -10.11 -33.17
N GLU C 105 -13.05 -9.37 -32.79
CA GLU C 105 -14.16 -9.91 -32.01
C GLU C 105 -15.29 -10.24 -32.97
N ARG C 106 -15.59 -11.52 -33.10
CA ARG C 106 -16.36 -12.01 -34.22
C ARG C 106 -17.56 -12.87 -33.78
N ILE C 107 -18.76 -12.40 -34.13
CA ILE C 107 -20.02 -13.04 -33.78
C ILE C 107 -20.19 -14.26 -34.66
N GLY C 108 -20.63 -15.36 -34.07
CA GLY C 108 -20.90 -16.52 -34.88
C GLY C 108 -19.74 -17.48 -34.85
N SER C 109 -19.18 -17.77 -36.01
CA SER C 109 -18.02 -18.65 -36.06
C SER C 109 -16.76 -17.85 -35.78
N CYS C 110 -15.61 -18.53 -35.80
CA CYS C 110 -14.34 -17.86 -35.66
C CYS C 110 -13.71 -17.54 -36.99
N SER C 111 -13.86 -18.41 -37.97
CA SER C 111 -13.22 -18.24 -39.26
C SER C 111 -13.97 -17.26 -40.14
N ARG C 112 -15.26 -17.51 -40.36
CA ARG C 112 -16.02 -16.76 -41.36
C ARG C 112 -17.21 -16.02 -40.76
N GLY C 113 -17.25 -15.86 -39.45
CA GLY C 113 -18.39 -15.25 -38.81
C GLY C 113 -18.43 -13.76 -39.02
N VAL C 114 -19.48 -13.16 -38.46
CA VAL C 114 -19.67 -11.72 -38.53
C VAL C 114 -18.72 -11.08 -37.53
N SER C 115 -17.83 -10.21 -38.00
CA SER C 115 -16.84 -9.60 -37.13
C SER C 115 -17.41 -8.34 -36.53
N LYS C 116 -17.50 -8.26 -35.20
CA LYS C 116 -18.15 -7.09 -34.65
C LYS C 116 -17.19 -6.00 -34.21
N GLN C 117 -15.98 -6.30 -33.73
CA GLN C 117 -15.01 -5.24 -33.56
C GLN C 117 -13.59 -5.79 -33.63
N ARG C 118 -12.70 -4.91 -34.06
CA ARG C 118 -11.26 -5.11 -34.01
C ARG C 118 -10.76 -4.31 -32.82
N ILE C 119 -10.08 -4.97 -31.93
CA ILE C 119 -9.37 -4.30 -30.86
C ILE C 119 -7.97 -4.12 -31.37
N ILE C 120 -7.37 -2.96 -31.12
CA ILE C 120 -5.95 -2.73 -31.32
C ILE C 120 -5.53 -1.95 -30.09
N GLY C 121 -4.88 -2.60 -29.15
CA GLY C 121 -4.67 -2.01 -27.84
C GLY C 121 -3.26 -2.20 -27.33
N VAL C 122 -2.77 -1.19 -26.61
CA VAL C 122 -1.44 -1.25 -26.04
C VAL C 122 -1.50 -0.95 -24.56
N GLY C 123 -0.48 -1.40 -23.85
CA GLY C 123 -0.43 -1.13 -22.43
C GLY C 123 0.92 -1.36 -21.80
N GLU C 124 0.92 -1.81 -20.55
CA GLU C 124 2.14 -2.03 -19.79
C GLU C 124 2.22 -3.48 -19.37
N VAL C 125 3.41 -4.06 -19.47
CA VAL C 125 3.66 -5.37 -18.93
C VAL C 125 4.18 -5.15 -17.52
N LEU C 126 3.28 -5.16 -16.54
CA LEU C 126 3.66 -4.88 -15.17
C LEU C 126 3.73 -6.17 -14.40
N ASP C 127 4.24 -6.07 -13.19
CA ASP C 127 4.14 -7.14 -12.22
C ASP C 127 2.73 -7.15 -11.66
N ARG C 128 2.06 -8.31 -11.69
CA ARG C 128 0.67 -8.29 -11.25
C ARG C 128 0.57 -8.16 -9.74
N GLY C 129 1.61 -8.53 -9.01
CA GLY C 129 1.64 -8.29 -7.58
C GLY C 129 2.27 -9.40 -6.79
N ASP C 130 2.14 -10.64 -7.23
CA ASP C 130 2.82 -11.75 -6.55
C ASP C 130 4.06 -12.18 -7.31
N GLU C 131 4.77 -11.20 -7.86
CA GLU C 131 6.00 -11.39 -8.64
C GLU C 131 5.74 -12.32 -9.83
N VAL C 132 4.62 -12.06 -10.50
CA VAL C 132 4.26 -12.70 -11.77
C VAL C 132 3.82 -11.56 -12.68
N PRO C 133 4.25 -11.52 -13.93
CA PRO C 133 3.85 -10.43 -14.81
C PRO C 133 2.56 -10.75 -15.54
N SER C 134 1.81 -9.69 -15.83
CA SER C 134 0.63 -9.81 -16.65
C SER C 134 0.38 -8.48 -17.33
N LEU C 135 -0.51 -8.49 -18.30
CA LEU C 135 -0.65 -7.40 -19.23
C LEU C 135 -1.75 -6.47 -18.77
N PHE C 136 -1.42 -5.24 -18.49
CA PHE C 136 -2.38 -4.27 -18.01
C PHE C 136 -2.60 -3.26 -19.12
N MET C 137 -3.75 -3.35 -19.77
CA MET C 137 -4.03 -2.52 -20.92
C MET C 137 -4.23 -1.08 -20.53
N THR C 138 -3.57 -0.17 -21.24
CA THR C 138 -3.72 1.25 -20.97
C THR C 138 -4.41 2.01 -22.08
N ASN C 139 -4.25 1.58 -23.32
CA ASN C 139 -4.82 2.25 -24.47
C ASN C 139 -5.41 1.19 -25.37
N VAL C 140 -6.60 1.44 -25.91
CA VAL C 140 -7.25 0.56 -26.87
C VAL C 140 -7.90 1.41 -27.93
N TRP C 141 -7.60 1.12 -29.19
CA TRP C 141 -8.26 1.74 -30.32
C TRP C 141 -9.07 0.70 -31.08
N THR C 142 -10.22 1.13 -31.56
CA THR C 142 -11.12 0.34 -32.38
C THR C 142 -11.34 1.02 -33.72
N PRO C 143 -11.10 0.33 -34.84
CA PRO C 143 -11.39 0.90 -36.15
C PRO C 143 -12.87 1.12 -36.32
N PRO C 144 -13.28 2.05 -37.18
CA PRO C 144 -14.71 2.17 -37.45
C PRO C 144 -15.29 0.93 -38.10
N ASN C 145 -14.54 0.24 -38.94
CA ASN C 145 -14.98 -1.02 -39.52
C ASN C 145 -13.99 -2.10 -39.10
N PRO C 146 -14.44 -3.17 -38.47
CA PRO C 146 -13.58 -4.33 -38.26
C PRO C 146 -13.41 -5.22 -39.47
N ASN C 147 -14.13 -5.00 -40.55
CA ASN C 147 -14.01 -5.86 -41.70
C ASN C 147 -12.93 -5.41 -42.67
N THR C 148 -12.37 -4.24 -42.46
CA THR C 148 -11.28 -3.77 -43.30
C THR C 148 -9.92 -4.15 -42.74
N VAL C 149 -9.70 -3.93 -41.46
CA VAL C 149 -8.38 -3.87 -40.88
C VAL C 149 -7.85 -5.30 -40.71
N TYR C 150 -6.84 -5.64 -41.50
CA TYR C 150 -6.28 -6.97 -41.59
C TYR C 150 -4.77 -6.92 -41.40
N HIS C 151 -4.24 -7.93 -40.72
CA HIS C 151 -2.81 -8.20 -40.57
C HIS C 151 -2.07 -7.00 -39.99
N CYS C 152 -2.36 -6.74 -38.74
CA CYS C 152 -1.61 -5.69 -38.10
C CYS C 152 -0.28 -6.22 -37.62
N SER C 153 0.68 -5.32 -37.46
CA SER C 153 1.96 -5.60 -36.83
C SER C 153 2.23 -4.47 -35.86
N ALA C 154 3.25 -4.62 -35.02
CA ALA C 154 3.48 -3.64 -33.98
C ALA C 154 4.94 -3.56 -33.59
N VAL C 155 5.40 -2.34 -33.27
CA VAL C 155 6.76 -2.02 -32.88
C VAL C 155 6.72 -0.95 -31.81
N TYR C 156 7.37 -1.18 -30.67
CA TYR C 156 7.54 -0.12 -29.69
C TYR C 156 8.61 0.83 -30.16
N ASN C 157 8.37 2.13 -29.99
CA ASN C 157 9.44 3.12 -30.06
C ASN C 157 8.98 4.40 -29.39
N ASN C 158 9.64 4.76 -28.28
CA ASN C 158 9.65 6.13 -27.73
C ASN C 158 8.26 6.61 -27.35
N GLU C 159 7.68 5.97 -26.32
CA GLU C 159 6.41 6.31 -25.70
C GLU C 159 5.23 6.19 -26.64
N PHE C 160 5.37 5.42 -27.71
CA PHE C 160 4.30 5.09 -28.63
C PHE C 160 4.49 3.66 -29.09
N TYR C 161 3.45 3.07 -29.61
CA TYR C 161 3.55 1.71 -30.06
C TYR C 161 3.03 1.69 -31.48
N TYR C 162 3.91 1.52 -32.44
CA TYR C 162 3.55 1.77 -33.83
C TYR C 162 2.90 0.53 -34.40
N VAL C 163 1.61 0.62 -34.65
CA VAL C 163 0.83 -0.50 -35.15
C VAL C 163 0.45 -0.23 -36.60
N LEU C 164 1.04 -1.02 -37.49
CA LEU C 164 0.86 -0.86 -38.92
C LEU C 164 -0.12 -1.90 -39.41
N CYS C 165 -1.16 -1.47 -40.13
CA CYS C 165 -2.22 -2.38 -40.53
C CYS C 165 -2.50 -2.21 -42.01
N ALA C 166 -3.15 -3.22 -42.57
CA ALA C 166 -3.50 -3.24 -43.98
C ALA C 166 -4.99 -3.05 -44.16
N VAL C 167 -5.39 -1.92 -44.74
CA VAL C 167 -6.79 -1.61 -44.97
C VAL C 167 -7.23 -2.29 -46.25
N SER C 168 -8.11 -3.28 -46.13
CA SER C 168 -8.65 -4.03 -47.25
C SER C 168 -10.12 -3.71 -47.43
N THR C 169 -10.64 -3.92 -48.63
CA THR C 169 -12.08 -4.01 -48.84
C THR C 169 -12.43 -5.26 -49.62
N VAL C 170 -11.49 -6.19 -49.77
CA VAL C 170 -11.71 -7.37 -50.58
C VAL C 170 -11.58 -8.63 -49.74
N GLY C 171 -11.60 -8.50 -48.43
CA GLY C 171 -11.38 -9.65 -47.60
C GLY C 171 -9.92 -9.76 -47.29
N ASP C 172 -9.46 -10.97 -46.98
CA ASP C 172 -8.09 -11.22 -46.56
C ASP C 172 -7.15 -10.89 -47.71
N PRO C 173 -6.33 -9.83 -47.60
CA PRO C 173 -5.51 -9.42 -48.73
C PRO C 173 -4.42 -10.38 -49.06
N ILE C 174 -4.19 -11.40 -48.26
CA ILE C 174 -3.54 -12.58 -48.77
C ILE C 174 -4.42 -13.25 -49.81
N LEU C 175 -5.66 -13.54 -49.45
CA LEU C 175 -6.50 -14.40 -50.27
C LEU C 175 -7.13 -13.68 -51.44
N ASN C 176 -7.21 -12.36 -51.40
CA ASN C 176 -7.73 -11.56 -52.50
C ASN C 176 -6.70 -10.52 -52.89
N SER C 177 -5.48 -11.00 -53.10
CA SER C 177 -4.31 -10.17 -53.27
C SER C 177 -4.31 -9.37 -54.55
N THR C 178 -4.89 -9.90 -55.62
CA THR C 178 -4.88 -9.17 -56.88
C THR C 178 -5.79 -7.97 -56.80
N TYR C 179 -6.95 -8.15 -56.23
CA TYR C 179 -7.93 -7.09 -56.09
C TYR C 179 -7.65 -6.22 -54.89
N TRP C 180 -6.65 -6.55 -54.09
CA TRP C 180 -6.36 -5.73 -52.93
C TRP C 180 -5.68 -4.44 -53.36
N SER C 181 -6.11 -3.33 -52.77
CA SER C 181 -5.71 -2.01 -53.25
C SER C 181 -4.30 -1.64 -52.83
N GLY C 182 -3.71 -2.37 -51.90
CA GLY C 182 -2.38 -2.08 -51.44
C GLY C 182 -2.30 -0.97 -50.43
N SER C 183 -3.44 -0.44 -49.99
CA SER C 183 -3.43 0.59 -48.97
C SER C 183 -3.05 -0.01 -47.63
N LEU C 184 -2.28 0.75 -46.87
CA LEU C 184 -1.94 0.38 -45.52
C LEU C 184 -2.38 1.49 -44.61
N MET C 185 -2.31 1.25 -43.31
CA MET C 185 -2.45 2.36 -42.38
C MET C 185 -1.59 2.04 -41.17
N MET C 186 -1.15 3.08 -40.50
CA MET C 186 -0.37 2.91 -39.29
C MET C 186 -1.11 3.59 -38.17
N THR C 187 -1.30 2.85 -37.08
CA THR C 187 -1.98 3.36 -35.90
C THR C 187 -0.96 3.53 -34.79
N ARG C 188 -0.72 4.78 -34.39
CA ARG C 188 0.22 5.09 -33.34
C ARG C 188 -0.53 5.18 -32.03
N LEU C 189 -0.25 4.24 -31.14
CA LEU C 189 -0.94 4.15 -29.86
C LEU C 189 0.06 4.48 -28.76
N ALA C 190 -0.23 5.53 -28.00
CA ALA C 190 0.62 5.85 -26.88
C ALA C 190 0.46 4.80 -25.80
N VAL C 191 1.56 4.43 -25.15
CA VAL C 191 1.49 3.48 -24.05
C VAL C 191 1.28 4.14 -22.71
N LYS C 192 1.46 5.44 -22.60
CA LYS C 192 1.10 6.20 -21.42
C LYS C 192 0.07 7.22 -21.85
N PRO C 193 -1.18 6.82 -22.06
CA PRO C 193 -2.14 7.74 -22.65
C PRO C 193 -2.58 8.80 -21.65
N LYS C 194 -2.63 10.04 -22.11
CA LYS C 194 -2.94 11.16 -21.26
C LYS C 194 -4.45 11.27 -21.08
N SER C 195 -4.89 12.35 -20.41
CA SER C 195 -6.31 12.59 -20.28
C SER C 195 -6.87 13.18 -21.58
N ASN C 196 -6.43 14.38 -21.92
CA ASN C 196 -6.80 15.02 -23.17
C ASN C 196 -5.80 14.59 -24.25
N GLY C 197 -5.80 15.29 -25.39
CA GLY C 197 -4.77 15.08 -26.38
C GLY C 197 -4.95 13.78 -27.14
N GLY C 198 -6.01 13.71 -27.94
CA GLY C 198 -6.29 12.50 -28.70
C GLY C 198 -5.23 12.21 -29.74
N GLY C 199 -4.59 13.26 -30.28
CA GLY C 199 -3.49 13.05 -31.19
C GLY C 199 -2.28 12.45 -30.52
N TYR C 200 -2.07 12.78 -29.24
CA TYR C 200 -1.03 12.10 -28.50
C TYR C 200 -1.43 10.67 -28.18
N ASN C 201 -2.70 10.43 -27.89
CA ASN C 201 -3.12 9.14 -27.37
C ASN C 201 -3.14 8.11 -28.47
N GLN C 202 -3.92 8.37 -29.50
CA GLN C 202 -4.13 7.45 -30.61
C GLN C 202 -4.01 8.23 -31.89
N HIS C 203 -3.06 7.87 -32.74
CA HIS C 203 -2.88 8.59 -33.99
C HIS C 203 -2.89 7.59 -35.13
N GLN C 204 -3.54 7.96 -36.20
CA GLN C 204 -3.60 7.16 -37.41
C GLN C 204 -2.69 7.81 -38.44
N LEU C 205 -1.68 7.07 -38.89
CA LEU C 205 -0.65 7.59 -39.79
C LEU C 205 -0.90 7.09 -41.19
N ALA C 206 -1.22 8.02 -42.10
CA ALA C 206 -1.49 7.66 -43.47
C ALA C 206 -0.18 7.47 -44.22
N LEU C 207 -0.16 6.48 -45.09
CA LEU C 207 1.04 6.10 -45.81
C LEU C 207 0.82 6.32 -47.28
N ARG C 208 1.04 7.54 -47.73
CA ARG C 208 0.78 7.89 -49.11
C ARG C 208 2.05 7.84 -49.95
N SER C 209 3.16 7.47 -49.35
CA SER C 209 4.40 7.20 -50.08
C SER C 209 4.92 5.86 -49.61
N ILE C 210 4.96 4.88 -50.51
CA ILE C 210 5.32 3.51 -50.19
C ILE C 210 6.32 3.05 -51.24
N GLU C 211 7.57 2.86 -50.84
CA GLU C 211 8.56 2.33 -51.76
C GLU C 211 8.47 0.83 -51.73
N LYS C 212 7.61 0.31 -52.59
CA LYS C 212 7.56 -1.12 -52.85
C LYS C 212 8.84 -1.66 -53.44
N GLY C 213 9.58 -0.82 -54.15
CA GLY C 213 10.71 -1.33 -54.89
C GLY C 213 10.18 -2.07 -56.09
N ARG C 214 10.72 -3.26 -56.31
CA ARG C 214 10.31 -4.08 -57.43
C ARG C 214 8.92 -4.65 -57.23
N TYR C 215 8.39 -4.58 -56.03
CA TYR C 215 7.20 -5.37 -55.70
C TYR C 215 5.93 -4.63 -56.05
N ASP C 216 4.84 -5.38 -56.09
CA ASP C 216 3.59 -4.86 -56.59
C ASP C 216 2.71 -4.37 -55.46
N LYS C 217 2.75 -5.05 -54.30
CA LYS C 217 1.98 -4.72 -53.10
C LYS C 217 2.67 -5.23 -51.85
N VAL C 218 2.85 -4.36 -50.86
CA VAL C 218 3.51 -4.73 -49.62
C VAL C 218 2.57 -4.48 -48.45
N MET C 219 2.63 -5.33 -47.43
CA MET C 219 1.77 -5.17 -46.26
C MET C 219 2.45 -5.77 -45.05
N PRO C 220 2.13 -5.29 -43.84
CA PRO C 220 2.66 -5.92 -42.64
C PRO C 220 2.00 -7.25 -42.41
N TYR C 221 2.78 -8.21 -41.96
CA TYR C 221 2.28 -9.57 -41.93
C TYR C 221 3.08 -10.30 -40.87
N GLY C 222 2.52 -10.36 -39.67
CA GLY C 222 3.21 -10.86 -38.52
C GLY C 222 3.03 -9.93 -37.34
N PRO C 223 3.17 -10.46 -36.13
CA PRO C 223 2.79 -9.71 -34.93
C PRO C 223 3.66 -8.54 -34.57
N SER C 224 4.95 -8.80 -34.50
CA SER C 224 5.85 -7.93 -33.74
C SER C 224 7.11 -7.65 -34.54
N GLY C 225 7.55 -6.40 -34.50
CA GLY C 225 8.77 -6.01 -35.17
C GLY C 225 9.85 -5.51 -34.24
N ILE C 226 10.84 -4.79 -34.75
CA ILE C 226 11.87 -4.15 -33.93
C ILE C 226 11.91 -2.67 -34.25
N LYS C 227 12.57 -1.95 -33.37
CA LYS C 227 13.05 -0.63 -33.67
C LYS C 227 14.57 -0.69 -33.73
N GLN C 228 15.15 0.25 -34.43
CA GLN C 228 16.58 0.55 -34.33
C GLN C 228 16.65 2.07 -34.36
N GLY C 229 16.68 2.65 -33.17
CA GLY C 229 16.79 4.09 -33.08
C GLY C 229 15.51 4.78 -33.45
N ASP C 230 15.48 5.35 -34.64
CA ASP C 230 14.32 6.03 -35.15
C ASP C 230 13.65 5.28 -36.28
N THR C 231 13.95 4.01 -36.47
CA THR C 231 13.50 3.33 -37.66
C THR C 231 12.77 2.06 -37.30
N LEU C 232 11.51 1.99 -37.66
CA LEU C 232 10.69 0.86 -37.30
C LEU C 232 10.86 -0.18 -38.37
N TYR C 233 10.96 -1.43 -37.98
CA TYR C 233 11.12 -2.48 -38.97
C TYR C 233 10.05 -3.53 -38.67
N PHE C 234 8.87 -3.30 -39.21
CA PHE C 234 7.79 -4.27 -39.07
C PHE C 234 8.13 -5.48 -39.90
N PRO C 235 7.70 -6.66 -39.54
CA PRO C 235 7.75 -7.77 -40.48
C PRO C 235 6.71 -7.50 -41.55
N ALA C 236 6.91 -8.10 -42.71
CA ALA C 236 6.04 -7.80 -43.83
C ALA C 236 6.06 -8.96 -44.79
N VAL C 237 5.29 -8.80 -45.85
CA VAL C 237 5.33 -9.67 -47.02
C VAL C 237 5.09 -8.76 -48.21
N GLY C 238 5.76 -9.07 -49.31
CA GLY C 238 5.64 -8.31 -50.52
C GLY C 238 4.99 -9.17 -51.57
N PHE C 239 4.06 -8.58 -52.29
CA PHE C 239 3.39 -9.27 -53.38
C PHE C 239 4.14 -8.90 -54.64
N LEU C 240 4.89 -9.83 -55.16
CA LEU C 240 5.50 -9.68 -56.47
C LEU C 240 4.73 -10.54 -57.44
N VAL C 241 4.49 -9.99 -58.64
CA VAL C 241 3.92 -10.75 -59.74
C VAL C 241 4.76 -11.98 -60.01
N ARG C 242 4.10 -13.11 -60.24
CA ARG C 242 4.76 -14.40 -60.12
C ARG C 242 5.79 -14.63 -61.21
N THR C 243 5.50 -14.21 -62.43
CA THR C 243 6.44 -14.44 -63.53
C THR C 243 7.67 -13.56 -63.40
N GLU C 244 7.59 -12.50 -62.62
CA GLU C 244 8.73 -11.65 -62.36
C GLU C 244 9.69 -12.30 -61.36
N PHE C 245 9.28 -13.33 -60.66
CA PHE C 245 10.08 -13.91 -59.60
C PHE C 245 11.22 -14.75 -60.16
N LYS C 246 12.45 -14.32 -59.89
CA LYS C 246 13.61 -15.09 -60.30
C LYS C 246 13.85 -16.20 -59.30
N TYR C 247 13.94 -17.42 -59.80
CA TYR C 247 14.31 -18.56 -58.97
C TYR C 247 14.87 -19.65 -59.85
N ASN C 248 16.17 -19.87 -59.80
CA ASN C 248 16.74 -21.01 -60.48
C ASN C 248 16.34 -22.27 -59.73
N ASP C 249 15.77 -23.22 -60.46
CA ASP C 249 15.31 -24.45 -59.85
C ASP C 249 16.43 -25.34 -59.38
N SER C 250 17.67 -25.03 -59.73
CA SER C 250 18.79 -25.70 -59.09
C SER C 250 18.89 -25.34 -57.62
N ASN C 251 18.35 -24.20 -57.21
CA ASN C 251 18.42 -23.79 -55.83
C ASN C 251 17.27 -24.28 -54.98
N CYS C 252 16.49 -25.24 -55.48
CA CYS C 252 15.47 -25.87 -54.67
C CYS C 252 16.00 -27.16 -54.08
N PRO C 253 16.09 -27.28 -52.76
CA PRO C 253 16.81 -28.42 -52.17
C PRO C 253 16.07 -29.73 -52.25
N ILE C 254 16.18 -30.41 -53.39
CA ILE C 254 15.41 -31.62 -53.62
C ILE C 254 16.24 -32.89 -53.44
N THR C 255 17.51 -32.77 -53.07
CA THR C 255 18.27 -33.97 -52.80
C THR C 255 17.80 -34.61 -51.50
N LYS C 256 18.04 -35.92 -51.39
CA LYS C 256 17.52 -36.79 -50.34
C LYS C 256 15.99 -36.74 -50.33
N CYS C 257 15.39 -36.58 -51.50
CA CYS C 257 13.96 -36.69 -51.67
C CYS C 257 13.70 -37.49 -52.93
N GLN C 258 12.48 -37.96 -53.08
CA GLN C 258 12.04 -38.54 -54.34
C GLN C 258 10.72 -38.01 -54.82
N TYR C 259 10.01 -37.23 -54.01
CA TYR C 259 8.67 -36.82 -54.35
C TYR C 259 8.56 -35.31 -54.43
N SER C 260 9.68 -34.65 -54.66
CA SER C 260 9.72 -33.22 -54.91
C SER C 260 10.10 -32.97 -56.35
N LYS C 261 9.22 -32.49 -57.07
CA LYS C 261 9.60 -31.90 -58.33
C LYS C 261 10.40 -30.64 -58.08
N PRO C 262 11.46 -30.40 -58.85
CA PRO C 262 12.34 -29.27 -58.57
C PRO C 262 11.77 -27.90 -58.87
N GLU C 263 10.49 -27.77 -59.18
CA GLU C 263 9.90 -26.45 -59.27
C GLU C 263 9.01 -26.12 -58.07
N ASN C 264 8.97 -27.00 -57.07
CA ASN C 264 8.04 -26.83 -55.95
C ASN C 264 8.37 -25.60 -55.14
N CYS C 265 9.67 -25.31 -54.97
CA CYS C 265 10.10 -24.13 -54.24
C CYS C 265 9.61 -22.85 -54.90
N ARG C 266 9.64 -22.82 -56.22
CA ARG C 266 9.18 -21.65 -56.95
C ARG C 266 7.67 -21.58 -56.95
N LEU C 267 7.01 -22.73 -57.05
CA LEU C 267 5.55 -22.73 -57.10
C LEU C 267 4.95 -22.29 -55.78
N SER C 268 5.46 -22.82 -54.67
CA SER C 268 4.80 -22.62 -53.39
C SER C 268 5.00 -21.25 -52.80
N MET C 269 5.70 -20.34 -53.47
CA MET C 269 5.83 -19.03 -52.88
C MET C 269 4.67 -18.11 -53.17
N GLY C 270 3.80 -18.49 -54.06
CA GLY C 270 2.45 -17.99 -54.03
C GLY C 270 1.61 -18.91 -53.22
N ILE C 271 0.36 -18.53 -53.01
CA ILE C 271 -0.56 -19.35 -52.22
C ILE C 271 -0.79 -20.69 -52.88
N ARG C 272 -1.32 -20.66 -54.04
CA ARG C 272 -1.59 -21.81 -54.87
C ARG C 272 -0.68 -21.76 -56.08
N PRO C 273 -0.35 -22.89 -56.68
CA PRO C 273 0.66 -22.85 -57.74
C PRO C 273 0.11 -22.46 -59.09
N ASN C 274 -0.81 -21.52 -59.11
CA ASN C 274 -1.09 -20.72 -60.29
C ASN C 274 -1.45 -19.31 -59.88
N SER C 275 -1.07 -18.91 -58.66
CA SER C 275 -1.47 -17.64 -58.10
C SER C 275 -0.86 -16.51 -58.89
N HIS C 276 -1.53 -15.37 -58.87
CA HIS C 276 -1.00 -14.23 -59.59
C HIS C 276 0.21 -13.65 -58.90
N TYR C 277 0.29 -13.78 -57.57
CA TYR C 277 1.41 -13.22 -56.83
C TYR C 277 2.24 -14.30 -56.18
N ILE C 278 3.44 -13.87 -55.78
CA ILE C 278 4.32 -14.62 -54.90
C ILE C 278 4.52 -13.82 -53.64
N LEU C 279 4.44 -14.51 -52.50
CA LEU C 279 4.58 -13.91 -51.19
C LEU C 279 6.03 -14.03 -50.76
N ARG C 280 6.72 -12.91 -50.65
CA ARG C 280 8.13 -12.90 -50.25
C ARG C 280 8.23 -12.20 -48.91
N SER C 281 8.74 -12.91 -47.91
CA SER C 281 8.83 -12.39 -46.57
C SER C 281 9.85 -11.27 -46.52
N GLY C 282 9.78 -10.47 -45.47
CA GLY C 282 10.74 -9.38 -45.37
C GLY C 282 10.39 -8.42 -44.27
N LEU C 283 10.73 -7.16 -44.48
CA LEU C 283 10.44 -6.15 -43.50
C LEU C 283 9.83 -4.93 -44.17
N LEU C 284 9.27 -4.03 -43.38
CA LEU C 284 8.93 -2.70 -43.86
C LEU C 284 9.69 -1.67 -43.05
N LYS C 285 10.67 -1.04 -43.69
CA LYS C 285 11.42 0.04 -43.06
C LYS C 285 10.49 1.21 -42.86
N TYR C 286 10.66 1.93 -41.76
CA TYR C 286 9.89 3.14 -41.54
C TYR C 286 10.76 4.08 -40.72
N ASN C 287 11.56 4.89 -41.40
CA ASN C 287 12.41 5.86 -40.73
C ASN C 287 11.52 7.01 -40.30
N LEU C 288 11.43 7.21 -39.00
CA LEU C 288 10.58 8.24 -38.41
C LEU C 288 11.13 9.64 -38.60
N SER C 289 12.38 9.78 -39.04
CA SER C 289 13.02 11.08 -39.18
C SER C 289 12.90 11.64 -40.59
N ASP C 290 12.01 11.09 -41.41
CA ASP C 290 11.96 11.47 -42.82
C ASP C 290 11.19 12.77 -43.00
N GLY C 291 10.09 12.95 -42.30
CA GLY C 291 9.40 14.21 -42.35
C GLY C 291 8.00 14.08 -41.80
N GLU C 292 7.12 14.91 -42.34
CA GLU C 292 5.70 14.79 -42.05
C GLU C 292 5.01 13.75 -42.94
N ASN C 293 5.73 13.21 -43.93
CA ASN C 293 5.24 12.08 -44.72
C ASN C 293 6.34 11.04 -44.86
N PRO C 294 6.55 10.20 -43.85
CA PRO C 294 7.63 9.21 -43.94
C PRO C 294 7.22 8.01 -44.77
N LYS C 295 8.08 7.66 -45.73
CA LYS C 295 7.80 6.56 -46.62
C LYS C 295 8.14 5.23 -45.98
N VAL C 296 7.59 4.16 -46.54
CA VAL C 296 7.63 2.85 -45.95
C VAL C 296 8.37 1.95 -46.89
N VAL C 297 9.68 1.84 -46.70
CA VAL C 297 10.52 1.11 -47.62
C VAL C 297 10.36 -0.38 -47.31
N PHE C 298 10.12 -1.16 -48.33
CA PHE C 298 10.10 -2.60 -48.14
C PHE C 298 11.53 -3.10 -48.15
N ILE C 299 11.79 -4.11 -47.33
CA ILE C 299 13.12 -4.73 -47.27
C ILE C 299 12.91 -6.22 -47.43
N GLU C 300 13.24 -6.73 -48.60
CA GLU C 300 12.99 -8.13 -48.90
C GLU C 300 13.96 -9.02 -48.15
N ILE C 301 13.50 -10.20 -47.81
CA ILE C 301 14.35 -11.11 -47.08
C ILE C 301 15.28 -11.77 -48.09
N SER C 302 16.45 -12.19 -47.61
CA SER C 302 17.45 -12.74 -48.49
C SER C 302 16.98 -14.07 -49.01
N ASP C 303 17.54 -14.43 -50.13
CA ASP C 303 17.08 -15.55 -50.90
C ASP C 303 17.66 -16.88 -50.44
N GLN C 304 18.07 -17.01 -49.19
CA GLN C 304 18.56 -18.28 -48.70
C GLN C 304 17.50 -18.99 -47.86
N ARG C 305 17.34 -20.31 -48.10
CA ARG C 305 16.24 -21.12 -47.57
C ARG C 305 14.89 -20.48 -47.81
N LEU C 306 14.64 -20.05 -49.04
CA LEU C 306 13.53 -19.16 -49.28
C LEU C 306 12.22 -19.92 -49.29
N SER C 307 11.27 -19.46 -48.49
CA SER C 307 9.93 -20.00 -48.39
C SER C 307 8.93 -18.89 -48.67
N ILE C 308 7.65 -19.27 -48.67
CA ILE C 308 6.59 -18.30 -48.89
C ILE C 308 6.53 -17.34 -47.71
N GLY C 309 6.35 -16.07 -48.01
CA GLY C 309 6.32 -15.09 -46.97
C GLY C 309 5.13 -15.26 -46.07
N SER C 310 5.40 -15.81 -44.91
CA SER C 310 4.46 -16.17 -43.87
C SER C 310 4.52 -15.10 -42.81
N PRO C 311 3.54 -15.01 -41.90
CA PRO C 311 3.57 -13.91 -40.93
C PRO C 311 4.71 -14.11 -39.96
N SER C 312 5.52 -13.10 -39.83
CA SER C 312 6.85 -13.28 -39.33
C SER C 312 7.09 -12.30 -38.20
N LYS C 313 8.22 -12.42 -37.53
CA LYS C 313 8.42 -11.61 -36.34
C LYS C 313 9.90 -11.34 -36.19
N ILE C 314 10.30 -10.11 -36.30
CA ILE C 314 11.64 -9.72 -35.92
C ILE C 314 11.56 -9.18 -34.51
N TYR C 315 12.45 -9.62 -33.64
CA TYR C 315 12.41 -9.14 -32.26
C TYR C 315 13.84 -8.94 -31.82
N ASP C 316 14.03 -8.01 -30.89
CA ASP C 316 15.38 -7.71 -30.41
C ASP C 316 15.58 -8.41 -29.08
N SER C 317 16.28 -9.53 -29.11
CA SER C 317 16.59 -10.34 -27.94
C SER C 317 18.10 -10.38 -27.76
N LEU C 318 18.57 -9.88 -26.62
CA LEU C 318 19.98 -9.89 -26.21
C LEU C 318 20.86 -9.18 -27.25
N GLY C 319 20.55 -7.90 -27.45
CA GLY C 319 21.35 -7.00 -28.25
C GLY C 319 21.13 -7.07 -29.74
N GLN C 320 21.12 -8.26 -30.34
CA GLN C 320 21.13 -8.40 -31.77
C GLN C 320 19.74 -8.88 -32.18
N PRO C 321 19.15 -8.30 -33.22
CA PRO C 321 17.79 -8.70 -33.61
C PRO C 321 17.73 -10.13 -34.11
N VAL C 322 16.71 -10.82 -33.66
CA VAL C 322 16.38 -12.15 -34.12
C VAL C 322 15.12 -12.03 -34.95
N PHE C 323 15.13 -12.64 -36.11
CA PHE C 323 13.98 -12.67 -36.99
C PHE C 323 13.36 -14.05 -36.87
N TYR C 324 12.04 -14.10 -36.71
CA TYR C 324 11.27 -15.33 -36.79
C TYR C 324 10.38 -15.24 -38.00
N GLN C 325 10.41 -16.27 -38.85
CA GLN C 325 9.48 -16.41 -39.94
C GLN C 325 8.71 -17.70 -39.74
N ALA C 326 7.39 -17.64 -39.85
CA ALA C 326 6.57 -18.82 -39.68
C ALA C 326 6.76 -19.77 -40.84
N SER C 327 6.43 -21.02 -40.61
CA SER C 327 6.64 -22.05 -41.62
C SER C 327 5.30 -22.33 -42.29
N PHE C 328 4.93 -21.50 -43.26
CA PHE C 328 3.74 -21.78 -44.05
C PHE C 328 4.09 -22.46 -45.35
N SER C 329 5.20 -23.17 -45.39
CA SER C 329 5.62 -23.70 -46.67
C SER C 329 5.91 -25.17 -46.53
N TRP C 330 6.59 -25.72 -47.51
CA TRP C 330 7.11 -27.07 -47.37
C TRP C 330 8.16 -27.15 -46.28
N ASP C 331 8.88 -26.06 -46.05
CA ASP C 331 9.95 -26.03 -45.05
C ASP C 331 9.27 -25.79 -43.72
N THR C 332 9.08 -26.88 -42.96
CA THR C 332 8.26 -26.81 -41.77
C THR C 332 9.03 -26.61 -40.49
N MET C 333 10.35 -26.84 -40.49
CA MET C 333 11.13 -26.60 -39.29
C MET C 333 11.11 -25.13 -38.95
N ILE C 334 11.34 -24.83 -37.68
CA ILE C 334 11.28 -23.45 -37.25
C ILE C 334 12.43 -22.71 -37.92
N LYS C 335 12.11 -21.54 -38.43
CA LYS C 335 12.95 -20.83 -39.35
C LYS C 335 13.14 -19.50 -38.68
N PHE C 336 14.13 -19.43 -37.82
CA PHE C 336 14.42 -18.19 -37.15
C PHE C 336 15.91 -18.13 -36.89
N GLY C 337 16.42 -16.94 -36.58
CA GLY C 337 17.83 -16.80 -36.34
C GLY C 337 18.22 -15.34 -36.34
N ASP C 338 19.52 -15.11 -36.24
CA ASP C 338 20.02 -13.75 -36.11
C ASP C 338 19.93 -12.98 -37.42
N VAL C 339 19.44 -11.76 -37.30
CA VAL C 339 19.52 -10.78 -38.37
C VAL C 339 20.97 -10.36 -38.48
N LEU C 340 21.65 -10.78 -39.54
CA LEU C 340 23.01 -10.34 -39.74
C LEU C 340 23.03 -8.86 -40.08
N THR C 341 22.24 -8.46 -41.07
CA THR C 341 22.08 -7.07 -41.44
C THR C 341 20.60 -6.84 -41.66
N VAL C 342 20.11 -5.66 -41.30
CA VAL C 342 18.69 -5.41 -41.46
C VAL C 342 18.38 -5.03 -42.90
N ASN C 343 19.13 -4.10 -43.47
CA ASN C 343 18.82 -3.54 -44.78
C ASN C 343 20.12 -3.53 -45.57
N PRO C 344 20.40 -4.55 -46.40
CA PRO C 344 19.70 -5.75 -46.83
C PRO C 344 19.50 -6.74 -45.73
N LEU C 345 18.55 -7.64 -45.87
CA LEU C 345 18.11 -8.51 -44.79
C LEU C 345 18.59 -9.93 -45.05
N VAL C 346 19.78 -10.27 -44.57
CA VAL C 346 20.27 -11.63 -44.61
C VAL C 346 20.18 -12.19 -43.21
N VAL C 347 19.57 -13.36 -43.05
CA VAL C 347 19.34 -13.93 -41.75
C VAL C 347 19.97 -15.31 -41.69
N ASN C 348 20.90 -15.50 -40.78
CA ASN C 348 21.44 -16.82 -40.49
C ASN C 348 20.36 -17.62 -39.81
N TRP C 349 19.70 -18.51 -40.53
CA TRP C 349 18.69 -19.33 -39.92
C TRP C 349 19.36 -20.42 -39.10
N ARG C 350 18.73 -20.77 -37.99
CA ARG C 350 19.28 -21.83 -37.18
C ARG C 350 19.02 -23.16 -37.85
N ASN C 351 19.82 -24.16 -37.50
CA ASN C 351 19.65 -25.49 -38.08
C ASN C 351 18.87 -26.37 -37.11
N ASN C 352 17.66 -25.93 -36.80
CA ASN C 352 16.80 -26.65 -35.87
C ASN C 352 16.35 -27.97 -36.45
N THR C 353 16.54 -29.03 -35.69
CA THR C 353 16.01 -30.32 -36.08
C THR C 353 14.92 -30.79 -35.14
N VAL C 354 14.42 -29.92 -34.27
CA VAL C 354 13.51 -30.36 -33.23
C VAL C 354 12.19 -29.58 -33.22
N ILE C 355 12.13 -28.36 -33.72
CA ILE C 355 10.92 -27.56 -33.58
C ILE C 355 10.33 -27.35 -34.96
N SER C 356 9.03 -27.57 -35.07
CA SER C 356 8.30 -27.42 -36.30
C SER C 356 6.94 -26.82 -35.99
N ARG C 357 6.02 -26.95 -36.92
CA ARG C 357 4.62 -26.60 -36.73
C ARG C 357 3.75 -27.75 -37.22
N PRO C 358 2.47 -27.77 -36.87
CA PRO C 358 1.55 -28.68 -37.52
C PRO C 358 0.86 -28.12 -38.75
N GLY C 359 0.90 -28.89 -39.84
CA GLY C 359 0.16 -28.54 -41.02
C GLY C 359 -0.70 -29.69 -41.49
N GLN C 360 -1.21 -29.65 -42.70
CA GLN C 360 -2.14 -30.68 -43.15
C GLN C 360 -1.34 -31.86 -43.68
N SER C 361 -1.99 -32.75 -44.42
CA SER C 361 -1.33 -33.97 -44.89
C SER C 361 -0.28 -33.71 -45.95
N GLN C 362 -0.33 -32.55 -46.60
CA GLN C 362 0.65 -32.24 -47.64
C GLN C 362 2.00 -31.91 -47.02
N CYS C 363 2.02 -30.97 -46.08
CA CYS C 363 3.23 -30.52 -45.40
C CYS C 363 3.04 -30.73 -43.91
N PRO C 364 3.29 -31.92 -43.40
CA PRO C 364 3.06 -32.19 -41.99
C PRO C 364 4.10 -31.57 -41.08
N ARG C 365 4.08 -31.92 -39.80
CA ARG C 365 5.19 -31.58 -38.93
C ARG C 365 6.40 -32.41 -39.32
N PHE C 366 7.59 -31.83 -39.14
CA PHE C 366 8.89 -32.40 -39.52
C PHE C 366 8.94 -32.69 -41.02
N ASN C 367 8.83 -31.64 -41.81
CA ASN C 367 8.94 -31.75 -43.25
C ASN C 367 9.97 -30.73 -43.73
N THR C 368 11.01 -31.23 -44.37
CA THR C 368 12.04 -30.40 -44.98
C THR C 368 12.13 -30.63 -46.48
N CYS C 369 11.09 -31.22 -47.08
CA CYS C 369 11.20 -31.56 -48.48
C CYS C 369 10.18 -30.75 -49.26
N PRO C 370 10.50 -30.31 -50.48
CA PRO C 370 9.58 -29.44 -51.22
C PRO C 370 8.31 -30.10 -51.72
N GLU C 371 7.20 -29.64 -51.15
CA GLU C 371 5.86 -29.98 -51.56
C GLU C 371 5.10 -28.68 -51.74
N ILE C 372 4.12 -28.68 -52.62
CA ILE C 372 3.35 -27.48 -52.89
C ILE C 372 2.28 -27.39 -51.83
N CYS C 373 2.39 -26.43 -50.93
CA CYS C 373 1.38 -26.28 -49.90
C CYS C 373 1.41 -24.86 -49.37
N TRP C 374 0.29 -24.43 -48.81
CA TRP C 374 0.24 -23.19 -48.05
C TRP C 374 -0.50 -23.52 -46.77
N GLU C 375 0.21 -24.04 -45.80
CA GLU C 375 -0.45 -24.49 -44.59
C GLU C 375 0.56 -24.47 -43.47
N GLY C 376 0.05 -24.32 -42.26
CA GLY C 376 0.89 -24.19 -41.09
C GLY C 376 0.46 -23.04 -40.23
N VAL C 377 1.06 -23.00 -39.05
CA VAL C 377 0.61 -22.09 -38.00
C VAL C 377 1.80 -21.30 -37.51
N TYR C 378 1.49 -20.18 -36.89
CA TYR C 378 2.49 -19.29 -36.35
C TYR C 378 2.78 -19.72 -34.91
N ASN C 379 3.92 -20.32 -34.66
CA ASN C 379 4.33 -20.65 -33.31
C ASN C 379 5.70 -20.04 -33.09
N ASP C 380 5.77 -18.84 -32.54
CA ASP C 380 7.08 -18.19 -32.56
C ASP C 380 7.96 -18.74 -31.46
N ALA C 381 9.19 -18.24 -31.42
CA ALA C 381 10.15 -18.62 -30.40
C ALA C 381 10.96 -17.39 -30.06
N PHE C 382 10.95 -17.00 -28.80
CA PHE C 382 11.74 -15.89 -28.35
C PHE C 382 13.10 -16.42 -27.94
N LEU C 383 14.17 -15.72 -28.30
CA LEU C 383 15.50 -16.11 -27.88
C LEU C 383 15.73 -15.72 -26.43
N ILE C 384 16.05 -16.69 -25.58
CA ILE C 384 16.23 -16.35 -24.18
C ILE C 384 17.71 -16.32 -23.80
N ASP C 385 18.52 -17.20 -24.37
CA ASP C 385 19.94 -17.22 -24.06
C ASP C 385 20.70 -17.20 -25.37
N ARG C 386 21.55 -16.19 -25.55
CA ARG C 386 22.25 -16.02 -26.81
C ARG C 386 23.55 -16.80 -26.85
N ILE C 387 24.18 -17.00 -25.69
CA ILE C 387 25.49 -17.62 -25.64
C ILE C 387 25.39 -19.08 -26.02
N ASN C 388 24.38 -19.77 -25.54
CA ASN C 388 24.18 -21.17 -25.91
C ASN C 388 23.16 -21.33 -27.02
N TRP C 389 22.58 -20.22 -27.47
CA TRP C 389 21.46 -20.17 -28.41
C TRP C 389 20.30 -21.04 -27.92
N ILE C 390 19.70 -20.61 -26.82
CA ILE C 390 18.53 -21.25 -26.25
C ILE C 390 17.34 -20.33 -26.47
N SER C 391 16.24 -20.89 -26.96
CA SER C 391 15.04 -20.12 -27.24
C SER C 391 13.81 -20.80 -26.68
N ALA C 392 12.76 -20.01 -26.54
CA ALA C 392 11.56 -20.42 -25.82
C ALA C 392 10.31 -19.98 -26.57
N GLY C 393 9.36 -20.90 -26.73
CA GLY C 393 8.10 -20.51 -27.31
C GLY C 393 7.09 -21.63 -27.15
N VAL C 394 5.87 -21.36 -27.59
CA VAL C 394 4.76 -22.31 -27.46
C VAL C 394 4.55 -23.01 -28.78
N PHE C 395 4.75 -24.33 -28.80
CA PHE C 395 4.72 -25.05 -30.05
C PHE C 395 3.72 -26.19 -29.96
N LEU C 396 2.87 -26.30 -30.97
CA LEU C 396 1.83 -27.29 -30.95
C LEU C 396 2.44 -28.65 -31.20
N ASP C 397 1.99 -29.64 -30.44
CA ASP C 397 2.71 -30.89 -30.38
C ASP C 397 1.85 -32.01 -30.96
N SER C 398 1.32 -31.78 -32.14
CA SER C 398 0.72 -32.86 -32.91
C SER C 398 1.18 -32.70 -34.35
N ASN C 399 1.28 -33.82 -35.06
CA ASN C 399 1.83 -33.78 -36.41
C ASN C 399 0.87 -33.07 -37.37
N GLN C 400 -0.31 -33.63 -37.59
CA GLN C 400 -1.18 -33.08 -38.62
C GLN C 400 -2.31 -32.19 -38.08
N THR C 401 -2.57 -32.17 -36.79
CA THR C 401 -3.65 -31.36 -36.27
C THR C 401 -3.08 -30.24 -35.43
N ALA C 402 -3.85 -29.17 -35.29
CA ALA C 402 -3.37 -27.98 -34.60
C ALA C 402 -3.82 -28.04 -33.15
N GLU C 403 -3.13 -28.83 -32.35
CA GLU C 403 -3.55 -29.05 -30.98
C GLU C 403 -2.32 -29.28 -30.10
N ASN C 404 -2.58 -29.45 -28.80
CA ASN C 404 -1.64 -29.69 -27.71
C ASN C 404 -0.63 -28.56 -27.59
N PRO C 405 -1.02 -27.36 -27.15
CA PRO C 405 -0.05 -26.27 -27.09
C PRO C 405 0.95 -26.45 -25.95
N VAL C 406 2.19 -26.74 -26.30
CA VAL C 406 3.23 -27.07 -25.34
C VAL C 406 4.24 -25.94 -25.31
N PHE C 407 4.43 -25.34 -24.15
CA PHE C 407 5.52 -24.39 -23.98
C PHE C 407 6.82 -25.16 -24.02
N THR C 408 7.81 -24.66 -24.75
CA THR C 408 9.02 -25.44 -24.98
C THR C 408 10.22 -24.52 -24.88
N VAL C 409 11.29 -25.01 -24.24
CA VAL C 409 12.59 -24.38 -24.26
C VAL C 409 13.57 -25.34 -24.90
N PHE C 410 14.26 -24.88 -25.93
CA PHE C 410 14.91 -25.78 -26.86
C PHE C 410 16.22 -25.19 -27.35
N LYS C 411 17.11 -26.06 -27.79
CA LYS C 411 18.27 -25.69 -28.58
C LYS C 411 18.10 -26.13 -30.02
N ASP C 412 19.18 -26.01 -30.78
CA ASP C 412 19.11 -26.34 -32.19
C ASP C 412 19.14 -27.82 -32.45
N ASN C 413 19.45 -28.63 -31.46
CA ASN C 413 19.38 -30.07 -31.63
C ASN C 413 18.65 -30.73 -30.49
N GLU C 414 18.05 -29.95 -29.59
CA GLU C 414 17.64 -30.52 -28.32
C GLU C 414 16.53 -29.67 -27.73
N ILE C 415 15.41 -30.30 -27.42
CA ILE C 415 14.41 -29.70 -26.55
C ILE C 415 14.83 -29.96 -25.12
N LEU C 416 15.05 -28.90 -24.37
CA LEU C 416 15.55 -29.04 -23.02
C LEU C 416 14.43 -29.52 -22.10
N TYR C 417 13.39 -28.71 -21.94
CA TYR C 417 12.29 -29.02 -21.03
C TYR C 417 11.01 -28.36 -21.50
N ARG C 418 9.87 -29.01 -21.24
CA ARG C 418 8.59 -28.72 -21.86
C ARG C 418 7.55 -28.35 -20.81
N ALA C 419 6.38 -27.93 -21.28
CA ALA C 419 5.25 -27.63 -20.41
C ALA C 419 3.97 -27.63 -21.21
N GLN C 420 3.07 -28.56 -20.96
CA GLN C 420 1.76 -28.48 -21.59
C GLN C 420 0.95 -27.35 -20.99
N LEU C 421 0.31 -26.58 -21.86
CA LEU C 421 -0.53 -25.48 -21.42
C LEU C 421 -1.99 -25.87 -21.31
N ALA C 422 -2.36 -27.02 -21.87
CA ALA C 422 -3.71 -27.52 -21.80
C ALA C 422 -3.63 -29.03 -22.00
N SER C 423 -4.76 -29.65 -22.29
CA SER C 423 -4.77 -31.07 -22.53
C SER C 423 -4.26 -31.37 -23.93
N GLU C 424 -4.08 -32.65 -24.21
CA GLU C 424 -3.43 -33.06 -25.46
C GLU C 424 -4.35 -32.87 -26.66
N ASP C 425 -5.66 -33.02 -26.48
CA ASP C 425 -6.59 -32.83 -27.58
C ASP C 425 -7.20 -31.43 -27.57
N THR C 426 -6.48 -30.45 -27.08
CA THR C 426 -6.97 -29.10 -26.99
C THR C 426 -6.50 -28.36 -28.23
N ASN C 427 -7.44 -27.96 -29.09
CA ASN C 427 -7.07 -27.30 -30.33
C ASN C 427 -6.53 -25.91 -30.07
N ALA C 428 -5.48 -25.55 -30.80
CA ALA C 428 -4.87 -24.24 -30.67
C ALA C 428 -4.25 -23.83 -32.00
N GLN C 429 -4.21 -22.52 -32.27
CA GLN C 429 -3.62 -22.07 -33.52
C GLN C 429 -2.38 -21.22 -33.37
N LYS C 430 -2.49 -20.00 -32.88
CA LYS C 430 -1.45 -19.00 -33.13
C LYS C 430 -0.90 -18.50 -31.82
N THR C 431 0.33 -18.88 -31.52
CA THR C 431 0.95 -18.61 -30.24
C THR C 431 2.03 -17.55 -30.42
N ILE C 432 2.03 -16.54 -29.57
CA ILE C 432 2.94 -15.40 -29.70
C ILE C 432 3.71 -15.23 -28.40
N THR C 433 4.92 -15.79 -28.33
CA THR C 433 5.73 -15.78 -27.13
C THR C 433 6.63 -14.55 -27.11
N ASN C 434 6.61 -13.80 -26.02
CA ASN C 434 7.48 -12.65 -25.86
C ASN C 434 8.17 -12.69 -24.50
N CYS C 435 9.33 -13.32 -24.41
CA CYS C 435 10.05 -13.43 -23.15
C CYS C 435 10.74 -12.12 -22.83
N PHE C 436 10.97 -11.87 -21.55
CA PHE C 436 11.50 -10.59 -21.10
C PHE C 436 12.06 -10.77 -19.69
N LEU C 437 12.41 -9.66 -19.05
CA LEU C 437 13.02 -9.71 -17.73
C LEU C 437 12.13 -9.01 -16.72
N LEU C 438 11.76 -9.75 -15.68
CA LEU C 438 11.14 -9.20 -14.49
C LEU C 438 12.00 -9.53 -13.29
N LYS C 439 12.51 -8.49 -12.62
CA LYS C 439 13.45 -8.58 -11.50
C LYS C 439 14.63 -9.48 -11.84
N ASN C 440 15.15 -9.32 -13.06
CA ASN C 440 16.21 -10.14 -13.60
C ASN C 440 15.87 -11.63 -13.57
N LYS C 441 14.63 -11.95 -13.89
CA LYS C 441 14.20 -13.31 -14.16
C LYS C 441 13.59 -13.33 -15.55
N ILE C 442 13.81 -14.41 -16.28
CA ILE C 442 13.30 -14.50 -17.65
C ILE C 442 11.86 -15.03 -17.62
N TRP C 443 10.91 -14.13 -17.85
CA TRP C 443 9.48 -14.44 -17.89
C TRP C 443 8.98 -14.34 -19.31
N CYS C 444 8.16 -15.30 -19.74
CA CYS C 444 7.69 -15.42 -21.11
C CYS C 444 6.18 -15.35 -21.20
N ILE C 445 5.60 -14.15 -21.26
CA ILE C 445 4.14 -14.07 -21.39
C ILE C 445 3.73 -14.47 -22.79
N SER C 446 3.05 -15.61 -22.90
CA SER C 446 2.86 -16.30 -24.17
C SER C 446 1.39 -16.51 -24.46
N LEU C 447 0.84 -15.71 -25.36
CA LEU C 447 -0.51 -15.93 -25.87
C LEU C 447 -0.61 -17.27 -26.54
N VAL C 448 -1.74 -17.95 -26.36
CA VAL C 448 -2.07 -19.15 -27.13
C VAL C 448 -3.54 -19.05 -27.51
N GLU C 449 -3.85 -19.13 -28.80
CA GLU C 449 -5.25 -19.23 -29.22
C GLU C 449 -5.77 -20.64 -28.96
N ILE C 450 -6.05 -20.93 -27.69
CA ILE C 450 -6.65 -22.20 -27.32
C ILE C 450 -8.14 -22.15 -27.65
N TYR C 451 -8.62 -23.17 -28.36
CA TYR C 451 -10.02 -23.31 -28.72
C TYR C 451 -10.66 -24.37 -27.85
N ASP C 452 -11.59 -23.96 -26.99
CA ASP C 452 -12.40 -24.90 -26.23
C ASP C 452 -13.68 -25.13 -27.02
N THR C 453 -13.95 -26.40 -27.36
CA THR C 453 -14.95 -26.70 -28.36
C THR C 453 -16.37 -26.52 -27.83
N GLY C 454 -16.74 -27.31 -26.83
CA GLY C 454 -18.15 -27.41 -26.47
C GLY C 454 -18.70 -26.22 -25.73
N ASP C 455 -17.82 -25.36 -25.21
CA ASP C 455 -18.25 -24.28 -24.35
C ASP C 455 -17.19 -23.19 -24.41
N ASN C 456 -17.21 -22.30 -23.40
CA ASN C 456 -16.08 -21.43 -23.07
C ASN C 456 -15.74 -20.47 -24.20
N VAL C 457 -16.55 -19.42 -24.32
CA VAL C 457 -16.53 -18.35 -25.32
C VAL C 457 -15.11 -17.95 -25.67
N ILE C 458 -14.81 -17.97 -26.97
CA ILE C 458 -13.46 -18.23 -27.44
C ILE C 458 -12.61 -17.00 -27.26
N ARG C 459 -11.53 -17.15 -26.50
CA ARG C 459 -10.48 -16.17 -26.38
C ARG C 459 -9.15 -16.90 -26.43
N PRO C 460 -8.05 -16.18 -26.62
CA PRO C 460 -6.76 -16.76 -26.35
C PRO C 460 -6.46 -16.76 -24.86
N LYS C 461 -5.48 -17.56 -24.48
CA LYS C 461 -5.13 -17.72 -23.09
C LYS C 461 -3.69 -17.29 -22.88
N LEU C 462 -3.49 -16.24 -22.09
CA LEU C 462 -2.15 -15.78 -21.77
C LEU C 462 -1.48 -16.81 -20.86
N PHE C 463 -0.16 -16.85 -20.87
CA PHE C 463 0.60 -17.78 -20.03
C PHE C 463 1.92 -17.16 -19.65
N ALA C 464 2.01 -16.53 -18.49
CA ALA C 464 3.30 -16.07 -18.00
C ALA C 464 4.07 -17.28 -17.52
N VAL C 465 5.26 -17.47 -18.05
CA VAL C 465 6.12 -18.61 -17.71
C VAL C 465 7.46 -18.08 -17.26
N LYS C 466 7.82 -18.35 -16.02
CA LYS C 466 9.16 -18.04 -15.57
C LYS C 466 10.09 -19.13 -16.06
N ILE C 467 11.19 -18.72 -16.68
CA ILE C 467 12.15 -19.72 -17.09
C ILE C 467 12.88 -20.11 -15.82
N PRO C 468 12.99 -21.39 -15.52
CA PRO C 468 13.50 -21.80 -14.21
C PRO C 468 14.99 -21.61 -14.08
N GLU C 469 15.41 -21.09 -12.93
CA GLU C 469 16.83 -20.93 -12.68
C GLU C 469 17.51 -22.25 -12.35
N GLN C 470 16.82 -23.17 -11.71
CA GLN C 470 17.42 -24.42 -11.27
C GLN C 470 16.77 -25.57 -12.01
N CYS C 471 17.57 -26.58 -12.32
CA CYS C 471 17.06 -27.70 -13.08
C CYS C 471 16.42 -28.72 -12.16
N ILE D 1 -70.19 -2.03 -49.57
CA ILE D 1 -69.35 -2.58 -50.62
C ILE D 1 -67.96 -1.97 -50.53
N SER D 2 -67.89 -0.67 -50.83
CA SER D 2 -66.61 0.02 -50.82
C SER D 2 -66.11 0.25 -49.41
N GLN D 3 -67.03 0.26 -48.43
CA GLN D 3 -66.61 0.44 -47.04
C GLN D 3 -65.95 -0.81 -46.50
N SER D 4 -66.45 -1.99 -46.87
CA SER D 4 -65.76 -3.23 -46.51
C SER D 4 -64.44 -3.35 -47.24
N THR D 5 -64.39 -2.85 -48.48
CA THR D 5 -63.13 -2.76 -49.22
C THR D 5 -62.12 -1.88 -48.50
N ALA D 6 -62.58 -0.72 -48.02
CA ALA D 6 -61.71 0.18 -47.28
C ALA D 6 -61.29 -0.42 -45.94
N SER D 7 -62.17 -1.22 -45.32
CA SER D 7 -61.80 -1.89 -44.08
C SER D 7 -60.72 -2.94 -44.32
N ILE D 8 -60.80 -3.64 -45.45
CA ILE D 8 -59.73 -4.56 -45.86
C ILE D 8 -58.44 -3.79 -46.10
N ASN D 9 -58.54 -2.62 -46.75
CA ASN D 9 -57.38 -1.79 -47.00
C ASN D 9 -56.73 -1.33 -45.71
N GLU D 10 -57.55 -0.89 -44.75
CA GLU D 10 -57.06 -0.46 -43.45
C GLU D 10 -56.47 -1.61 -42.65
N ASN D 11 -57.07 -2.79 -42.73
CA ASN D 11 -56.59 -3.92 -41.95
C ASN D 11 -55.26 -4.43 -42.50
N VAL D 12 -55.11 -4.41 -43.82
CA VAL D 12 -53.82 -4.70 -44.42
C VAL D 12 -52.80 -3.64 -44.03
N ASN D 13 -53.21 -2.37 -44.02
CA ASN D 13 -52.32 -1.29 -43.62
C ASN D 13 -51.90 -1.38 -42.15
N GLU D 14 -52.74 -1.99 -41.32
CA GLU D 14 -52.41 -2.12 -39.91
C GLU D 14 -51.60 -3.37 -39.59
N LYS D 15 -51.86 -4.49 -40.28
CA LYS D 15 -51.23 -5.73 -39.84
C LYS D 15 -49.85 -5.94 -40.47
N CYS D 16 -49.72 -5.75 -41.78
CA CYS D 16 -48.46 -6.07 -42.44
C CYS D 16 -47.43 -4.94 -42.33
N LYS D 17 -47.67 -3.96 -41.46
CA LYS D 17 -46.70 -2.90 -41.24
C LYS D 17 -45.64 -3.43 -40.28
N PHE D 18 -44.37 -3.29 -40.66
CA PHE D 18 -43.27 -3.77 -39.84
C PHE D 18 -42.59 -2.57 -39.19
N THR D 19 -43.27 -1.97 -38.22
CA THR D 19 -42.67 -0.97 -37.34
C THR D 19 -42.15 -1.72 -36.14
N LEU D 20 -40.84 -1.93 -36.10
CA LEU D 20 -40.26 -2.84 -35.13
C LEU D 20 -38.98 -2.24 -34.59
N PRO D 21 -38.62 -2.57 -33.35
CA PRO D 21 -37.30 -2.21 -32.83
C PRO D 21 -36.21 -2.93 -33.60
N PRO D 22 -34.97 -2.42 -33.59
CA PRO D 22 -33.95 -2.98 -34.47
C PRO D 22 -33.59 -4.41 -34.09
N LEU D 23 -33.18 -5.16 -35.13
CA LEU D 23 -32.83 -6.55 -34.96
C LEU D 23 -31.61 -6.68 -34.07
N LYS D 24 -31.51 -7.81 -33.41
CA LYS D 24 -30.36 -8.10 -32.58
C LYS D 24 -29.71 -9.36 -33.11
N ILE D 25 -28.55 -9.19 -33.74
CA ILE D 25 -27.87 -10.24 -34.48
C ILE D 25 -27.44 -11.41 -33.63
N HIS D 26 -27.30 -11.20 -32.32
CA HIS D 26 -26.93 -12.25 -31.39
C HIS D 26 -28.12 -13.05 -30.88
N GLU D 27 -29.29 -12.42 -30.82
CA GLU D 27 -30.48 -13.11 -30.37
C GLU D 27 -30.98 -14.06 -31.45
N CYS D 28 -31.00 -13.58 -32.69
CA CYS D 28 -31.52 -14.38 -33.78
C CYS D 28 -30.58 -15.54 -34.08
N ASN D 29 -31.15 -16.58 -34.69
CA ASN D 29 -30.36 -17.73 -35.08
C ASN D 29 -29.45 -17.35 -36.24
N ILE D 30 -28.15 -17.38 -36.01
CA ILE D 30 -27.16 -16.99 -36.99
C ILE D 30 -26.43 -18.24 -37.47
N SER D 31 -26.32 -18.40 -38.78
CA SER D 31 -25.77 -19.62 -39.40
C SER D 31 -24.66 -19.22 -40.36
N CYS D 32 -23.45 -19.11 -39.84
CA CYS D 32 -22.23 -18.83 -40.55
C CYS D 32 -21.48 -20.13 -40.84
N PRO D 33 -20.60 -20.15 -41.84
CA PRO D 33 -19.89 -21.40 -42.14
C PRO D 33 -18.90 -21.80 -41.05
N ASN D 34 -18.82 -23.12 -40.81
CA ASN D 34 -18.04 -23.77 -39.75
C ASN D 34 -18.34 -23.15 -38.39
N PRO D 35 -19.54 -23.31 -37.86
CA PRO D 35 -20.03 -22.41 -36.82
C PRO D 35 -19.50 -22.78 -35.44
N LEU D 36 -19.90 -21.98 -34.47
CA LEU D 36 -19.77 -22.16 -33.04
C LEU D 36 -21.15 -22.51 -32.47
N PRO D 37 -21.21 -23.25 -31.38
CA PRO D 37 -22.52 -23.59 -30.79
C PRO D 37 -23.23 -22.38 -30.22
N PHE D 38 -24.56 -22.40 -30.37
CA PHE D 38 -25.44 -21.28 -30.03
C PHE D 38 -25.94 -21.35 -28.60
N ARG D 39 -25.49 -22.36 -27.85
CA ARG D 39 -26.25 -23.14 -26.86
C ARG D 39 -27.36 -22.40 -26.14
N GLU D 40 -27.05 -21.25 -25.55
CA GLU D 40 -28.07 -20.49 -24.83
C GLU D 40 -27.65 -19.04 -24.75
N TYR D 41 -28.57 -18.13 -25.08
CA TYR D 41 -28.38 -16.71 -24.84
C TYR D 41 -29.25 -16.29 -23.67
N ARG D 42 -28.62 -16.06 -22.52
CA ARG D 42 -29.28 -15.53 -21.35
C ARG D 42 -28.32 -14.53 -20.69
N PRO D 43 -28.81 -13.36 -20.30
CA PRO D 43 -27.96 -12.43 -19.55
C PRO D 43 -27.69 -12.93 -18.15
N GLN D 44 -26.51 -12.60 -17.64
CA GLN D 44 -25.95 -13.04 -16.36
C GLN D 44 -25.85 -14.57 -16.24
N THR D 45 -25.79 -15.28 -17.36
CA THR D 45 -25.36 -16.66 -17.39
C THR D 45 -24.03 -16.81 -18.11
N GLU D 46 -23.39 -15.68 -18.41
CA GLU D 46 -22.11 -15.63 -19.08
C GLU D 46 -20.98 -15.21 -18.15
N GLY D 47 -21.26 -14.29 -17.23
CA GLY D 47 -20.23 -13.84 -16.31
C GLY D 47 -20.46 -14.32 -14.91
N VAL D 48 -20.44 -13.40 -13.95
CA VAL D 48 -20.63 -13.69 -12.55
C VAL D 48 -22.00 -13.19 -12.13
N SER D 49 -22.81 -14.08 -11.57
CA SER D 49 -24.14 -13.73 -11.11
C SER D 49 -24.27 -14.10 -9.64
N ASN D 50 -25.30 -13.55 -9.00
CA ASN D 50 -25.55 -13.81 -7.59
C ASN D 50 -25.91 -15.26 -7.38
N LEU D 51 -25.82 -15.70 -6.12
CA LEU D 51 -26.48 -16.94 -5.76
C LEU D 51 -27.98 -16.72 -5.85
N VAL D 52 -28.58 -17.32 -6.87
CA VAL D 52 -30.01 -17.27 -7.08
C VAL D 52 -30.34 -18.50 -7.90
N GLY D 53 -31.58 -18.95 -7.82
CA GLY D 53 -31.98 -20.10 -8.58
C GLY D 53 -31.45 -21.38 -7.99
N LEU D 54 -31.03 -22.30 -8.85
CA LEU D 54 -30.63 -23.64 -8.40
C LEU D 54 -29.23 -23.95 -8.89
N PRO D 55 -28.20 -23.64 -8.11
CA PRO D 55 -26.83 -23.91 -8.55
C PRO D 55 -26.44 -25.36 -8.57
N ASN D 56 -25.18 -25.63 -8.85
CA ASN D 56 -24.70 -27.00 -8.92
C ASN D 56 -24.59 -27.58 -7.52
N ASN D 57 -24.73 -28.90 -7.43
CA ASN D 57 -24.76 -29.56 -6.14
C ASN D 57 -23.40 -29.55 -5.48
N ILE D 58 -23.31 -28.89 -4.33
CA ILE D 58 -22.09 -28.83 -3.55
C ILE D 58 -21.94 -30.13 -2.80
N CYS D 59 -20.72 -30.43 -2.35
CA CYS D 59 -20.50 -31.69 -1.63
C CYS D 59 -21.06 -31.52 -0.24
N LEU D 60 -21.82 -32.51 0.23
CA LEU D 60 -22.64 -32.33 1.40
C LEU D 60 -22.25 -33.24 2.55
N GLN D 61 -21.37 -34.19 2.34
CA GLN D 61 -20.94 -35.01 3.44
C GLN D 61 -19.83 -34.32 4.21
N LYS D 62 -19.65 -34.73 5.45
CA LYS D 62 -18.49 -34.34 6.22
C LYS D 62 -17.35 -35.25 5.83
N THR D 63 -16.26 -34.66 5.35
CA THR D 63 -15.17 -35.48 4.86
C THR D 63 -13.83 -34.95 5.32
N SER D 64 -12.87 -35.88 5.40
CA SER D 64 -11.49 -35.59 5.72
C SER D 64 -10.65 -35.37 4.47
N ASN D 65 -11.28 -35.03 3.37
CA ASN D 65 -10.60 -34.86 2.10
C ASN D 65 -10.44 -33.37 1.83
N GLN D 66 -9.22 -32.96 1.55
CA GLN D 66 -8.95 -31.57 1.21
C GLN D 66 -9.56 -31.31 -0.16
N ILE D 67 -10.74 -30.73 -0.17
CA ILE D 67 -11.47 -30.52 -1.41
C ILE D 67 -11.68 -29.06 -1.72
N LEU D 68 -11.64 -28.18 -0.74
CA LEU D 68 -11.62 -26.77 -1.02
C LEU D 68 -10.19 -26.40 -1.38
N LYS D 69 -10.01 -25.88 -2.59
CA LYS D 69 -8.69 -25.50 -3.09
C LYS D 69 -8.73 -24.00 -3.32
N PRO D 70 -8.31 -23.22 -2.33
CA PRO D 70 -8.38 -21.77 -2.47
C PRO D 70 -7.31 -21.26 -3.41
N LYS D 71 -7.61 -20.15 -4.05
CA LYS D 71 -6.70 -19.52 -4.99
C LYS D 71 -6.45 -18.11 -4.50
N LEU D 72 -5.20 -17.79 -4.25
CA LEU D 72 -4.86 -16.43 -3.82
C LEU D 72 -4.99 -15.50 -5.02
N ILE D 73 -6.00 -14.64 -5.01
CA ILE D 73 -6.20 -13.74 -6.13
C ILE D 73 -5.97 -12.31 -5.69
N SER D 74 -5.14 -12.13 -4.66
CA SER D 74 -4.98 -10.83 -4.01
C SER D 74 -4.38 -9.77 -4.90
N TYR D 75 -3.72 -10.17 -5.99
CA TYR D 75 -3.17 -9.25 -6.96
C TYR D 75 -4.22 -8.43 -7.67
N THR D 76 -5.47 -8.87 -7.67
CA THR D 76 -6.53 -8.14 -8.32
C THR D 76 -6.97 -6.91 -7.55
N LEU D 77 -6.46 -6.71 -6.35
CA LEU D 77 -6.72 -5.50 -5.58
C LEU D 77 -5.41 -4.79 -5.29
N PRO D 78 -5.44 -3.48 -5.07
CA PRO D 78 -4.23 -2.74 -4.70
C PRO D 78 -3.74 -2.99 -3.27
N VAL D 79 -3.55 -4.25 -2.92
CA VAL D 79 -3.00 -4.65 -1.64
C VAL D 79 -1.53 -4.99 -1.74
N VAL D 80 -0.96 -4.90 -2.93
CA VAL D 80 0.41 -5.26 -3.17
C VAL D 80 1.18 -3.99 -3.52
N GLY D 81 2.46 -4.15 -3.78
CA GLY D 81 3.29 -3.02 -4.12
C GLY D 81 4.41 -2.87 -3.12
N GLN D 82 4.64 -1.64 -2.67
CA GLN D 82 5.67 -1.42 -1.67
C GLN D 82 5.23 -2.00 -0.34
N SER D 83 6.16 -2.63 0.35
CA SER D 83 5.86 -3.34 1.58
C SER D 83 5.97 -2.45 2.81
N GLY D 84 6.20 -1.16 2.62
CA GLY D 84 6.12 -0.21 3.69
C GLY D 84 4.73 0.29 3.98
N THR D 85 3.72 -0.26 3.29
CA THR D 85 2.34 0.11 3.50
C THR D 85 1.66 -0.95 4.34
N CYS D 86 1.00 -0.52 5.41
CA CYS D 86 0.09 -1.37 6.14
C CYS D 86 -1.31 -1.04 5.68
N ILE D 87 -2.10 -2.08 5.41
CA ILE D 87 -3.34 -1.95 4.68
C ILE D 87 -4.47 -2.33 5.60
N THR D 88 -5.25 -1.36 6.04
CA THR D 88 -6.22 -1.54 7.12
C THR D 88 -7.63 -1.29 6.62
N ASP D 89 -8.57 -1.81 7.40
CA ASP D 89 -10.02 -1.68 7.27
C ASP D 89 -10.53 -2.08 5.89
N PRO D 90 -10.39 -3.33 5.46
CA PRO D 90 -10.87 -3.68 4.13
C PRO D 90 -12.36 -3.91 4.11
N LEU D 91 -12.88 -4.12 2.92
CA LEU D 91 -14.31 -4.15 2.66
C LEU D 91 -14.53 -4.85 1.35
N LEU D 92 -15.54 -5.69 1.25
CA LEU D 92 -15.73 -6.41 0.01
C LEU D 92 -17.21 -6.77 -0.13
N ALA D 93 -17.94 -5.97 -0.88
CA ALA D 93 -19.31 -6.28 -1.26
C ALA D 93 -19.27 -6.92 -2.62
N MET D 94 -20.25 -7.76 -2.94
CA MET D 94 -20.36 -8.39 -4.25
C MET D 94 -21.84 -8.58 -4.58
N ASP D 95 -22.36 -7.82 -5.54
CA ASP D 95 -23.67 -8.05 -6.10
C ASP D 95 -23.57 -8.21 -7.60
N GLU D 96 -24.14 -9.27 -8.13
CA GLU D 96 -24.46 -9.47 -9.54
C GLU D 96 -23.24 -9.53 -10.44
N GLY D 97 -22.05 -9.75 -9.88
CA GLY D 97 -20.85 -9.69 -10.67
C GLY D 97 -20.04 -8.42 -10.53
N TYR D 98 -20.45 -7.50 -9.69
CA TYR D 98 -19.70 -6.29 -9.49
C TYR D 98 -19.31 -6.23 -8.02
N PHE D 99 -18.11 -5.78 -7.73
CA PHE D 99 -17.69 -5.67 -6.34
C PHE D 99 -17.50 -4.22 -5.94
N ALA D 100 -17.34 -4.02 -4.65
CA ALA D 100 -16.81 -2.80 -4.11
C ALA D 100 -15.69 -3.18 -3.19
N TYR D 101 -14.74 -2.28 -3.00
CA TYR D 101 -13.61 -2.57 -2.16
C TYR D 101 -13.07 -1.28 -1.61
N SER D 102 -12.63 -1.32 -0.37
CA SER D 102 -12.18 -0.11 0.27
C SER D 102 -11.20 -0.42 1.37
N HIS D 103 -9.98 0.11 1.28
CA HIS D 103 -9.09 0.02 2.42
C HIS D 103 -8.50 1.37 2.74
N LEU D 104 -7.89 1.44 3.92
CA LEU D 104 -7.10 2.56 4.35
C LEU D 104 -5.65 2.16 4.26
N GLU D 105 -4.83 3.05 3.72
CA GLU D 105 -3.48 2.74 3.29
C GLU D 105 -2.56 3.64 4.10
N ARG D 106 -1.81 3.05 5.02
CA ARG D 106 -0.93 3.78 5.90
C ARG D 106 0.51 3.42 5.62
N ILE D 107 1.38 4.42 5.66
CA ILE D 107 2.77 4.30 5.25
C ILE D 107 3.62 4.05 6.49
N GLY D 108 4.17 2.86 6.59
CA GLY D 108 5.10 2.62 7.68
C GLY D 108 4.58 1.61 8.67
N SER D 109 4.24 2.08 9.86
CA SER D 109 3.66 1.19 10.84
C SER D 109 2.15 1.26 10.77
N CYS D 110 1.52 0.15 11.17
CA CYS D 110 0.07 0.02 11.08
C CYS D 110 -0.65 0.95 12.03
N SER D 111 0.01 1.35 13.10
CA SER D 111 -0.65 2.01 14.20
C SER D 111 -0.59 3.52 14.06
N ARG D 112 0.51 4.04 13.52
CA ARG D 112 0.70 5.47 13.51
C ARG D 112 1.31 5.97 12.22
N GLY D 113 1.41 5.11 11.21
CA GLY D 113 1.89 5.54 9.91
C GLY D 113 0.99 6.59 9.30
N VAL D 114 1.56 7.40 8.44
CA VAL D 114 0.81 8.49 7.84
C VAL D 114 -0.20 7.91 6.87
N SER D 115 -1.46 8.31 7.01
CA SER D 115 -2.56 7.80 6.21
C SER D 115 -2.40 8.30 4.79
N LYS D 116 -2.04 7.39 3.91
CA LYS D 116 -1.87 7.78 2.51
C LYS D 116 -3.22 7.91 1.82
N GLN D 117 -3.97 6.81 1.75
CA GLN D 117 -5.14 6.76 0.89
C GLN D 117 -6.24 5.94 1.54
N ARG D 118 -7.47 6.39 1.37
CA ARG D 118 -8.65 5.56 1.54
C ARG D 118 -9.20 5.28 0.15
N ILE D 119 -8.67 4.26 -0.51
CA ILE D 119 -9.23 4.01 -1.83
C ILE D 119 -10.57 3.33 -1.65
N ILE D 120 -11.61 3.90 -2.26
CA ILE D 120 -12.92 3.27 -2.31
C ILE D 120 -13.09 2.91 -3.78
N GLY D 121 -12.98 1.65 -4.09
CA GLY D 121 -12.95 1.23 -5.47
C GLY D 121 -14.00 0.18 -5.74
N VAL D 122 -14.66 0.33 -6.88
CA VAL D 122 -15.62 -0.66 -7.34
C VAL D 122 -15.12 -1.21 -8.64
N GLY D 123 -15.73 -2.29 -9.07
CA GLY D 123 -15.25 -2.90 -10.29
C GLY D 123 -16.16 -3.99 -10.76
N GLU D 124 -15.58 -5.04 -11.30
CA GLU D 124 -16.34 -6.13 -11.87
C GLU D 124 -15.71 -7.42 -11.40
N VAL D 125 -16.51 -8.34 -10.91
CA VAL D 125 -16.01 -9.67 -10.62
C VAL D 125 -16.20 -10.47 -11.88
N LEU D 126 -15.13 -11.07 -12.38
CA LEU D 126 -15.25 -11.85 -13.60
C LEU D 126 -14.12 -12.84 -13.66
N ASP D 127 -14.26 -13.80 -14.54
CA ASP D 127 -13.18 -14.69 -14.91
C ASP D 127 -12.28 -13.96 -15.89
N ARG D 128 -11.06 -13.66 -15.49
CA ARG D 128 -10.19 -12.87 -16.35
C ARG D 128 -9.27 -13.76 -17.17
N GLY D 129 -9.79 -14.89 -17.61
CA GLY D 129 -9.01 -15.78 -18.44
C GLY D 129 -8.17 -16.75 -17.67
N ASP D 130 -8.07 -16.61 -16.37
CA ASP D 130 -7.30 -17.54 -15.55
C ASP D 130 -8.16 -18.60 -14.89
N GLU D 131 -9.38 -18.81 -15.39
CA GLU D 131 -10.33 -19.83 -14.95
C GLU D 131 -10.71 -19.70 -13.48
N VAL D 132 -10.62 -18.49 -12.94
CA VAL D 132 -10.85 -18.18 -11.53
C VAL D 132 -11.52 -16.81 -11.48
N PRO D 133 -12.63 -16.65 -10.78
CA PRO D 133 -13.30 -15.36 -10.73
C PRO D 133 -12.48 -14.35 -9.99
N SER D 134 -11.86 -13.48 -10.74
CA SER D 134 -10.97 -12.50 -10.19
C SER D 134 -11.71 -11.20 -10.13
N LEU D 135 -11.02 -10.17 -9.72
CA LEU D 135 -11.61 -8.86 -9.63
C LEU D 135 -10.97 -7.98 -10.69
N PHE D 136 -11.63 -6.90 -11.04
CA PHE D 136 -11.09 -6.01 -12.05
C PHE D 136 -11.55 -4.62 -11.69
N MET D 137 -10.74 -3.95 -10.91
CA MET D 137 -11.14 -2.70 -10.29
C MET D 137 -10.91 -1.56 -11.24
N THR D 138 -11.98 -0.88 -11.64
CA THR D 138 -11.89 0.17 -12.61
C THR D 138 -12.09 1.53 -12.00
N ASN D 139 -13.19 1.73 -11.29
CA ASN D 139 -13.53 3.04 -10.76
C ASN D 139 -13.07 3.09 -9.32
N VAL D 140 -12.22 4.06 -9.00
CA VAL D 140 -11.58 4.17 -7.69
C VAL D 140 -11.80 5.56 -7.16
N TRP D 141 -12.29 5.67 -5.93
CA TRP D 141 -12.46 6.96 -5.31
C TRP D 141 -11.54 7.04 -4.10
N THR D 142 -11.09 8.24 -3.80
CA THR D 142 -10.23 8.48 -2.67
C THR D 142 -10.56 9.84 -2.09
N PRO D 143 -10.97 9.93 -0.83
CA PRO D 143 -11.54 11.15 -0.32
C PRO D 143 -10.44 12.16 -0.04
N PRO D 144 -10.79 13.43 0.15
CA PRO D 144 -9.75 14.42 0.44
C PRO D 144 -9.15 14.33 1.84
N ASN D 145 -9.57 13.39 2.67
CA ASN D 145 -9.03 13.27 4.04
C ASN D 145 -9.29 11.84 4.48
N PRO D 146 -8.35 10.93 4.27
CA PRO D 146 -8.59 9.52 4.58
C PRO D 146 -8.57 9.19 6.06
N ASN D 147 -8.30 10.16 6.91
CA ASN D 147 -8.37 9.97 8.36
C ASN D 147 -9.74 10.28 8.93
N THR D 148 -10.71 10.65 8.10
CA THR D 148 -12.04 10.92 8.60
C THR D 148 -13.08 9.94 8.12
N VAL D 149 -12.75 9.09 7.18
CA VAL D 149 -13.71 8.19 6.58
C VAL D 149 -13.54 6.83 7.23
N TYR D 150 -14.52 6.43 8.04
CA TYR D 150 -14.51 5.19 8.78
C TYR D 150 -15.76 4.38 8.52
N HIS D 151 -15.61 3.06 8.60
CA HIS D 151 -16.70 2.09 8.62
C HIS D 151 -17.58 2.25 7.39
N CYS D 152 -16.98 2.01 6.24
CA CYS D 152 -17.75 2.11 5.04
C CYS D 152 -18.64 0.89 4.88
N SER D 153 -19.65 1.01 4.03
CA SER D 153 -20.51 -0.12 3.74
C SER D 153 -21.12 0.10 2.38
N ALA D 154 -21.33 -0.99 1.64
CA ALA D 154 -21.55 -0.91 0.21
C ALA D 154 -22.76 -1.70 -0.24
N VAL D 155 -23.56 -1.09 -1.14
CA VAL D 155 -24.72 -1.73 -1.77
C VAL D 155 -24.72 -1.39 -3.25
N TYR D 156 -24.92 -2.40 -4.10
CA TYR D 156 -25.06 -2.21 -5.54
C TYR D 156 -26.50 -2.06 -5.97
N ASN D 157 -26.75 -1.10 -6.85
CA ASN D 157 -28.12 -0.84 -7.31
C ASN D 157 -28.08 -0.11 -8.64
N ASN D 158 -28.40 -0.81 -9.74
CA ASN D 158 -28.54 -0.24 -11.08
C ASN D 158 -27.27 0.46 -11.52
N GLU D 159 -26.26 -0.38 -11.77
CA GLU D 159 -25.00 0.01 -12.39
C GLU D 159 -24.22 0.97 -11.52
N PHE D 160 -24.48 0.98 -10.23
CA PHE D 160 -23.70 1.72 -9.26
C PHE D 160 -23.58 0.91 -8.00
N TYR D 161 -22.40 0.86 -7.43
CA TYR D 161 -22.29 0.66 -6.01
C TYR D 161 -22.50 1.95 -5.27
N TYR D 162 -23.29 1.89 -4.22
CA TYR D 162 -23.41 3.01 -3.32
C TYR D 162 -22.65 2.61 -2.09
N VAL D 163 -21.72 3.45 -1.64
CA VAL D 163 -20.93 3.17 -0.47
C VAL D 163 -21.22 4.24 0.57
N LEU D 164 -21.71 3.81 1.72
CA LEU D 164 -22.02 4.67 2.84
C LEU D 164 -20.93 4.53 3.89
N CYS D 165 -20.39 5.64 4.35
CA CYS D 165 -19.31 5.64 5.33
C CYS D 165 -19.64 6.67 6.39
N ALA D 166 -18.81 6.69 7.43
CA ALA D 166 -18.96 7.64 8.52
C ALA D 166 -17.87 8.69 8.46
N VAL D 167 -18.25 9.95 8.53
CA VAL D 167 -17.29 11.04 8.53
C VAL D 167 -17.02 11.41 9.98
N SER D 168 -15.84 11.07 10.47
CA SER D 168 -15.53 11.18 11.89
C SER D 168 -14.23 11.94 12.07
N THR D 169 -14.33 13.17 12.54
CA THR D 169 -13.14 13.95 12.86
C THR D 169 -12.63 13.68 14.26
N VAL D 170 -13.18 12.69 14.96
CA VAL D 170 -12.79 12.34 16.30
C VAL D 170 -12.32 10.89 16.40
N GLY D 171 -11.72 10.39 15.35
CA GLY D 171 -11.23 9.05 15.39
C GLY D 171 -12.35 8.09 15.10
N ASP D 172 -12.07 6.80 15.30
CA ASP D 172 -12.99 5.69 15.06
C ASP D 172 -14.22 5.89 15.93
N PRO D 173 -15.37 6.20 15.34
CA PRO D 173 -16.45 6.78 16.13
C PRO D 173 -17.22 5.77 16.93
N ILE D 174 -16.80 4.52 16.93
CA ILE D 174 -17.18 3.67 18.04
C ILE D 174 -16.43 4.08 19.28
N LEU D 175 -15.13 4.31 19.13
CA LEU D 175 -14.25 4.43 20.28
C LEU D 175 -14.36 5.79 20.92
N ASN D 176 -14.73 6.82 20.19
CA ASN D 176 -14.90 8.14 20.77
C ASN D 176 -16.31 8.60 20.51
N SER D 177 -17.26 7.70 20.76
CA SER D 177 -18.63 7.81 20.29
C SER D 177 -19.42 8.91 20.95
N THR D 178 -19.05 9.34 22.14
CA THR D 178 -19.84 10.38 22.78
C THR D 178 -19.59 11.73 22.16
N TYR D 179 -18.47 11.88 21.45
CA TYR D 179 -18.12 13.15 20.82
C TYR D 179 -18.24 13.08 19.30
N TRP D 180 -18.73 11.98 18.75
CA TRP D 180 -18.93 11.91 17.31
C TRP D 180 -20.11 12.79 16.93
N SER D 181 -20.10 13.25 15.68
CA SER D 181 -21.19 14.09 15.23
C SER D 181 -22.30 13.29 14.59
N GLY D 182 -22.01 12.07 14.16
CA GLY D 182 -22.99 11.28 13.48
C GLY D 182 -23.09 11.54 12.00
N SER D 183 -22.22 12.39 11.45
CA SER D 183 -22.28 12.75 10.05
C SER D 183 -21.85 11.58 9.17
N LEU D 184 -22.54 11.40 8.05
CA LEU D 184 -22.27 10.29 7.15
C LEU D 184 -22.10 10.80 5.73
N MET D 185 -21.36 10.03 4.93
CA MET D 185 -21.23 10.29 3.50
C MET D 185 -21.67 9.08 2.69
N MET D 186 -22.29 9.37 1.55
CA MET D 186 -22.72 8.35 0.61
C MET D 186 -21.99 8.53 -0.70
N THR D 187 -21.12 7.60 -1.03
CA THR D 187 -20.38 7.64 -2.27
C THR D 187 -21.00 6.66 -3.25
N ARG D 188 -21.39 7.16 -4.42
CA ARG D 188 -22.02 6.37 -5.45
C ARG D 188 -21.02 6.17 -6.58
N LEU D 189 -20.69 4.92 -6.90
CA LEU D 189 -19.61 4.61 -7.82
C LEU D 189 -20.10 3.67 -8.91
N ALA D 190 -19.87 4.03 -10.16
CA ALA D 190 -20.32 3.23 -11.29
C ALA D 190 -19.49 1.98 -11.43
N VAL D 191 -20.15 0.85 -11.70
CA VAL D 191 -19.40 -0.39 -11.81
C VAL D 191 -18.87 -0.61 -13.21
N LYS D 192 -19.50 -0.02 -14.22
CA LYS D 192 -18.96 0.05 -15.57
C LYS D 192 -18.86 1.52 -15.89
N PRO D 193 -17.73 2.15 -15.63
CA PRO D 193 -17.64 3.59 -15.74
C PRO D 193 -17.56 4.02 -17.20
N LYS D 194 -18.17 5.17 -17.47
CA LYS D 194 -18.07 5.76 -18.79
C LYS D 194 -16.84 6.63 -18.81
N SER D 195 -16.12 6.58 -19.93
CA SER D 195 -15.10 7.56 -20.20
C SER D 195 -15.76 8.91 -20.36
N ASN D 196 -15.25 9.92 -19.64
CA ASN D 196 -15.87 11.23 -19.49
C ASN D 196 -17.29 11.13 -18.95
N GLY D 197 -17.39 10.67 -17.71
CA GLY D 197 -18.66 10.63 -17.03
C GLY D 197 -18.96 11.86 -16.21
N GLY D 198 -18.08 12.19 -15.27
CA GLY D 198 -18.22 13.38 -14.47
C GLY D 198 -19.22 13.31 -13.34
N GLY D 199 -20.44 12.88 -13.61
CA GLY D 199 -21.41 12.68 -12.55
C GLY D 199 -21.85 11.24 -12.54
N TYR D 200 -21.60 10.55 -13.65
CA TYR D 200 -21.91 9.14 -13.71
C TYR D 200 -20.86 8.30 -13.01
N ASN D 201 -19.61 8.71 -13.08
CA ASN D 201 -18.56 7.79 -12.64
C ASN D 201 -18.47 7.74 -11.12
N GLN D 202 -18.41 8.89 -10.48
CA GLN D 202 -18.20 8.99 -9.04
C GLN D 202 -19.06 10.14 -8.57
N HIS D 203 -20.02 9.88 -7.71
CA HIS D 203 -20.86 10.97 -7.24
C HIS D 203 -21.00 10.91 -5.74
N GLN D 204 -21.13 12.08 -5.12
CA GLN D 204 -21.27 12.23 -3.69
C GLN D 204 -22.70 12.62 -3.35
N LEU D 205 -23.36 11.76 -2.58
CA LEU D 205 -24.74 11.97 -2.19
C LEU D 205 -24.77 12.56 -0.79
N ALA D 206 -25.39 13.74 -0.67
CA ALA D 206 -25.36 14.49 0.58
C ALA D 206 -26.51 14.04 1.47
N LEU D 207 -26.19 13.48 2.64
CA LEU D 207 -27.19 12.98 3.57
C LEU D 207 -27.36 13.98 4.70
N ARG D 208 -28.38 14.82 4.59
CA ARG D 208 -28.63 15.87 5.57
C ARG D 208 -29.75 15.51 6.53
N SER D 209 -30.28 14.30 6.45
CA SER D 209 -31.41 13.92 7.29
C SER D 209 -31.36 12.43 7.54
N ILE D 210 -31.26 12.05 8.81
CA ILE D 210 -31.22 10.65 9.22
C ILE D 210 -32.46 10.40 10.07
N GLU D 211 -33.17 9.32 9.78
CA GLU D 211 -34.23 8.86 10.66
C GLU D 211 -33.66 7.81 11.60
N LYS D 212 -33.50 8.18 12.86
CA LYS D 212 -33.02 7.32 13.93
C LYS D 212 -34.12 6.80 14.81
N GLY D 213 -34.96 7.68 15.29
CA GLY D 213 -35.94 7.32 16.30
C GLY D 213 -35.40 7.60 17.69
N ARG D 214 -35.32 6.57 18.51
CA ARG D 214 -34.88 6.68 19.88
C ARG D 214 -33.39 6.54 20.03
N TYR D 215 -32.65 6.57 18.93
CA TYR D 215 -31.20 6.48 18.93
C TYR D 215 -30.63 7.87 18.72
N ASP D 216 -29.44 8.10 19.26
CA ASP D 216 -28.89 9.42 19.13
C ASP D 216 -27.94 9.52 17.95
N LYS D 217 -27.25 8.44 17.61
CA LYS D 217 -26.33 8.40 16.50
C LYS D 217 -26.46 7.04 15.84
N VAL D 218 -26.50 7.01 14.51
CA VAL D 218 -26.43 5.73 13.82
C VAL D 218 -25.24 5.78 12.90
N MET D 219 -24.84 4.62 12.42
CA MET D 219 -23.60 4.53 11.69
C MET D 219 -23.62 3.28 10.83
N PRO D 220 -23.17 3.34 9.58
CA PRO D 220 -23.00 2.12 8.80
C PRO D 220 -21.89 1.29 9.41
N TYR D 221 -22.11 -0.01 9.51
CA TYR D 221 -21.17 -0.80 10.28
C TYR D 221 -21.20 -2.23 9.78
N GLY D 222 -20.27 -2.55 8.91
CA GLY D 222 -20.21 -3.84 8.30
C GLY D 222 -19.95 -3.72 6.83
N PRO D 223 -19.53 -4.79 6.19
CA PRO D 223 -19.13 -4.70 4.78
C PRO D 223 -20.22 -4.38 3.78
N SER D 224 -21.22 -5.25 3.67
CA SER D 224 -22.06 -5.26 2.50
C SER D 224 -23.52 -5.28 2.90
N GLY D 225 -24.35 -4.69 2.08
CA GLY D 225 -25.77 -4.71 2.32
C GLY D 225 -26.52 -5.31 1.16
N ILE D 226 -27.79 -4.94 1.01
CA ILE D 226 -28.60 -5.43 -0.09
C ILE D 226 -29.38 -4.28 -0.70
N LYS D 227 -29.88 -4.52 -1.89
CA LYS D 227 -30.92 -3.72 -2.49
C LYS D 227 -32.20 -4.55 -2.52
N GLN D 228 -33.33 -3.88 -2.35
CA GLN D 228 -34.63 -4.49 -2.58
C GLN D 228 -35.42 -3.51 -3.43
N GLY D 229 -35.41 -3.74 -4.74
CA GLY D 229 -35.99 -2.79 -5.65
C GLY D 229 -35.17 -1.54 -5.69
N ASP D 230 -35.72 -0.45 -5.18
CA ASP D 230 -35.03 0.82 -5.15
C ASP D 230 -34.59 1.20 -3.75
N THR D 231 -34.41 0.23 -2.88
CA THR D 231 -34.20 0.51 -1.47
C THR D 231 -32.91 -0.14 -1.02
N LEU D 232 -32.03 0.66 -0.41
CA LEU D 232 -30.72 0.19 0.00
C LEU D 232 -30.73 -0.04 1.50
N TYR D 233 -30.14 -1.16 1.90
CA TYR D 233 -30.14 -1.64 3.27
C TYR D 233 -28.70 -1.85 3.69
N PHE D 234 -28.10 -0.78 4.16
CA PHE D 234 -26.76 -0.73 4.70
C PHE D 234 -26.77 -1.35 6.07
N PRO D 235 -25.94 -2.34 6.35
CA PRO D 235 -25.86 -2.86 7.70
C PRO D 235 -25.25 -1.83 8.61
N ALA D 236 -25.69 -1.81 9.86
CA ALA D 236 -25.48 -0.61 10.62
C ALA D 236 -25.43 -0.93 12.10
N VAL D 237 -25.44 0.13 12.90
CA VAL D 237 -25.40 0.03 14.36
C VAL D 237 -26.05 1.29 14.89
N GLY D 238 -26.75 1.16 16.01
CA GLY D 238 -27.40 2.28 16.64
C GLY D 238 -26.66 2.58 17.93
N PHE D 239 -26.51 3.85 18.25
CA PHE D 239 -25.86 4.26 19.46
C PHE D 239 -26.96 4.70 20.42
N LEU D 240 -27.39 3.75 21.25
CA LEU D 240 -28.46 3.97 22.21
C LEU D 240 -27.87 4.34 23.55
N VAL D 241 -28.35 5.44 24.12
CA VAL D 241 -27.91 5.86 25.43
C VAL D 241 -28.33 4.82 26.45
N ARG D 242 -27.38 4.39 27.28
CA ARG D 242 -27.55 3.20 28.11
C ARG D 242 -28.66 3.37 29.14
N THR D 243 -28.87 4.59 29.62
CA THR D 243 -29.96 4.85 30.54
C THR D 243 -31.32 4.73 29.91
N GLU D 244 -31.40 4.80 28.58
CA GLU D 244 -32.65 4.60 27.86
C GLU D 244 -32.76 3.22 27.26
N PHE D 245 -31.73 2.39 27.39
CA PHE D 245 -31.83 1.02 26.91
C PHE D 245 -32.75 0.26 27.83
N LYS D 246 -34.04 0.34 27.58
CA LYS D 246 -35.01 -0.37 28.38
C LYS D 246 -34.90 -1.85 28.07
N TYR D 247 -34.56 -2.63 29.10
CA TYR D 247 -34.21 -4.04 28.93
C TYR D 247 -34.40 -4.70 30.28
N ASN D 248 -35.43 -5.55 30.38
CA ASN D 248 -35.72 -6.22 31.63
C ASN D 248 -34.61 -7.23 31.93
N ASP D 249 -33.97 -7.08 33.08
CA ASP D 249 -32.75 -7.81 33.35
C ASP D 249 -32.95 -9.29 33.54
N SER D 250 -34.18 -9.74 33.76
CA SER D 250 -34.41 -11.17 33.93
C SER D 250 -34.37 -11.94 32.62
N ASN D 251 -34.25 -11.25 31.49
CA ASN D 251 -34.21 -11.89 30.18
C ASN D 251 -32.88 -12.57 29.90
N CYS D 252 -31.88 -12.38 30.74
CA CYS D 252 -30.52 -12.77 30.41
C CYS D 252 -30.36 -14.26 30.65
N PRO D 253 -29.83 -15.01 29.72
CA PRO D 253 -29.72 -16.45 29.93
C PRO D 253 -28.66 -16.79 30.95
N ILE D 254 -28.90 -16.43 32.21
CA ILE D 254 -27.94 -16.63 33.26
C ILE D 254 -27.92 -18.06 33.77
N THR D 255 -28.92 -18.85 33.41
CA THR D 255 -28.91 -20.25 33.81
C THR D 255 -27.90 -21.02 32.97
N LYS D 256 -27.59 -22.24 33.42
CA LYS D 256 -26.52 -23.09 32.90
C LYS D 256 -25.16 -22.41 32.92
N CYS D 257 -24.95 -21.46 33.82
CA CYS D 257 -23.66 -20.81 33.99
C CYS D 257 -23.61 -20.27 35.40
N GLN D 258 -22.74 -20.83 36.23
CA GLN D 258 -22.70 -20.44 37.64
C GLN D 258 -22.05 -19.10 37.86
N TYR D 259 -21.45 -18.51 36.85
CA TYR D 259 -20.57 -17.37 37.03
C TYR D 259 -21.08 -16.10 36.37
N SER D 260 -22.18 -16.17 35.64
CA SER D 260 -22.76 -14.97 35.11
C SER D 260 -23.55 -14.25 36.19
N LYS D 261 -24.19 -13.16 35.80
CA LYS D 261 -25.00 -12.34 36.68
C LYS D 261 -26.18 -11.86 35.87
N PRO D 262 -27.26 -11.42 36.54
CA PRO D 262 -28.36 -10.79 35.78
C PRO D 262 -28.04 -9.40 35.26
N GLU D 263 -26.82 -8.90 35.40
CA GLU D 263 -26.49 -7.61 34.83
C GLU D 263 -25.73 -7.71 33.54
N ASN D 264 -25.16 -8.89 33.24
CA ASN D 264 -24.07 -8.97 32.29
C ASN D 264 -24.50 -8.62 30.88
N CYS D 265 -25.51 -9.29 30.34
CA CYS D 265 -25.91 -9.00 28.98
C CYS D 265 -26.63 -7.66 28.85
N ARG D 266 -27.04 -7.04 29.95
CA ARG D 266 -27.36 -5.64 29.84
C ARG D 266 -26.11 -4.81 29.75
N LEU D 267 -25.08 -5.18 30.52
CA LEU D 267 -23.90 -4.33 30.58
C LEU D 267 -23.08 -4.42 29.31
N SER D 268 -22.94 -5.60 28.74
CA SER D 268 -22.08 -5.82 27.60
C SER D 268 -22.74 -5.52 26.28
N MET D 269 -23.74 -4.66 26.30
CA MET D 269 -24.28 -4.07 25.09
C MET D 269 -23.52 -2.81 24.70
N GLY D 270 -22.52 -2.41 25.48
CA GLY D 270 -21.64 -1.31 25.11
C GLY D 270 -20.22 -1.81 25.13
N ILE D 271 -19.31 -0.96 24.66
CA ILE D 271 -17.94 -1.39 24.47
C ILE D 271 -17.22 -1.60 25.79
N ARG D 272 -17.69 -0.97 26.85
CA ARG D 272 -17.17 -1.14 28.19
C ARG D 272 -18.34 -0.97 29.13
N PRO D 273 -18.31 -1.58 30.33
CA PRO D 273 -19.54 -1.74 31.12
C PRO D 273 -20.22 -0.46 31.55
N ASN D 274 -19.52 0.65 31.53
CA ASN D 274 -20.13 1.96 31.71
C ASN D 274 -20.04 2.78 30.45
N SER D 275 -20.25 2.14 29.30
CA SER D 275 -20.34 2.85 28.03
C SER D 275 -21.51 3.81 28.07
N HIS D 276 -21.28 5.02 27.57
CA HIS D 276 -22.39 5.96 27.51
C HIS D 276 -23.39 5.54 26.46
N TYR D 277 -22.93 4.90 25.39
CA TYR D 277 -23.79 4.45 24.31
C TYR D 277 -23.81 2.94 24.26
N ILE D 278 -24.95 2.40 23.87
CA ILE D 278 -25.10 0.99 23.63
C ILE D 278 -25.24 0.75 22.14
N LEU D 279 -24.46 -0.19 21.66
CA LEU D 279 -24.38 -0.54 20.25
C LEU D 279 -25.42 -1.61 19.97
N ARG D 280 -26.49 -1.21 19.32
CA ARG D 280 -27.50 -2.15 18.85
C ARG D 280 -27.47 -2.14 17.34
N SER D 281 -27.47 -3.32 16.74
CA SER D 281 -27.26 -3.43 15.31
C SER D 281 -28.50 -2.99 14.53
N GLY D 282 -28.49 -3.27 13.27
CA GLY D 282 -29.68 -2.98 12.52
C GLY D 282 -29.39 -2.89 11.04
N LEU D 283 -30.14 -2.00 10.39
CA LEU D 283 -29.95 -1.66 8.99
C LEU D 283 -30.14 -0.16 8.87
N LEU D 284 -29.68 0.40 7.75
CA LEU D 284 -30.01 1.76 7.38
C LEU D 284 -30.78 1.70 6.07
N LYS D 285 -31.96 2.31 6.05
CA LYS D 285 -32.81 2.25 4.87
C LYS D 285 -32.49 3.40 3.95
N TYR D 286 -32.20 3.10 2.70
CA TYR D 286 -32.00 4.15 1.71
C TYR D 286 -32.84 3.78 0.51
N ASN D 287 -34.07 4.27 0.49
CA ASN D 287 -34.97 4.06 -0.63
C ASN D 287 -34.69 5.13 -1.65
N LEU D 288 -34.23 4.72 -2.84
CA LEU D 288 -33.73 5.66 -3.83
C LEU D 288 -34.81 6.58 -4.36
N SER D 289 -36.01 6.07 -4.50
CA SER D 289 -37.11 6.85 -5.02
C SER D 289 -37.88 7.56 -3.93
N ASP D 290 -37.24 7.92 -2.83
CA ASP D 290 -37.89 8.80 -1.86
C ASP D 290 -37.98 10.21 -2.41
N GLY D 291 -37.04 10.59 -3.25
CA GLY D 291 -37.11 11.87 -3.92
C GLY D 291 -35.72 12.42 -4.13
N GLU D 292 -35.66 13.73 -4.31
CA GLU D 292 -34.39 14.42 -4.24
C GLU D 292 -33.88 14.37 -2.80
N ASN D 293 -32.64 13.90 -2.63
CA ASN D 293 -31.99 13.62 -1.36
C ASN D 293 -32.82 12.71 -0.48
N PRO D 294 -32.85 11.40 -0.77
CA PRO D 294 -33.59 10.49 0.11
C PRO D 294 -32.93 10.37 1.46
N LYS D 295 -33.76 10.30 2.50
CA LYS D 295 -33.28 10.24 3.86
C LYS D 295 -32.85 8.82 4.20
N VAL D 296 -32.15 8.69 5.31
CA VAL D 296 -31.65 7.40 5.76
C VAL D 296 -32.38 7.04 7.04
N VAL D 297 -33.01 5.88 7.06
CA VAL D 297 -33.87 5.46 8.15
C VAL D 297 -33.17 4.32 8.86
N PHE D 298 -32.96 4.46 10.16
CA PHE D 298 -32.40 3.35 10.90
C PHE D 298 -33.49 2.38 11.29
N ILE D 299 -33.20 1.11 11.14
CA ILE D 299 -34.12 0.04 11.47
C ILE D 299 -33.47 -0.75 12.58
N GLU D 300 -33.99 -0.65 13.79
CA GLU D 300 -33.36 -1.39 14.88
C GLU D 300 -33.64 -2.88 14.77
N ILE D 301 -32.65 -3.66 15.11
CA ILE D 301 -32.80 -5.10 15.02
C ILE D 301 -33.63 -5.58 16.20
N SER D 302 -34.33 -6.70 16.01
CA SER D 302 -35.18 -7.26 17.04
C SER D 302 -34.38 -7.92 18.15
N ASP D 303 -34.96 -8.01 19.33
CA ASP D 303 -34.22 -8.38 20.52
C ASP D 303 -33.98 -9.86 20.69
N GLN D 304 -34.26 -10.68 19.68
CA GLN D 304 -34.00 -12.09 19.79
C GLN D 304 -32.50 -12.33 19.63
N ARG D 305 -31.89 -12.98 20.63
CA ARG D 305 -30.45 -13.19 20.72
C ARG D 305 -29.66 -11.89 20.60
N LEU D 306 -30.13 -10.87 21.29
CA LEU D 306 -29.52 -9.56 21.18
C LEU D 306 -28.16 -9.55 21.85
N SER D 307 -27.14 -9.11 21.11
CA SER D 307 -25.85 -8.77 21.68
C SER D 307 -25.45 -7.42 21.13
N ILE D 308 -24.19 -7.05 21.36
CA ILE D 308 -23.75 -5.70 21.07
C ILE D 308 -23.67 -5.50 19.56
N GLY D 309 -23.91 -4.26 19.11
CA GLY D 309 -23.85 -3.96 17.71
C GLY D 309 -22.47 -4.15 17.15
N SER D 310 -22.28 -5.22 16.43
CA SER D 310 -21.01 -5.64 15.89
C SER D 310 -21.13 -5.43 14.39
N PRO D 311 -20.09 -5.61 13.54
CA PRO D 311 -20.28 -5.28 12.14
C PRO D 311 -21.17 -6.31 11.50
N SER D 312 -22.10 -5.82 10.72
CA SER D 312 -23.21 -6.62 10.30
C SER D 312 -23.17 -6.79 8.79
N LYS D 313 -23.92 -7.74 8.28
CA LYS D 313 -23.88 -8.00 6.86
C LYS D 313 -25.21 -8.59 6.44
N ILE D 314 -26.03 -7.83 5.78
CA ILE D 314 -27.20 -8.40 5.15
C ILE D 314 -26.84 -8.69 3.71
N TYR D 315 -27.05 -9.91 3.29
CA TYR D 315 -26.64 -10.27 1.95
C TYR D 315 -27.72 -11.11 1.31
N ASP D 316 -27.94 -10.91 0.03
CA ASP D 316 -29.03 -11.61 -0.65
C ASP D 316 -28.50 -12.92 -1.16
N SER D 317 -28.98 -14.03 -0.61
CA SER D 317 -28.54 -15.34 -1.04
C SER D 317 -29.73 -16.26 -1.23
N LEU D 318 -29.87 -16.77 -2.45
CA LEU D 318 -30.93 -17.70 -2.85
C LEU D 318 -32.32 -17.16 -2.57
N GLY D 319 -32.52 -15.89 -2.87
CA GLY D 319 -33.84 -15.29 -2.91
C GLY D 319 -34.28 -14.55 -1.67
N GLN D 320 -33.73 -14.87 -0.52
CA GLN D 320 -34.19 -14.24 0.68
C GLN D 320 -32.95 -13.70 1.35
N PRO D 321 -33.00 -12.50 1.91
CA PRO D 321 -31.81 -11.92 2.55
C PRO D 321 -31.40 -12.70 3.77
N VAL D 322 -30.09 -12.81 3.96
CA VAL D 322 -29.51 -13.41 5.14
C VAL D 322 -28.74 -12.33 5.86
N PHE D 323 -28.96 -12.21 7.16
CA PHE D 323 -28.26 -11.21 7.97
C PHE D 323 -27.18 -11.91 8.76
N TYR D 324 -26.00 -11.33 8.78
CA TYR D 324 -24.92 -11.78 9.64
C TYR D 324 -24.63 -10.69 10.65
N GLN D 325 -24.37 -11.08 11.88
CA GLN D 325 -23.90 -10.14 12.87
C GLN D 325 -22.76 -10.80 13.61
N ALA D 326 -21.62 -10.12 13.70
CA ALA D 326 -20.47 -10.68 14.37
C ALA D 326 -20.72 -10.76 15.86
N SER D 327 -19.93 -11.55 16.55
CA SER D 327 -20.17 -11.71 17.97
C SER D 327 -19.10 -10.93 18.72
N PHE D 328 -19.39 -9.67 19.00
CA PHE D 328 -18.46 -8.83 19.74
C PHE D 328 -18.75 -8.80 21.23
N SER D 329 -19.40 -9.83 21.75
CA SER D 329 -19.61 -9.96 23.17
C SER D 329 -19.76 -11.43 23.47
N TRP D 330 -20.40 -11.72 24.60
CA TRP D 330 -20.43 -13.04 25.23
C TRP D 330 -21.06 -14.12 24.37
N ASP D 331 -21.94 -13.77 23.45
CA ASP D 331 -22.62 -14.80 22.66
C ASP D 331 -21.70 -15.18 21.51
N THR D 332 -20.65 -15.93 21.84
CA THR D 332 -19.56 -16.14 20.92
C THR D 332 -19.89 -17.13 19.83
N MET D 333 -21.02 -17.81 19.90
CA MET D 333 -21.47 -18.56 18.75
C MET D 333 -21.90 -17.60 17.65
N ILE D 334 -21.88 -18.10 16.41
CA ILE D 334 -22.07 -17.22 15.27
C ILE D 334 -23.53 -16.81 15.18
N LYS D 335 -23.76 -15.54 14.93
CA LYS D 335 -25.06 -14.95 15.12
C LYS D 335 -25.53 -14.50 13.75
N PHE D 336 -26.16 -15.41 13.01
CA PHE D 336 -26.59 -15.08 11.67
C PHE D 336 -27.73 -15.99 11.30
N GLY D 337 -28.61 -15.50 10.44
CA GLY D 337 -29.68 -16.33 9.94
C GLY D 337 -30.47 -15.57 8.92
N ASP D 338 -31.48 -16.22 8.37
CA ASP D 338 -32.28 -15.66 7.30
C ASP D 338 -33.17 -14.55 7.80
N VAL D 339 -33.32 -13.50 7.02
CA VAL D 339 -34.08 -12.33 7.46
C VAL D 339 -35.55 -12.64 7.27
N LEU D 340 -36.30 -12.69 8.36
CA LEU D 340 -37.73 -12.90 8.23
C LEU D 340 -38.40 -11.66 7.71
N THR D 341 -38.04 -10.53 8.26
CA THR D 341 -38.67 -9.28 7.92
C THR D 341 -37.58 -8.24 7.95
N VAL D 342 -37.60 -7.31 7.01
CA VAL D 342 -36.52 -6.36 6.90
C VAL D 342 -36.85 -5.05 7.60
N ASN D 343 -38.08 -4.57 7.53
CA ASN D 343 -38.49 -3.40 8.31
C ASN D 343 -39.84 -3.69 8.95
N PRO D 344 -39.87 -4.02 10.25
CA PRO D 344 -38.81 -4.12 11.25
C PRO D 344 -37.96 -5.37 11.13
N LEU D 345 -36.67 -5.25 11.41
CA LEU D 345 -35.71 -6.29 11.14
C LEU D 345 -35.88 -7.44 12.11
N VAL D 346 -36.23 -8.60 11.62
CA VAL D 346 -36.35 -9.79 12.45
C VAL D 346 -35.61 -10.91 11.75
N VAL D 347 -34.61 -11.46 12.41
CA VAL D 347 -33.75 -12.46 11.82
C VAL D 347 -34.01 -13.77 12.52
N ASN D 348 -34.21 -14.82 11.74
CA ASN D 348 -34.30 -16.15 12.32
C ASN D 348 -32.89 -16.63 12.57
N TRP D 349 -32.31 -16.29 13.72
CA TRP D 349 -30.91 -16.60 14.00
C TRP D 349 -30.74 -18.09 14.05
N ARG D 350 -29.73 -18.60 13.37
CA ARG D 350 -29.55 -20.04 13.29
C ARG D 350 -29.04 -20.53 14.63
N ASN D 351 -29.53 -21.67 15.06
CA ASN D 351 -29.08 -22.28 16.30
C ASN D 351 -27.76 -22.96 16.03
N ASN D 352 -26.68 -22.19 15.96
CA ASN D 352 -25.42 -22.68 15.45
C ASN D 352 -24.48 -22.95 16.60
N THR D 353 -24.05 -24.20 16.72
CA THR D 353 -23.29 -24.67 17.86
C THR D 353 -21.82 -24.80 17.57
N VAL D 354 -21.41 -24.76 16.31
CA VAL D 354 -20.09 -25.21 15.92
C VAL D 354 -19.19 -24.10 15.43
N ILE D 355 -19.71 -23.01 14.91
CA ILE D 355 -18.88 -21.96 14.38
C ILE D 355 -18.86 -20.84 15.39
N SER D 356 -17.67 -20.51 15.87
CA SER D 356 -17.54 -19.43 16.82
C SER D 356 -16.34 -18.59 16.44
N ARG D 357 -16.25 -17.40 17.03
CA ARG D 357 -15.08 -16.61 16.75
C ARG D 357 -14.15 -16.60 17.96
N PRO D 358 -12.84 -16.45 17.76
CA PRO D 358 -11.95 -16.30 18.91
C PRO D 358 -12.08 -14.91 19.52
N GLY D 359 -12.01 -14.86 20.84
CA GLY D 359 -11.94 -13.60 21.54
C GLY D 359 -10.86 -13.70 22.59
N GLN D 360 -10.51 -12.57 23.17
CA GLN D 360 -9.48 -12.63 24.20
C GLN D 360 -10.11 -13.07 25.52
N SER D 361 -9.33 -13.06 26.60
CA SER D 361 -9.45 -13.90 27.79
C SER D 361 -10.85 -14.00 28.39
N GLN D 362 -11.66 -12.95 28.32
CA GLN D 362 -12.92 -12.92 29.05
C GLN D 362 -13.98 -13.80 28.37
N CYS D 363 -14.20 -13.59 27.07
CA CYS D 363 -15.18 -14.35 26.31
C CYS D 363 -14.48 -15.05 25.17
N PRO D 364 -13.89 -16.19 25.42
CA PRO D 364 -13.19 -16.88 24.34
C PRO D 364 -14.12 -17.53 23.34
N ARG D 365 -13.57 -18.30 22.44
CA ARG D 365 -14.36 -19.05 21.49
C ARG D 365 -15.07 -20.20 22.20
N PHE D 366 -16.23 -20.59 21.67
CA PHE D 366 -17.11 -21.63 22.20
C PHE D 366 -17.64 -21.24 23.58
N ASN D 367 -17.87 -19.96 23.78
CA ASN D 367 -18.42 -19.46 25.02
C ASN D 367 -19.87 -19.05 24.78
N THR D 368 -20.77 -19.53 25.64
CA THR D 368 -22.15 -19.12 25.57
C THR D 368 -22.57 -18.26 26.75
N CYS D 369 -21.87 -18.31 27.86
CA CYS D 369 -22.27 -17.69 29.11
C CYS D 369 -22.21 -16.17 29.02
N PRO D 370 -23.17 -15.48 29.58
CA PRO D 370 -23.14 -14.02 29.55
C PRO D 370 -22.08 -13.43 30.44
N GLU D 371 -21.01 -12.97 29.83
CA GLU D 371 -19.94 -12.27 30.50
C GLU D 371 -19.89 -10.86 29.94
N ILE D 372 -19.16 -9.98 30.61
CA ILE D 372 -18.97 -8.65 30.07
C ILE D 372 -17.68 -8.64 29.27
N CYS D 373 -17.79 -8.39 27.97
CA CYS D 373 -16.63 -8.34 27.09
C CYS D 373 -17.00 -7.61 25.82
N TRP D 374 -16.02 -6.95 25.23
CA TRP D 374 -16.15 -6.43 23.88
C TRP D 374 -15.02 -7.04 23.08
N GLU D 375 -15.24 -8.26 22.65
CA GLU D 375 -14.19 -9.15 22.22
C GLU D 375 -14.65 -9.95 21.02
N GLY D 376 -13.74 -10.18 20.11
CA GLY D 376 -14.12 -10.98 18.97
C GLY D 376 -13.85 -10.26 17.68
N VAL D 377 -14.05 -10.97 16.57
CA VAL D 377 -13.63 -10.53 15.26
C VAL D 377 -14.79 -10.71 14.30
N TYR D 378 -14.77 -9.95 13.23
CA TYR D 378 -15.72 -10.14 12.13
C TYR D 378 -15.24 -11.32 11.32
N ASN D 379 -15.74 -12.50 11.61
CA ASN D 379 -15.54 -13.64 10.72
C ASN D 379 -16.86 -14.00 10.11
N ASP D 380 -16.95 -13.81 8.80
CA ASP D 380 -18.19 -13.74 8.07
C ASP D 380 -18.58 -15.12 7.58
N ALA D 381 -19.87 -15.30 7.34
CA ALA D 381 -20.36 -16.52 6.74
C ALA D 381 -21.36 -16.16 5.67
N PHE D 382 -21.33 -16.88 4.55
CA PHE D 382 -22.21 -16.59 3.43
C PHE D 382 -23.08 -17.82 3.21
N LEU D 383 -24.33 -17.60 2.86
CA LEU D 383 -25.26 -18.69 2.64
C LEU D 383 -25.09 -19.26 1.25
N ILE D 384 -24.83 -20.56 1.14
CA ILE D 384 -24.67 -21.20 -0.16
C ILE D 384 -25.67 -22.32 -0.40
N ASP D 385 -26.63 -22.54 0.50
CA ASP D 385 -27.67 -23.55 0.29
C ASP D 385 -28.83 -23.22 1.21
N ARG D 386 -30.04 -23.60 0.82
CA ARG D 386 -31.15 -23.48 1.76
C ARG D 386 -31.92 -24.76 1.97
N ILE D 387 -31.88 -25.69 1.03
CA ILE D 387 -32.54 -26.97 1.23
C ILE D 387 -31.88 -27.72 2.37
N ASN D 388 -30.56 -27.70 2.41
CA ASN D 388 -29.81 -28.28 3.50
C ASN D 388 -29.27 -27.23 4.46
N TRP D 389 -29.32 -25.96 4.06
CA TRP D 389 -28.88 -24.77 4.80
C TRP D 389 -27.40 -24.88 5.17
N ILE D 390 -26.59 -24.88 4.14
CA ILE D 390 -25.14 -24.94 4.24
C ILE D 390 -24.63 -23.52 4.16
N SER D 391 -23.55 -23.21 4.86
CA SER D 391 -22.92 -21.91 4.69
C SER D 391 -21.41 -22.03 4.63
N ALA D 392 -20.78 -20.90 4.31
CA ALA D 392 -19.36 -20.90 4.08
C ALA D 392 -18.79 -19.54 4.40
N GLY D 393 -17.58 -19.54 4.93
CA GLY D 393 -16.88 -18.33 5.28
C GLY D 393 -15.53 -18.69 5.84
N VAL D 394 -14.78 -17.67 6.25
CA VAL D 394 -13.45 -17.86 6.80
C VAL D 394 -13.47 -17.54 8.29
N PHE D 395 -13.02 -18.49 9.09
CA PHE D 395 -13.12 -18.41 10.54
C PHE D 395 -11.77 -18.75 11.14
N LEU D 396 -11.46 -18.10 12.25
CA LEU D 396 -10.13 -18.11 12.82
C LEU D 396 -10.06 -19.20 13.87
N ASP D 397 -9.53 -20.37 13.49
CA ASP D 397 -9.62 -21.56 14.32
C ASP D 397 -8.54 -21.55 15.40
N SER D 398 -8.87 -20.90 16.52
CA SER D 398 -8.08 -20.90 17.74
C SER D 398 -8.97 -20.37 18.84
N ASN D 399 -8.75 -20.78 20.09
CA ASN D 399 -9.63 -20.32 21.16
C ASN D 399 -9.47 -18.82 21.42
N GLN D 400 -8.26 -18.37 21.76
CA GLN D 400 -8.10 -16.99 22.16
C GLN D 400 -7.14 -16.16 21.33
N THR D 401 -6.63 -16.66 20.22
CA THR D 401 -5.68 -15.92 19.41
C THR D 401 -6.20 -15.69 18.01
N ALA D 402 -5.89 -14.52 17.46
CA ALA D 402 -6.48 -14.10 16.18
C ALA D 402 -5.61 -14.66 15.07
N GLU D 403 -5.69 -15.98 14.88
CA GLU D 403 -4.77 -16.65 13.99
C GLU D 403 -5.52 -17.75 13.27
N ASN D 404 -4.81 -18.44 12.38
CA ASN D 404 -5.26 -19.58 11.60
C ASN D 404 -6.55 -19.28 10.84
N PRO D 405 -6.55 -18.47 9.80
CA PRO D 405 -7.80 -18.29 9.04
C PRO D 405 -8.12 -19.55 8.27
N VAL D 406 -9.30 -20.08 8.50
CA VAL D 406 -9.74 -21.32 7.89
C VAL D 406 -11.03 -21.03 7.15
N PHE D 407 -11.00 -21.19 5.83
CA PHE D 407 -12.24 -21.22 5.06
C PHE D 407 -12.92 -22.54 5.33
N THR D 408 -14.13 -22.49 5.86
CA THR D 408 -14.82 -23.72 6.21
C THR D 408 -16.27 -23.64 5.78
N VAL D 409 -16.88 -24.81 5.68
CA VAL D 409 -18.22 -24.99 5.14
C VAL D 409 -19.02 -25.84 6.12
N PHE D 410 -20.14 -25.31 6.60
CA PHE D 410 -20.74 -25.78 7.83
C PHE D 410 -22.26 -25.76 7.77
N LYS D 411 -22.87 -26.69 8.48
CA LYS D 411 -24.28 -26.60 8.83
C LYS D 411 -24.41 -25.89 10.17
N ASP D 412 -25.61 -25.91 10.75
CA ASP D 412 -25.79 -25.33 12.06
C ASP D 412 -25.22 -26.22 13.16
N ASN D 413 -24.97 -27.48 12.87
CA ASN D 413 -24.55 -28.41 13.90
C ASN D 413 -23.36 -29.25 13.49
N GLU D 414 -22.67 -28.86 12.43
CA GLU D 414 -21.65 -29.72 11.83
C GLU D 414 -20.80 -28.89 10.88
N ILE D 415 -19.50 -29.11 10.92
CA ILE D 415 -18.57 -28.59 9.91
C ILE D 415 -18.30 -29.70 8.92
N LEU D 416 -18.49 -29.41 7.64
CA LEU D 416 -18.39 -30.43 6.61
C LEU D 416 -16.97 -30.59 6.11
N TYR D 417 -16.38 -29.51 5.62
CA TYR D 417 -15.02 -29.55 5.11
C TYR D 417 -14.41 -28.15 5.19
N ARG D 418 -13.12 -28.14 5.47
CA ARG D 418 -12.37 -26.93 5.71
C ARG D 418 -11.27 -26.78 4.67
N ALA D 419 -10.63 -25.62 4.72
CA ALA D 419 -9.35 -25.40 4.05
C ALA D 419 -8.66 -24.28 4.78
N GLN D 420 -7.55 -24.57 5.44
CA GLN D 420 -6.82 -23.51 6.09
C GLN D 420 -6.09 -22.68 5.05
N LEU D 421 -6.29 -21.37 5.11
CA LEU D 421 -5.80 -20.48 4.08
C LEU D 421 -4.33 -20.13 4.25
N ALA D 422 -3.76 -20.42 5.41
CA ALA D 422 -2.39 -20.05 5.67
C ALA D 422 -1.87 -20.98 6.75
N SER D 423 -0.73 -20.63 7.34
CA SER D 423 -0.20 -21.42 8.42
C SER D 423 -1.02 -21.21 9.68
N GLU D 424 -0.83 -22.12 10.64
CA GLU D 424 -1.65 -22.11 11.84
C GLU D 424 -1.38 -20.89 12.70
N ASP D 425 -0.15 -20.40 12.70
CA ASP D 425 0.21 -19.21 13.45
C ASP D 425 0.18 -17.94 12.62
N THR D 426 -0.59 -17.92 11.54
CA THR D 426 -0.70 -16.75 10.70
C THR D 426 -1.73 -15.81 11.32
N ASN D 427 -1.30 -14.66 11.80
CA ASN D 427 -2.23 -13.75 12.44
C ASN D 427 -3.15 -13.12 11.41
N ALA D 428 -4.44 -13.30 11.60
CA ALA D 428 -5.46 -12.82 10.69
C ALA D 428 -6.59 -12.24 11.51
N GLN D 429 -7.21 -11.17 11.02
CA GLN D 429 -8.16 -10.54 11.92
C GLN D 429 -9.58 -10.43 11.37
N LYS D 430 -9.80 -9.86 10.20
CA LYS D 430 -11.16 -9.61 9.71
C LYS D 430 -11.39 -10.23 8.34
N THR D 431 -12.24 -11.25 8.28
CA THR D 431 -12.51 -11.92 7.02
C THR D 431 -13.91 -11.60 6.52
N ILE D 432 -14.02 -11.35 5.22
CA ILE D 432 -15.27 -10.97 4.57
C ILE D 432 -15.56 -11.94 3.44
N THR D 433 -16.60 -12.73 3.58
CA THR D 433 -16.88 -13.75 2.58
C THR D 433 -18.06 -13.33 1.74
N ASN D 434 -17.91 -13.41 0.43
CA ASN D 434 -19.01 -13.27 -0.50
C ASN D 434 -18.94 -14.44 -1.46
N CYS D 435 -20.08 -14.99 -1.80
CA CYS D 435 -20.15 -16.07 -2.77
C CYS D 435 -21.08 -15.64 -3.89
N PHE D 436 -20.98 -16.33 -5.01
CA PHE D 436 -21.71 -15.96 -6.22
C PHE D 436 -21.69 -17.16 -7.14
N LEU D 437 -22.20 -16.94 -8.35
CA LEU D 437 -22.27 -17.98 -9.35
C LEU D 437 -21.42 -17.62 -10.57
N LEU D 438 -20.62 -18.58 -11.01
CA LEU D 438 -19.82 -18.47 -12.22
C LEU D 438 -20.06 -19.72 -13.03
N LYS D 439 -20.84 -19.58 -14.11
CA LYS D 439 -21.34 -20.69 -14.92
C LYS D 439 -22.07 -21.73 -14.08
N ASN D 440 -22.91 -21.23 -13.17
CA ASN D 440 -23.66 -22.04 -12.18
C ASN D 440 -22.73 -22.93 -11.36
N LYS D 441 -21.60 -22.39 -10.99
CA LYS D 441 -20.76 -22.98 -9.97
C LYS D 441 -20.67 -21.97 -8.85
N ILE D 442 -20.71 -22.44 -7.61
CA ILE D 442 -20.69 -21.54 -6.47
C ILE D 442 -19.23 -21.26 -6.13
N TRP D 443 -18.77 -20.09 -6.53
CA TRP D 443 -17.45 -19.62 -6.17
C TRP D 443 -17.59 -18.62 -5.04
N CYS D 444 -16.70 -18.71 -4.06
CA CYS D 444 -16.70 -17.82 -2.91
C CYS D 444 -15.38 -17.07 -2.87
N ILE D 445 -15.44 -15.76 -2.97
CA ILE D 445 -14.25 -14.93 -2.79
C ILE D 445 -14.20 -14.46 -1.35
N SER D 446 -13.14 -14.84 -0.65
CA SER D 446 -13.01 -14.60 0.78
C SER D 446 -11.83 -13.69 1.03
N LEU D 447 -12.10 -12.40 1.21
CA LEU D 447 -11.07 -11.50 1.68
C LEU D 447 -10.74 -11.85 3.12
N VAL D 448 -9.46 -11.74 3.47
CA VAL D 448 -8.95 -12.04 4.80
C VAL D 448 -7.86 -11.02 5.09
N GLU D 449 -8.01 -10.22 6.15
CA GLU D 449 -6.85 -9.48 6.64
C GLU D 449 -5.81 -10.47 7.11
N ILE D 450 -4.58 -10.32 6.68
CA ILE D 450 -3.49 -11.14 7.19
C ILE D 450 -2.36 -10.21 7.59
N TYR D 451 -1.82 -10.45 8.78
CA TYR D 451 -0.65 -9.77 9.30
C TYR D 451 0.60 -10.55 8.87
N ASP D 452 1.39 -9.95 7.99
CA ASP D 452 2.68 -10.52 7.62
C ASP D 452 3.66 -10.29 8.75
N THR D 453 4.21 -11.37 9.31
CA THR D 453 5.14 -11.24 10.42
C THR D 453 6.46 -10.64 9.97
N GLY D 454 6.81 -10.83 8.70
CA GLY D 454 8.07 -10.28 8.21
C GLY D 454 8.01 -8.78 8.04
N ASP D 455 7.04 -8.30 7.26
CA ASP D 455 6.99 -6.89 6.92
C ASP D 455 6.36 -6.03 8.01
N ASN D 456 5.81 -6.67 9.04
CA ASN D 456 5.12 -6.01 10.16
C ASN D 456 3.98 -5.13 9.67
N VAL D 457 3.24 -5.62 8.68
CA VAL D 457 2.08 -4.91 8.16
C VAL D 457 0.91 -5.87 8.00
N ILE D 458 -0.28 -5.29 7.96
CA ILE D 458 -1.53 -6.00 7.76
C ILE D 458 -1.94 -5.86 6.31
N ARG D 459 -2.32 -6.96 5.71
CA ARG D 459 -2.47 -6.96 4.27
C ARG D 459 -3.57 -7.91 3.85
N PRO D 460 -4.62 -7.44 3.19
CA PRO D 460 -5.72 -8.32 2.81
C PRO D 460 -5.31 -9.27 1.69
N LYS D 461 -5.61 -10.54 1.88
CA LYS D 461 -5.33 -11.57 0.90
C LYS D 461 -6.64 -12.22 0.49
N LEU D 462 -6.97 -12.15 -0.79
CA LEU D 462 -8.25 -12.64 -1.27
C LEU D 462 -8.12 -14.09 -1.66
N PHE D 463 -9.18 -14.86 -1.45
CA PHE D 463 -9.12 -16.28 -1.74
C PHE D 463 -10.39 -16.66 -2.49
N ALA D 464 -10.31 -16.66 -3.81
CA ALA D 464 -11.44 -17.12 -4.61
C ALA D 464 -11.51 -18.62 -4.49
N VAL D 465 -12.50 -19.13 -3.78
CA VAL D 465 -12.61 -20.56 -3.53
C VAL D 465 -13.86 -21.06 -4.25
N LYS D 466 -13.70 -22.15 -4.98
CA LYS D 466 -14.84 -22.83 -5.57
C LYS D 466 -15.39 -23.82 -4.57
N ILE D 467 -16.69 -23.75 -4.31
CA ILE D 467 -17.32 -24.74 -3.45
C ILE D 467 -17.42 -26.00 -4.27
N PRO D 468 -16.77 -27.06 -3.86
CA PRO D 468 -16.64 -28.24 -4.71
C PRO D 468 -17.95 -29.00 -4.80
N GLU D 469 -17.99 -29.93 -5.75
CA GLU D 469 -19.23 -30.59 -6.09
C GLU D 469 -19.28 -32.04 -5.70
N GLN D 470 -18.13 -32.66 -5.49
CA GLN D 470 -18.09 -34.04 -5.07
C GLN D 470 -16.92 -34.22 -4.11
N CYS D 471 -16.72 -35.46 -3.69
CA CYS D 471 -15.70 -35.74 -2.70
C CYS D 471 -14.91 -37.01 -3.02
#